data_8KD7
#
_entry.id   8KD7
#
_cell.length_a   1.00
_cell.length_b   1.00
_cell.length_c   1.00
_cell.angle_alpha   90.00
_cell.angle_beta   90.00
_cell.angle_gamma   90.00
#
_symmetry.space_group_name_H-M   'P 1'
#
loop_
_entity.id
_entity.type
_entity.pdbx_description
1 polymer 'Histone deacetylase RPD3'
2 polymer 'Transcriptional regulatory protein SIN3'
3 polymer 'Chromatin modification-related protein EAF3'
4 polymer 'Transcriptional regulatory protein RCO1'
5 polymer 'Histone H3'
6 polymer 'Histone H4'
7 polymer 'Histone H2A'
8 polymer 'Histone H2B 1.1'
9 polymer '167bp DNA'
10 polymer '167bp DNA'
#
loop_
_entity_poly.entity_id
_entity_poly.type
_entity_poly.pdbx_seq_one_letter_code
_entity_poly.pdbx_strand_id
1 'polypeptide(L)'
;MVYEATPFDPITVKPSDKRRVAYFYDADVGNYAYGAGHPMKPHRIRMAHSLIMNYGLYKKMEIYRAKPATKQEMCQFHTD
EYIDFLSRVTPDNLEMFKRESVKFNVGDDCPVFDGLYEYCSISGGGSMEGAARLNRGKCDVAVNYAGGLHHAKKSEASGF
CYLNDIVLGIIELLRYHPRVLYIDIDVHHGDGVEEAFYTTDRVMTCSFHKYGEFFPGTGELRDIGVGAGKNYAVNVPLRD
GIDDATYRSVFEPVIKKIMEWYQPSAVVLQCGGDSLSGDRLGCFNLSMEGHANCVNYVKSFGIPMMVVGGGGYTMRNVAR
TWCFETGLLNNVVLDKDLPYNEYYEYYGPDYKLSVRPSNMFNVNTPEYLDKVMTNIFANLENTKYAPSVQLNHTPRDAED
LGDVEEDSAEAKDTKGGSQYARDLHVEHDNEFY
;
A
2 'polypeptide(L)'
;MHHHHHHHHPQLAMWSHPQFEKGGGSGGGSGGGSWSHPQFEKENLYFQSDYRPLNVKDALSYLEQVKFQFSSRPDIYNLF
LDIMKDFKSQAIDTPGVIERVSTLFRGYPILIQGFNTFLPQGYRIECSSNPDDPIRVTTPMGTTTVNNNISPSGRGTTDA
QELGSFPESDGNGVQQPSNVPMVPSSVYQSEQNQDQQQSLPLLATSSGLPSIQQPEMPAHRQIPQSQSLVPQEDAKKNVD
VEFSQAISYVNKIKTRFADQPDIYKHFLEILQTYQREQKPINEVYAQVTHLFQNAPDLLEDFKKFLPDSSASANQQVQHA
QQHAQQQHEAQMHAQAQAQAQAQAQVEQQKQQQQFLYPASGYYGHPSNRGIPQQNLPPIGSFSPPTNGSTVHEAYQDQQH
MQPPHFMPLPSIVQHGPNMVHQGIANENPPLSDLRTSLTEQYAPSSIQHQQQHPQSISPIANTQYGDIPVRPEIDLDPSI
VPVVPEPTEPIENNISLNEEVTFFEKAKRYIGNKHLYTEFLKILNLYSQDILDLDDLVEKVDFYLGSNKELFTWFKNFVG
YQEKTKCIENIVHEKHRLDLDLCEAFGPSYKRLPKSDTFMPCSGRDDMCWEVLNDEWVGHPVWASEDSGFIAHRKNQYEE
TLFKIEEERHEYDFYIESNLRTIQCLETIVNKIENMTENEKANFKLPPGLGHTSMTIYKKVIRKVYDKERGFEIIDALHE
HPAVTAPVVLKRLKQKDEEWRRAQREWNKVWRELEQKVFFKSLDHLGLTFKQADKKLLTTKQLISEISSIKVDQTNKKIH
WLTPKPKSQLDFDFPDKNIFYDILCLADTFITHTTAYSNPDKERLKDLLKYFISLFFSISFEKIEESLYSHKQNVSESSG
SDDGSSIASRKRPYQQEMSLLDILHRSRYQKLKRSNDEDGKVPQLSEPPEEEPNTIEEEELIDEEAKNPWLTGNLVEEAN
SQGIIQNRSIFNLFANTNIYIFFRHWTTIYERLLEIKQMNERVTKEINTRSTVTFAKDLDLLSSQLSEMGLDFVGEDAYK
QVLRLSRRLINGDLEHQWFEESLRQAYNNKAFKLYTIDKVTQSLVKHAHTLMTDAKTAEIMALFVKDRNASTTSAKDQII
YRLQVRSHMSNTENMFRIEFDKRTLHVSIQYIALDDLTLKEPKADEDKWKYYVTSYALPHPTEGIPHEKLKIPFLERLIE
FGQDIDGTEVDEEFSPEGISVSTLKIKIQPITYQLHIENGSYDVFTRKATNKYPTIANDNTQKGMVSQKKELISKFLDCA
VGLRNNLDEAQKLSMQKKWENLKDSIAKTSAGNQGIESETEKGKITKQEQSDNLDSSTASVLPASITTVPQDDNIETTGN
TESSDKGAKIQ
;
B
3 'polypeptide(L)'
;MVDLEQEFALGGRCLAFHGPLMYEAKILKIWDPSSKMYTSIPNDKPGGSSQATKEIKPQKLGEDESIPEEIINGKCFFIH
YQGWKSSWDEWVGYDRIRAYNEENIAMKKRLANEAKEAKKSLLEQQKKKKLSTSLGGPSNGGKRKGDSRSNASISKSTSQ
SFLTSSVSGRKSGRSSANSLHPGSSLRSSSDQNGNDDRRRSSSLSPNMLHHIAGYPTPKISLQIPIKLKSVLVDDWEYVT
KDKKICRLPADVTVEMVLNKYEHEVSQELESPGSQSQLSEYCAGLKLYFDKCLGNMLLYRLERLQYDELLKKSSKDQKPL
VPIRIYGAIHLLRLISVLPELISSTTMDLQSCQLLIKQTEDFLVWLLMHVDEYFNDKDPNRSDDALYVNTSSQYEGVALG
M
;
D,F
4 'polypeptide(L)'
;MDTSKKDTTRSPSHSNSSSPSSSSLSSSSSKEKKRPKRLSSQNVNYDLKRRKIITSEGIERSFKNEHSNLAVEDNIPEEE
PKELLEKDSKGNIIKLNEPSTISEDSKVSVTGLPLNKGPSEKIKRESLWNYRKNLGGQSNNSEMTLVPSKRFTQVPKNFQ
DLNRNDLKTFLTENMTEESNIRSTIGWNGDIINRTRDREPESDRDNKKLSNIRTKIILSTNATYDSKSKLFGQNSIKSTS
NASEKIFRDKNNSTIDFENEDFCSACNQSGSFLCCDTCPKSFHFLCLDPPIDPNNLPKGDWHCNECKFKIFINNSMATLK
KIESNFIKQNNNVKIFAKLLFNIDSHNPKQFQLPNYIKETFPAVKTGSRGQYSDENDKIPLTDRQLFNTSYGQSITKLDS
YNPDTHIDSNSGKFLICYKCNQTRLGSWSHPENSRLIMTCDYCQTPWHLDCVPRASFKNLGSKWKCPLHSPTKVYKKIHH
CQEDNSVNYKVWKKQRLINKKNQLYYEPLQKIGYQNNGNIQIIPTTSHTDYDFNQDFKITQIDENSIKYDFFDKIYKSKM
VQKRKLFQFQESLIDKLVSNGSQNGNSEDNMVKDIASLIYFQVSNNDKSSNNKSASKSNNLRKLWDLKELTNVVVPNELD
SIQFNDFSSDEIKHLLYLKKIIESKPKEELLKFLNIENPENQSEMHHHHHHHHPQLAMWSHPQFEKGGGSGGGSGGGSWS
HPQFEKENLYFQS
;
E,G
5 'polypeptide(L)'
;ARTKQTARKSTGGKAPRKQLATKAARKSAPATGGV(M3L)KPHRYRPGTVALREIRRYQKSTELLIRKLPFQRLVREIAQ
DFKTDLRFQSSAVMALQEASEAYLVALFEDTNLAAIHAKRVTIMPKDIQLARRIRGERA
;
O,S
6 'polypeptide(L)'
;SGRGKGGKGLGKGGAKRHRKVLRDNIQGITKPAIRRLARRGGVKRISGLIYEETRGVLKVFLENVIRDAVTYTEHAKRKT
VTAMDVVYALKRQGRTLYGFGG
;
P,T
7 'polypeptide(L)'
;SGRGKQGGKTRAKAKTRSSRAGLQFPVGRVHRLLRKGNYAERVGAGAPVYLAAVLEYLTAEILELAGNAARDNKKTRIIP
RHLQLAVRNDEELNKLLGRVTIAQGGVLPNIQSVLLPKKTESSKSAKSK
;
Q,U
8 'polypeptide(L)'
;AKSAPAPKKGSKKAVTKTQKKDGKKRRKTRKESYAIYVYKVLKQVHPDTGISSKAMSIMNSFVNDVFERIAGEASRLAHY
NKRSTITSREIQTAVRLLLPGELAKHAVSEGTKAVTKYTSAK
;
R,V
9 'polydeoxyribonucleotide'
;(DG)(DC)(DG)(DG)(DT)(DG)(DG)(DC)(DG)(DG)(DC)(DC)(DG)(DC)(DT)(DC)(DT)(DA)(DG)(DA)
(DA)(DC)(DA)(DG)(DG)(DA)(DT)(DG)(DT)(DA)(DT)(DA)(DT)(DA)(DT)(DC)(DT)(DG)(DA)(DC)
(DA)(DC)(DG)(DT)(DG)(DC)(DC)(DT)(DG)(DG)(DA)(DG)(DA)(DC)(DT)(DA)(DG)(DG)(DG)(DA)
(DG)(DT)(DA)(DA)(DT)(DC)(DC)(DC)(DC)(DT)(DT)(DG)(DG)(DC)(DG)(DG)(DT)(DT)(DA)(DA)
(DA)(DA)(DC)(DG)(DC)(DG)(DG)(DG)(DG)(DG)(DA)(DC)(DA)(DG)(DC)(DG)(DC)(DG)(DT)(DA)
(DC)(DG)(DT)(DG)(DC)(DG)(DT)(DT)(DT)(DA)(DA)(DG)(DC)(DG)(DG)(DT)(DG)(DC)(DT)(DA)
(DG)(DA)(DG)(DC)(DT)(DG)(DT)(DC)(DT)(DA)(DC)(DG)(DA)(DC)(DC)(DA)(DA)(DT)(DT)(DG)
(DA)(DG)(DC)(DG)(DG)(DC)(DC)(DT)(DC)(DG)(DG)(DC)(DA)(DC)(DC)(DG)(DG)(DG)(DA)(DT)
(DT)(DC)(DT)(DC)(DC)(DA)(DG)
;
X
10 'polydeoxyribonucleotide'
;(DC)(DT)(DG)(DG)(DA)(DG)(DA)(DA)(DT)(DC)(DC)(DC)(DG)(DG)(DT)(DG)(DC)(DC)(DG)(DA)
(DG)(DG)(DC)(DC)(DG)(DC)(DT)(DC)(DA)(DA)(DT)(DT)(DG)(DG)(DT)(DC)(DG)(DT)(DA)(DG)
(DA)(DC)(DA)(DG)(DC)(DT)(DC)(DT)(DA)(DG)(DC)(DA)(DC)(DC)(DG)(DC)(DT)(DT)(DA)(DA)
(DA)(DC)(DG)(DC)(DA)(DC)(DG)(DT)(DA)(DC)(DG)(DC)(DG)(DC)(DT)(DG)(DT)(DC)(DC)(DC)
(DC)(DC)(DG)(DC)(DG)(DT)(DT)(DT)(DT)(DA)(DA)(DC)(DC)(DG)(DC)(DC)(DA)(DA)(DG)(DG)
(DG)(DG)(DA)(DT)(DT)(DA)(DC)(DT)(DC)(DC)(DC)(DT)(DA)(DG)(DT)(DC)(DT)(DC)(DC)(DA)
(DG)(DG)(DC)(DA)(DC)(DG)(DT)(DG)(DT)(DC)(DA)(DG)(DA)(DT)(DA)(DT)(DA)(DT)(DA)(DC)
(DA)(DT)(DC)(DC)(DT)(DG)(DT)(DT)(DC)(DT)(DA)(DG)(DA)(DG)(DC)(DG)(DG)(DC)(DC)(DG)
(DC)(DC)(DA)(DC)(DC)(DG)(DC)
;
Y
#
# COMPACT_ATOMS: atom_id res chain seq x y z
N ARG A 19 -33.48 -18.97 -43.04
CA ARG A 19 -34.40 -18.49 -42.01
C ARG A 19 -34.58 -16.98 -42.12
N ARG A 20 -35.61 -16.46 -41.46
CA ARG A 20 -35.95 -15.05 -41.52
C ARG A 20 -35.32 -14.32 -40.34
N VAL A 21 -34.61 -13.23 -40.65
CA VAL A 21 -33.92 -12.42 -39.65
C VAL A 21 -34.30 -10.96 -39.89
N ALA A 22 -34.28 -10.16 -38.82
CA ALA A 22 -34.68 -8.77 -38.87
C ALA A 22 -33.69 -7.91 -38.09
N TYR A 23 -33.44 -6.70 -38.60
CA TYR A 23 -32.53 -5.75 -37.97
C TYR A 23 -33.30 -4.51 -37.52
N PHE A 24 -32.96 -4.01 -36.34
CA PHE A 24 -33.56 -2.80 -35.79
C PHE A 24 -32.49 -1.71 -35.70
N TYR A 25 -32.80 -0.55 -36.27
CA TYR A 25 -31.82 0.52 -36.40
C TYR A 25 -32.54 1.86 -36.44
N ASP A 26 -31.98 2.85 -35.75
CA ASP A 26 -32.51 4.20 -35.74
C ASP A 26 -31.50 5.13 -36.41
N ALA A 27 -32.01 6.21 -37.01
CA ALA A 27 -31.14 7.17 -37.68
C ALA A 27 -30.24 7.89 -36.67
N ASP A 28 -30.84 8.43 -35.61
CA ASP A 28 -30.08 9.07 -34.53
C ASP A 28 -29.87 8.10 -33.37
N VAL A 29 -29.19 7.00 -33.66
CA VAL A 29 -28.78 6.05 -32.63
C VAL A 29 -27.27 6.08 -32.40
N GLY A 30 -26.48 6.55 -33.36
CA GLY A 30 -25.07 6.81 -33.16
C GLY A 30 -24.74 8.27 -33.06
N ASN A 31 -25.74 9.16 -32.97
CA ASN A 31 -25.55 10.60 -32.90
C ASN A 31 -25.35 11.11 -31.48
N TYR A 32 -24.92 10.25 -30.56
CA TYR A 32 -24.71 10.60 -29.17
C TYR A 32 -23.22 10.72 -28.88
N ALA A 33 -22.91 11.18 -27.67
CA ALA A 33 -21.53 11.30 -27.20
C ALA A 33 -21.49 10.79 -25.77
N TYR A 34 -20.90 9.62 -25.56
CA TYR A 34 -20.90 8.99 -24.24
C TYR A 34 -19.97 9.72 -23.27
N GLY A 35 -19.00 10.45 -23.77
CA GLY A 35 -18.01 11.13 -22.97
C GLY A 35 -16.74 11.32 -23.78
N ALA A 36 -15.96 12.32 -23.40
CA ALA A 36 -14.73 12.65 -24.11
C ALA A 36 -13.60 11.76 -23.62
N GLY A 37 -13.18 10.82 -24.48
CA GLY A 37 -12.09 9.93 -24.16
C GLY A 37 -12.45 8.73 -23.31
N HIS A 38 -13.72 8.58 -22.94
CA HIS A 38 -14.12 7.45 -22.11
C HIS A 38 -14.18 6.21 -22.99
N PRO A 39 -13.90 5.02 -22.44
CA PRO A 39 -13.68 3.83 -23.29
C PRO A 39 -14.88 3.41 -24.14
N MET A 40 -16.04 3.18 -23.54
CA MET A 40 -17.19 2.71 -24.31
C MET A 40 -17.84 3.88 -25.04
N LYS A 41 -18.17 3.67 -26.32
CA LYS A 41 -18.61 4.72 -27.23
C LYS A 41 -19.93 4.33 -27.89
N PRO A 42 -20.74 5.31 -28.30
CA PRO A 42 -21.91 5.02 -29.13
C PRO A 42 -21.63 4.98 -30.61
N HIS A 43 -20.36 5.09 -31.01
CA HIS A 43 -19.99 5.07 -32.43
C HIS A 43 -20.13 3.69 -33.05
N ARG A 44 -20.18 2.64 -32.22
CA ARG A 44 -20.13 1.27 -32.71
C ARG A 44 -21.35 0.87 -33.51
N ILE A 45 -22.54 1.30 -33.11
CA ILE A 45 -23.78 0.80 -33.70
C ILE A 45 -24.00 1.35 -35.11
N ARG A 46 -23.98 2.68 -35.25
CA ARG A 46 -24.37 3.32 -36.50
C ARG A 46 -23.45 2.93 -37.64
N MET A 47 -22.13 2.98 -37.42
CA MET A 47 -21.18 2.54 -38.42
C MET A 47 -21.32 1.06 -38.74
N ALA A 48 -21.81 0.25 -37.79
CA ALA A 48 -22.12 -1.14 -38.08
C ALA A 48 -23.21 -1.25 -39.12
N HIS A 49 -24.20 -0.36 -39.06
CA HIS A 49 -25.22 -0.32 -40.10
C HIS A 49 -24.62 0.07 -41.44
N SER A 50 -23.53 0.86 -41.42
CA SER A 50 -22.82 1.18 -42.65
C SER A 50 -22.14 -0.04 -43.26
N LEU A 51 -21.90 -1.08 -42.47
CA LEU A 51 -21.42 -2.35 -43.00
C LEU A 51 -22.56 -3.31 -43.35
N ILE A 52 -23.81 -2.88 -43.22
CA ILE A 52 -24.95 -3.73 -43.57
C ILE A 52 -25.42 -3.47 -44.99
N MET A 53 -25.80 -2.23 -45.29
CA MET A 53 -26.33 -1.92 -46.61
C MET A 53 -25.24 -1.85 -47.68
N ASN A 54 -24.02 -1.49 -47.31
CA ASN A 54 -22.96 -1.30 -48.31
C ASN A 54 -22.53 -2.62 -48.94
N TYR A 55 -22.50 -3.71 -48.17
CA TYR A 55 -22.18 -5.00 -48.74
C TYR A 55 -23.28 -5.50 -49.67
N GLY A 56 -24.55 -5.25 -49.31
CA GLY A 56 -25.67 -5.78 -50.05
C GLY A 56 -26.45 -6.77 -49.22
N LEU A 57 -26.38 -6.62 -47.90
CA LEU A 57 -27.04 -7.53 -46.97
C LEU A 57 -28.50 -7.18 -46.73
N TYR A 58 -29.03 -6.13 -47.37
CA TYR A 58 -30.39 -5.68 -47.11
C TYR A 58 -31.45 -6.54 -47.80
N LYS A 59 -31.03 -7.55 -48.59
CA LYS A 59 -31.98 -8.43 -49.26
C LYS A 59 -32.80 -9.25 -48.28
N LYS A 60 -32.25 -9.55 -47.10
CA LYS A 60 -32.97 -10.23 -46.05
C LYS A 60 -33.13 -9.39 -44.78
N MET A 61 -32.83 -8.10 -44.86
CA MET A 61 -32.88 -7.21 -43.69
C MET A 61 -34.27 -6.60 -43.61
N GLU A 62 -35.02 -6.94 -42.56
CA GLU A 62 -36.28 -6.27 -42.27
C GLU A 62 -36.00 -5.14 -41.30
N ILE A 63 -35.86 -3.93 -41.83
CA ILE A 63 -35.44 -2.78 -41.03
C ILE A 63 -36.65 -2.18 -40.33
N TYR A 64 -36.57 -2.06 -39.01
CA TYR A 64 -37.58 -1.37 -38.21
C TYR A 64 -36.90 -0.31 -37.36
N ARG A 65 -37.44 0.91 -37.39
CA ARG A 65 -36.86 2.00 -36.63
C ARG A 65 -37.13 1.83 -35.15
N ALA A 66 -36.19 2.29 -34.33
CA ALA A 66 -36.35 2.21 -32.88
C ALA A 66 -37.44 3.16 -32.42
N LYS A 67 -38.32 2.67 -31.55
CA LYS A 67 -39.48 3.44 -31.11
C LYS A 67 -39.09 4.38 -29.97
N PRO A 68 -39.51 5.65 -30.01
CA PRO A 68 -39.23 6.56 -28.89
C PRO A 68 -40.12 6.28 -27.69
N ALA A 69 -39.68 5.35 -26.84
CA ALA A 69 -40.46 4.91 -25.69
C ALA A 69 -40.67 6.06 -24.69
N THR A 70 -41.82 6.02 -24.02
CA THR A 70 -42.23 7.09 -23.12
C THR A 70 -41.73 6.79 -21.70
N LYS A 71 -42.26 7.52 -20.72
CA LYS A 71 -41.78 7.40 -19.34
C LYS A 71 -42.17 6.06 -18.73
N GLN A 72 -43.47 5.77 -18.64
CA GLN A 72 -43.96 4.59 -17.94
C GLN A 72 -44.09 3.37 -18.85
N GLU A 73 -43.84 3.51 -20.15
CA GLU A 73 -44.00 2.38 -21.07
C GLU A 73 -42.97 1.29 -20.81
N MET A 74 -41.72 1.67 -20.57
CA MET A 74 -40.63 0.73 -20.36
C MET A 74 -40.41 0.40 -18.89
N CYS A 75 -41.10 1.08 -17.98
CA CYS A 75 -40.75 1.13 -16.56
C CYS A 75 -41.11 -0.14 -15.80
N GLN A 76 -41.36 -1.27 -16.45
CA GLN A 76 -41.71 -2.50 -15.75
C GLN A 76 -40.52 -3.13 -15.02
N PHE A 77 -39.30 -2.68 -15.26
CA PHE A 77 -38.13 -3.21 -14.56
C PHE A 77 -37.47 -2.20 -13.65
N HIS A 78 -37.07 -1.04 -14.16
CA HIS A 78 -36.41 -0.04 -13.34
C HIS A 78 -37.45 0.81 -12.61
N THR A 79 -36.99 1.49 -11.56
CA THR A 79 -37.87 2.24 -10.68
C THR A 79 -38.32 3.54 -11.36
N ASP A 80 -39.32 4.18 -10.73
CA ASP A 80 -39.85 5.43 -11.27
C ASP A 80 -38.86 6.57 -11.12
N GLU A 81 -38.20 6.66 -9.96
CA GLU A 81 -37.29 7.78 -9.70
C GLU A 81 -36.05 7.72 -10.57
N TYR A 82 -35.64 6.52 -10.98
CA TYR A 82 -34.49 6.37 -11.88
C TYR A 82 -34.78 7.00 -13.25
N ILE A 83 -35.91 6.64 -13.86
CA ILE A 83 -36.32 7.23 -15.13
C ILE A 83 -36.57 8.73 -14.95
N ASP A 84 -37.19 9.13 -13.84
CA ASP A 84 -37.43 10.54 -13.58
C ASP A 84 -36.13 11.32 -13.43
N PHE A 85 -35.05 10.67 -13.00
CA PHE A 85 -33.76 11.32 -12.98
C PHE A 85 -33.19 11.44 -14.40
N LEU A 86 -33.08 10.31 -15.11
CA LEU A 86 -32.45 10.34 -16.43
C LEU A 86 -33.26 11.09 -17.49
N SER A 87 -34.55 11.31 -17.26
CA SER A 87 -35.35 12.08 -18.22
C SER A 87 -35.32 13.58 -17.93
N ARG A 88 -34.68 14.01 -16.85
CA ARG A 88 -34.65 15.41 -16.46
C ARG A 88 -33.25 15.84 -16.03
N VAL A 89 -32.21 15.24 -16.60
CA VAL A 89 -30.84 15.59 -16.27
C VAL A 89 -30.12 16.07 -17.54
N THR A 90 -29.45 17.20 -17.45
CA THR A 90 -28.60 17.76 -18.48
C THR A 90 -27.27 18.14 -17.83
N PRO A 91 -26.19 18.23 -18.61
CA PRO A 91 -24.94 18.77 -18.07
C PRO A 91 -25.04 20.22 -17.62
N ASP A 92 -26.03 20.97 -18.13
CA ASP A 92 -26.20 22.37 -17.73
C ASP A 92 -26.64 22.49 -16.27
N ASN A 93 -27.53 21.61 -15.82
CA ASN A 93 -28.09 21.68 -14.48
C ASN A 93 -27.69 20.48 -13.64
N LEU A 94 -26.41 20.08 -13.73
CA LEU A 94 -25.91 18.97 -12.93
C LEU A 94 -25.71 19.34 -11.46
N GLU A 95 -25.67 20.64 -11.15
CA GLU A 95 -25.42 21.07 -9.76
C GLU A 95 -26.63 20.81 -8.89
N MET A 96 -27.84 21.08 -9.39
CA MET A 96 -29.05 20.87 -8.61
C MET A 96 -29.52 19.42 -8.61
N PHE A 97 -28.90 18.55 -9.41
CA PHE A 97 -29.20 17.13 -9.43
C PHE A 97 -28.01 16.31 -8.97
N LYS A 98 -27.16 16.90 -8.12
CA LYS A 98 -25.95 16.22 -7.67
C LYS A 98 -26.25 15.15 -6.62
N ARG A 99 -27.42 15.18 -5.98
CA ARG A 99 -27.77 14.15 -5.02
C ARG A 99 -28.04 12.83 -5.72
N GLU A 100 -28.82 12.85 -6.79
CA GLU A 100 -29.15 11.64 -7.53
C GLU A 100 -28.02 11.18 -8.46
N SER A 101 -27.02 12.02 -8.69
CA SER A 101 -25.91 11.62 -9.55
C SER A 101 -24.97 10.65 -8.85
N VAL A 102 -24.86 10.75 -7.52
CA VAL A 102 -23.92 9.91 -6.77
C VAL A 102 -24.58 8.68 -6.15
N LYS A 103 -25.91 8.58 -6.18
CA LYS A 103 -26.59 7.40 -5.66
C LYS A 103 -27.15 6.50 -6.74
N PHE A 104 -27.23 6.98 -7.98
CA PHE A 104 -27.68 6.19 -9.12
C PHE A 104 -26.52 5.67 -9.96
N ASN A 105 -25.29 5.79 -9.43
CA ASN A 105 -24.05 5.39 -10.13
C ASN A 105 -23.88 6.12 -11.46
N VAL A 106 -24.26 7.40 -11.48
CA VAL A 106 -24.06 8.27 -12.62
C VAL A 106 -23.02 9.36 -12.29
N GLY A 107 -22.07 9.04 -11.41
CA GLY A 107 -21.05 9.99 -11.01
C GLY A 107 -19.84 9.97 -11.92
N ASP A 108 -18.66 9.69 -11.36
CA ASP A 108 -17.46 9.59 -12.18
C ASP A 108 -17.41 8.31 -12.99
N ASP A 109 -18.17 7.28 -12.59
CA ASP A 109 -18.21 6.04 -13.34
C ASP A 109 -18.94 6.25 -14.65
N CYS A 110 -20.09 6.91 -14.60
CA CYS A 110 -20.91 7.19 -15.79
C CYS A 110 -21.02 8.69 -16.00
N PRO A 111 -20.36 9.24 -17.01
CA PRO A 111 -20.47 10.69 -17.26
C PRO A 111 -21.87 11.10 -17.70
N VAL A 112 -22.24 12.33 -17.35
CA VAL A 112 -23.56 12.86 -17.63
C VAL A 112 -23.50 13.65 -18.94
N PHE A 113 -24.34 13.26 -19.91
CA PHE A 113 -24.42 13.95 -21.18
C PHE A 113 -25.88 14.08 -21.58
N ASP A 114 -26.17 15.09 -22.40
CA ASP A 114 -27.51 15.23 -22.95
C ASP A 114 -27.79 14.12 -23.95
N GLY A 115 -29.03 13.63 -23.95
CA GLY A 115 -29.41 12.51 -24.79
C GLY A 115 -29.43 11.16 -24.10
N LEU A 116 -29.34 11.14 -22.76
CA LEU A 116 -29.38 9.87 -22.03
C LEU A 116 -30.76 9.23 -22.13
N TYR A 117 -31.82 10.01 -21.87
CA TYR A 117 -33.17 9.46 -21.84
C TYR A 117 -33.61 8.97 -23.21
N GLU A 118 -33.27 9.71 -24.27
CA GLU A 118 -33.74 9.35 -25.60
C GLU A 118 -33.00 8.12 -26.12
N TYR A 119 -31.69 8.04 -25.89
CA TYR A 119 -30.93 6.85 -26.27
C TYR A 119 -31.41 5.62 -25.51
N CYS A 120 -31.65 5.78 -24.20
CA CYS A 120 -32.18 4.67 -23.40
C CYS A 120 -33.56 4.24 -23.87
N SER A 121 -34.41 5.22 -24.23
CA SER A 121 -35.75 4.91 -24.69
C SER A 121 -35.74 4.18 -26.03
N ILE A 122 -34.91 4.63 -26.98
CA ILE A 122 -34.90 3.97 -28.29
C ILE A 122 -34.24 2.59 -28.18
N SER A 123 -33.26 2.43 -27.27
CA SER A 123 -32.66 1.11 -27.08
C SER A 123 -33.65 0.14 -26.44
N GLY A 124 -34.41 0.61 -25.44
CA GLY A 124 -35.44 -0.23 -24.85
C GLY A 124 -36.56 -0.55 -25.82
N GLY A 125 -36.92 0.41 -26.67
CA GLY A 125 -37.93 0.16 -27.69
C GLY A 125 -37.47 -0.87 -28.71
N GLY A 126 -36.20 -0.81 -29.12
CA GLY A 126 -35.67 -1.82 -30.02
C GLY A 126 -35.61 -3.19 -29.38
N SER A 127 -35.23 -3.25 -28.09
CA SER A 127 -35.19 -4.53 -27.39
C SER A 127 -36.59 -5.14 -27.25
N MET A 128 -37.58 -4.31 -26.88
CA MET A 128 -38.95 -4.79 -26.78
C MET A 128 -39.50 -5.21 -28.14
N GLU A 129 -39.13 -4.48 -29.20
CA GLU A 129 -39.56 -4.84 -30.55
C GLU A 129 -38.98 -6.19 -30.98
N GLY A 130 -37.70 -6.40 -30.70
CA GLY A 130 -37.10 -7.69 -31.03
C GLY A 130 -37.70 -8.84 -30.23
N ALA A 131 -37.96 -8.61 -28.94
CA ALA A 131 -38.58 -9.64 -28.12
C ALA A 131 -40.00 -9.95 -28.58
N ALA A 132 -40.77 -8.93 -28.96
CA ALA A 132 -42.13 -9.15 -29.45
C ALA A 132 -42.13 -9.83 -30.81
N ARG A 133 -41.19 -9.48 -31.69
CA ARG A 133 -41.11 -10.14 -32.98
C ARG A 133 -40.69 -11.60 -32.85
N LEU A 134 -39.87 -11.91 -31.84
CA LEU A 134 -39.63 -13.32 -31.52
C LEU A 134 -40.88 -13.96 -30.94
N ASN A 135 -41.67 -13.20 -30.17
CA ASN A 135 -42.86 -13.75 -29.53
C ASN A 135 -43.93 -14.14 -30.54
N ARG A 136 -44.15 -13.31 -31.56
CA ARG A 136 -45.12 -13.70 -32.59
C ARG A 136 -44.61 -14.86 -33.43
N GLY A 137 -43.31 -14.95 -33.67
CA GLY A 137 -42.75 -15.96 -34.53
C GLY A 137 -42.73 -15.61 -36.00
N LYS A 138 -43.05 -14.36 -36.36
CA LYS A 138 -42.94 -13.93 -37.75
C LYS A 138 -41.49 -13.92 -38.22
N CYS A 139 -40.58 -13.48 -37.35
CA CYS A 139 -39.16 -13.49 -37.63
C CYS A 139 -38.48 -14.54 -36.77
N ASP A 140 -37.67 -15.39 -37.38
CA ASP A 140 -37.01 -16.46 -36.65
C ASP A 140 -35.94 -15.92 -35.70
N VAL A 141 -35.11 -15.00 -36.18
CA VAL A 141 -34.04 -14.41 -35.40
C VAL A 141 -34.22 -12.91 -35.37
N ALA A 142 -34.19 -12.32 -34.18
CA ALA A 142 -34.32 -10.87 -33.99
C ALA A 142 -32.99 -10.35 -33.45
N VAL A 143 -32.17 -9.81 -34.35
CA VAL A 143 -30.87 -9.26 -33.99
C VAL A 143 -31.01 -7.75 -33.83
N ASN A 144 -30.27 -7.18 -32.88
CA ASN A 144 -30.31 -5.74 -32.61
C ASN A 144 -29.04 -5.35 -31.88
N TYR A 145 -28.22 -4.53 -32.51
CA TYR A 145 -27.01 -4.01 -31.88
C TYR A 145 -27.22 -2.64 -31.25
N ALA A 146 -28.43 -2.08 -31.35
CA ALA A 146 -28.68 -0.76 -30.75
C ALA A 146 -28.71 -0.83 -29.23
N GLY A 147 -29.03 -2.00 -28.67
CA GLY A 147 -29.02 -2.17 -27.23
C GLY A 147 -27.68 -2.62 -26.71
N GLY A 148 -27.65 -3.78 -26.06
CA GLY A 148 -26.41 -4.33 -25.54
C GLY A 148 -26.02 -3.84 -24.17
N LEU A 149 -26.79 -2.94 -23.57
CA LEU A 149 -26.51 -2.45 -22.23
C LEU A 149 -27.18 -3.40 -21.23
N HIS A 150 -26.36 -4.17 -20.52
CA HIS A 150 -26.88 -5.13 -19.55
C HIS A 150 -26.10 -5.17 -18.25
N HIS A 151 -25.04 -4.38 -18.10
CA HIS A 151 -24.27 -4.38 -16.86
C HIS A 151 -25.00 -3.64 -15.73
N ALA A 152 -26.04 -2.88 -16.06
CA ALA A 152 -26.79 -2.16 -15.04
C ALA A 152 -27.70 -3.11 -14.27
N LYS A 153 -28.21 -2.60 -13.15
CA LYS A 153 -29.11 -3.32 -12.26
C LYS A 153 -30.44 -2.57 -12.17
N LYS A 154 -31.27 -2.99 -11.20
CA LYS A 154 -32.63 -2.47 -11.08
C LYS A 154 -32.65 -0.96 -10.85
N SER A 155 -31.71 -0.45 -10.06
CA SER A 155 -31.70 0.98 -9.76
C SER A 155 -30.32 1.63 -9.85
N GLU A 156 -29.31 0.93 -10.36
CA GLU A 156 -27.97 1.49 -10.47
C GLU A 156 -27.48 1.37 -11.91
N ALA A 157 -26.43 2.13 -12.22
CA ALA A 157 -25.83 2.16 -13.56
C ALA A 157 -24.35 1.83 -13.42
N SER A 158 -24.03 0.54 -13.42
CA SER A 158 -22.66 0.07 -13.28
C SER A 158 -22.16 -0.51 -14.59
N GLY A 159 -20.83 -0.56 -14.73
CA GLY A 159 -20.20 -1.10 -15.92
C GLY A 159 -20.43 -0.29 -17.17
N PHE A 160 -20.50 1.04 -17.05
CA PHE A 160 -20.71 1.98 -18.16
C PHE A 160 -22.01 1.68 -18.93
N CYS A 161 -23.02 1.19 -18.22
CA CYS A 161 -24.33 0.91 -18.80
C CYS A 161 -25.40 1.46 -17.88
N TYR A 162 -26.38 2.14 -18.46
CA TYR A 162 -27.41 2.82 -17.66
C TYR A 162 -28.66 1.97 -17.47
N LEU A 163 -29.16 1.39 -18.55
CA LEU A 163 -30.44 0.67 -18.55
C LEU A 163 -30.19 -0.78 -18.95
N ASN A 164 -30.75 -1.71 -18.19
CA ASN A 164 -30.63 -3.13 -18.49
C ASN A 164 -31.61 -3.47 -19.62
N ASP A 165 -31.06 -3.82 -20.79
CA ASP A 165 -31.87 -4.02 -21.98
C ASP A 165 -32.14 -5.48 -22.30
N ILE A 166 -31.79 -6.41 -21.41
CA ILE A 166 -32.06 -7.81 -21.67
C ILE A 166 -33.21 -8.32 -20.80
N VAL A 167 -33.32 -7.82 -19.57
CA VAL A 167 -34.28 -8.36 -18.60
C VAL A 167 -35.72 -8.06 -19.04
N LEU A 168 -35.95 -6.91 -19.67
CA LEU A 168 -37.27 -6.64 -20.24
C LEU A 168 -37.58 -7.58 -21.39
N GLY A 169 -36.55 -7.96 -22.15
CA GLY A 169 -36.74 -9.02 -23.14
C GLY A 169 -37.06 -10.36 -22.51
N ILE A 170 -36.46 -10.66 -21.35
CA ILE A 170 -36.74 -11.90 -20.64
C ILE A 170 -38.21 -11.95 -20.23
N ILE A 171 -38.67 -10.88 -19.57
CA ILE A 171 -40.07 -10.83 -19.13
C ILE A 171 -41.05 -10.61 -20.28
N GLU A 172 -40.55 -10.26 -21.47
CA GLU A 172 -41.40 -10.24 -22.65
C GLU A 172 -41.57 -11.62 -23.28
N LEU A 173 -40.47 -12.39 -23.42
CA LEU A 173 -40.62 -13.76 -23.89
C LEU A 173 -41.23 -14.68 -22.84
N LEU A 174 -41.27 -14.28 -21.57
CA LEU A 174 -41.92 -15.09 -20.55
C LEU A 174 -43.43 -15.14 -20.70
N ARG A 175 -44.03 -14.25 -21.50
CA ARG A 175 -45.47 -14.29 -21.74
C ARG A 175 -45.86 -15.54 -22.53
N TYR A 176 -45.06 -15.91 -23.53
CA TYR A 176 -45.34 -17.06 -24.36
C TYR A 176 -44.39 -18.22 -24.09
N HIS A 177 -43.09 -18.00 -24.21
CA HIS A 177 -42.12 -19.07 -23.95
C HIS A 177 -41.94 -19.24 -22.45
N PRO A 178 -42.22 -20.41 -21.90
CA PRO A 178 -42.01 -20.60 -20.45
C PRO A 178 -40.55 -20.67 -20.08
N ARG A 179 -39.67 -21.02 -21.01
CA ARG A 179 -38.27 -21.25 -20.73
C ARG A 179 -37.39 -20.47 -21.70
N VAL A 180 -36.33 -19.85 -21.17
CA VAL A 180 -35.38 -19.08 -21.96
C VAL A 180 -33.97 -19.50 -21.62
N LEU A 181 -33.05 -19.23 -22.54
CA LEU A 181 -31.63 -19.56 -22.41
C LEU A 181 -30.82 -18.28 -22.60
N TYR A 182 -30.15 -17.82 -21.53
CA TYR A 182 -29.35 -16.61 -21.61
C TYR A 182 -27.88 -17.01 -21.62
N ILE A 183 -27.19 -16.69 -22.70
CA ILE A 183 -25.75 -16.94 -22.86
C ILE A 183 -25.06 -15.60 -22.96
N ASP A 184 -24.17 -15.31 -22.01
CA ASP A 184 -23.48 -14.02 -21.96
C ASP A 184 -22.02 -14.22 -22.35
N ILE A 185 -21.68 -13.84 -23.58
CA ILE A 185 -20.29 -13.76 -23.98
C ILE A 185 -19.63 -12.60 -23.23
N ASP A 186 -18.34 -12.76 -22.91
CA ASP A 186 -17.64 -11.84 -22.02
C ASP A 186 -17.54 -10.44 -22.61
N VAL A 187 -18.06 -9.46 -21.88
CA VAL A 187 -17.82 -8.06 -22.21
C VAL A 187 -17.16 -7.37 -21.02
N HIS A 188 -17.90 -7.23 -19.92
CA HIS A 188 -17.35 -6.65 -18.71
C HIS A 188 -17.91 -7.35 -17.46
N HIS A 189 -17.98 -8.69 -17.51
CA HIS A 189 -18.44 -9.53 -16.39
C HIS A 189 -19.86 -9.17 -15.96
N GLY A 190 -20.80 -9.38 -16.88
CA GLY A 190 -22.16 -8.92 -16.66
C GLY A 190 -22.87 -9.73 -15.58
N ASP A 191 -23.72 -9.04 -14.82
CA ASP A 191 -24.42 -9.66 -13.69
C ASP A 191 -25.88 -9.27 -13.55
N GLY A 192 -26.39 -8.30 -14.32
CA GLY A 192 -27.76 -7.85 -14.11
C GLY A 192 -28.81 -8.90 -14.44
N VAL A 193 -28.61 -9.62 -15.55
CA VAL A 193 -29.54 -10.69 -15.91
C VAL A 193 -29.46 -11.84 -14.91
N GLU A 194 -28.28 -12.11 -14.37
CA GLU A 194 -28.14 -13.16 -13.37
C GLU A 194 -28.81 -12.79 -12.06
N GLU A 195 -28.66 -11.53 -11.62
CA GLU A 195 -29.25 -11.11 -10.35
C GLU A 195 -30.75 -10.86 -10.46
N ALA A 196 -31.25 -10.57 -11.67
CA ALA A 196 -32.67 -10.31 -11.83
C ALA A 196 -33.51 -11.58 -11.67
N PHE A 197 -32.99 -12.72 -12.12
CA PHE A 197 -33.70 -14.00 -12.04
C PHE A 197 -32.73 -15.03 -11.45
N TYR A 198 -32.89 -15.31 -10.15
CA TYR A 198 -32.01 -16.25 -9.46
C TYR A 198 -32.80 -17.33 -8.74
N THR A 199 -34.01 -16.99 -8.31
CA THR A 199 -34.87 -17.92 -7.59
C THR A 199 -35.95 -18.53 -8.47
N THR A 200 -35.93 -18.24 -9.77
CA THR A 200 -36.95 -18.72 -10.70
C THR A 200 -36.33 -19.75 -11.63
N ASP A 201 -36.99 -20.91 -11.77
CA ASP A 201 -36.53 -21.95 -12.67
C ASP A 201 -36.93 -21.70 -14.12
N ARG A 202 -37.81 -20.73 -14.38
CA ARG A 202 -38.25 -20.44 -15.74
C ARG A 202 -37.18 -19.71 -16.55
N VAL A 203 -36.20 -19.08 -15.89
CA VAL A 203 -35.14 -18.35 -16.56
C VAL A 203 -33.81 -19.01 -16.23
N MET A 204 -33.03 -19.30 -17.27
CA MET A 204 -31.72 -19.93 -17.13
C MET A 204 -30.67 -18.96 -17.63
N THR A 205 -29.67 -18.70 -16.80
CA THR A 205 -28.63 -17.73 -17.07
C THR A 205 -27.26 -18.41 -17.03
N CYS A 206 -26.38 -17.99 -17.95
CA CYS A 206 -25.01 -18.49 -17.96
C CYS A 206 -24.12 -17.46 -18.63
N SER A 207 -22.86 -17.45 -18.22
CA SER A 207 -21.93 -16.44 -18.73
C SER A 207 -20.53 -17.01 -18.76
N PHE A 208 -19.91 -16.96 -19.93
CA PHE A 208 -18.50 -17.28 -20.11
C PHE A 208 -17.72 -15.98 -20.09
N HIS A 209 -16.83 -15.84 -19.11
CA HIS A 209 -16.26 -14.52 -18.81
C HIS A 209 -14.87 -14.70 -18.21
N LYS A 210 -14.33 -13.60 -17.68
CA LYS A 210 -13.06 -13.60 -16.96
C LYS A 210 -13.32 -13.13 -15.54
N TYR A 211 -12.95 -13.95 -14.56
CA TYR A 211 -13.03 -13.55 -13.16
C TYR A 211 -11.75 -12.80 -12.82
N GLY A 212 -11.85 -11.49 -12.65
CA GLY A 212 -10.69 -10.67 -12.36
C GLY A 212 -11.03 -9.42 -11.58
N GLU A 213 -10.07 -8.51 -11.47
CA GLU A 213 -10.28 -7.26 -10.74
C GLU A 213 -10.83 -6.17 -11.66
N PHE A 214 -12.01 -6.46 -12.21
CA PHE A 214 -12.70 -5.53 -13.09
C PHE A 214 -13.55 -4.55 -12.28
N PHE A 215 -13.94 -3.46 -12.94
CA PHE A 215 -14.80 -2.47 -12.28
C PHE A 215 -16.19 -3.00 -11.92
N PRO A 216 -16.97 -3.63 -12.80
CA PRO A 216 -18.26 -4.17 -12.36
C PRO A 216 -18.26 -5.67 -12.03
N GLY A 217 -17.10 -6.31 -11.97
CA GLY A 217 -17.04 -7.76 -11.89
C GLY A 217 -17.53 -8.40 -10.60
N THR A 218 -18.66 -9.09 -10.66
CA THR A 218 -19.21 -9.85 -9.56
C THR A 218 -19.42 -11.30 -10.00
N GLY A 219 -19.70 -12.16 -9.03
CA GLY A 219 -20.06 -13.54 -9.30
C GLY A 219 -18.98 -14.53 -8.90
N GLU A 220 -19.38 -15.80 -8.93
CA GLU A 220 -18.50 -16.90 -8.54
C GLU A 220 -19.00 -18.16 -9.21
N LEU A 221 -18.12 -19.17 -9.29
CA LEU A 221 -18.51 -20.46 -9.81
C LEU A 221 -19.49 -21.17 -8.88
N ARG A 222 -19.36 -20.95 -7.57
CA ARG A 222 -20.23 -21.60 -6.59
C ARG A 222 -21.66 -21.10 -6.63
N ASP A 223 -21.94 -20.00 -7.35
CA ASP A 223 -23.30 -19.50 -7.51
C ASP A 223 -24.08 -20.46 -8.41
N ILE A 224 -24.93 -21.29 -7.81
CA ILE A 224 -25.68 -22.29 -8.55
C ILE A 224 -27.18 -22.03 -8.53
N GLY A 225 -27.67 -21.16 -7.65
CA GLY A 225 -29.10 -20.88 -7.56
C GLY A 225 -29.65 -21.35 -6.21
N VAL A 226 -30.64 -20.61 -5.71
CA VAL A 226 -31.28 -20.92 -4.45
C VAL A 226 -32.79 -20.90 -4.64
N GLY A 227 -33.48 -21.60 -3.74
CA GLY A 227 -34.94 -21.67 -3.83
C GLY A 227 -35.37 -22.53 -5.00
N ALA A 228 -36.39 -22.04 -5.73
CA ALA A 228 -36.88 -22.75 -6.90
C ALA A 228 -35.94 -22.63 -8.09
N GLY A 229 -35.01 -21.68 -8.06
CA GLY A 229 -34.07 -21.49 -9.14
C GLY A 229 -32.76 -22.21 -8.93
N LYS A 230 -32.76 -23.20 -8.05
CA LYS A 230 -31.55 -23.97 -7.76
C LYS A 230 -31.17 -24.82 -8.97
N ASN A 231 -29.85 -24.89 -9.22
CA ASN A 231 -29.26 -25.61 -10.35
C ASN A 231 -29.81 -25.12 -11.69
N TYR A 232 -30.07 -23.80 -11.77
CA TYR A 232 -30.51 -23.19 -13.02
C TYR A 232 -29.85 -21.83 -13.25
N ALA A 233 -28.80 -21.50 -12.50
CA ALA A 233 -28.09 -20.24 -12.60
C ALA A 233 -26.59 -20.48 -12.65
N VAL A 234 -26.17 -21.39 -13.53
CA VAL A 234 -24.76 -21.77 -13.61
C VAL A 234 -23.93 -20.62 -14.16
N ASN A 235 -22.62 -20.69 -13.92
CA ASN A 235 -21.70 -19.65 -14.33
C ASN A 235 -20.34 -20.28 -14.59
N VAL A 236 -19.80 -20.08 -15.78
CA VAL A 236 -18.56 -20.71 -16.21
C VAL A 236 -17.47 -19.64 -16.24
N PRO A 237 -16.52 -19.65 -15.29
CA PRO A 237 -15.44 -18.66 -15.33
C PRO A 237 -14.21 -19.16 -16.09
N LEU A 238 -13.58 -18.23 -16.79
CA LEU A 238 -12.33 -18.49 -17.51
C LEU A 238 -11.27 -17.50 -17.05
N ARG A 239 -10.03 -17.76 -17.44
CA ARG A 239 -8.91 -16.94 -17.04
C ARG A 239 -8.65 -15.85 -18.08
N ASP A 240 -7.56 -15.10 -17.92
CA ASP A 240 -7.23 -13.98 -18.78
C ASP A 240 -6.48 -14.50 -20.01
N GLY A 241 -7.22 -14.74 -21.09
CA GLY A 241 -6.63 -15.17 -22.33
C GLY A 241 -7.00 -16.59 -22.73
N ILE A 242 -7.94 -16.72 -23.64
CA ILE A 242 -8.39 -18.02 -24.15
C ILE A 242 -8.51 -17.93 -25.66
N ASP A 243 -8.03 -18.96 -26.36
CA ASP A 243 -8.06 -18.98 -27.81
C ASP A 243 -9.34 -19.66 -28.30
N ASP A 244 -9.45 -19.81 -29.63
CA ASP A 244 -10.69 -20.28 -30.24
C ASP A 244 -10.93 -21.76 -29.97
N ALA A 245 -9.87 -22.58 -30.03
CA ALA A 245 -10.02 -24.02 -29.85
C ALA A 245 -10.44 -24.35 -28.42
N THR A 246 -9.81 -23.72 -27.43
CA THR A 246 -10.19 -23.93 -26.04
C THR A 246 -11.57 -23.33 -25.74
N TYR A 247 -11.92 -22.23 -26.41
CA TYR A 247 -13.26 -21.68 -26.26
C TYR A 247 -14.32 -22.64 -26.78
N ARG A 248 -14.05 -23.28 -27.92
CA ARG A 248 -14.96 -24.31 -28.42
C ARG A 248 -15.02 -25.51 -27.47
N SER A 249 -13.86 -25.92 -26.94
CA SER A 249 -13.81 -27.08 -26.06
C SER A 249 -14.49 -26.82 -24.73
N VAL A 250 -14.57 -25.56 -24.30
CA VAL A 250 -15.30 -25.25 -23.07
C VAL A 250 -16.74 -24.87 -23.35
N PHE A 251 -17.08 -24.48 -24.59
CA PHE A 251 -18.44 -24.09 -24.91
C PHE A 251 -19.31 -25.30 -25.26
N GLU A 252 -18.73 -26.30 -25.93
CA GLU A 252 -19.53 -27.44 -26.40
C GLU A 252 -20.18 -28.27 -25.29
N PRO A 253 -19.47 -28.77 -24.26
CA PRO A 253 -20.11 -29.77 -23.39
C PRO A 253 -21.17 -29.20 -22.45
N VAL A 254 -20.94 -28.01 -21.89
CA VAL A 254 -21.90 -27.44 -20.96
C VAL A 254 -23.19 -27.04 -21.68
N ILE A 255 -23.05 -26.46 -22.88
CA ILE A 255 -24.22 -26.09 -23.67
C ILE A 255 -24.98 -27.33 -24.12
N LYS A 256 -24.25 -28.38 -24.53
CA LYS A 256 -24.90 -29.62 -24.91
C LYS A 256 -25.65 -30.24 -23.74
N LYS A 257 -25.04 -30.22 -22.54
CA LYS A 257 -25.68 -30.78 -21.36
C LYS A 257 -26.92 -29.99 -20.95
N ILE A 258 -26.86 -28.66 -21.01
CA ILE A 258 -28.03 -27.89 -20.59
C ILE A 258 -29.14 -27.94 -21.64
N MET A 259 -28.79 -28.08 -22.92
CA MET A 259 -29.83 -28.28 -23.92
C MET A 259 -30.42 -29.68 -23.85
N GLU A 260 -29.67 -30.64 -23.30
CA GLU A 260 -30.20 -31.99 -23.12
C GLU A 260 -31.17 -32.05 -21.95
N TRP A 261 -30.93 -31.26 -20.90
CA TRP A 261 -31.63 -31.43 -19.63
C TRP A 261 -32.58 -30.29 -19.30
N TYR A 262 -33.04 -29.51 -20.28
CA TYR A 262 -33.93 -28.40 -19.95
C TYR A 262 -35.16 -28.35 -20.86
N GLN A 263 -35.09 -28.96 -22.07
CA GLN A 263 -36.06 -28.81 -23.15
C GLN A 263 -36.24 -27.33 -23.49
N PRO A 264 -35.26 -26.73 -24.19
CA PRO A 264 -35.27 -25.27 -24.39
C PRO A 264 -36.38 -24.81 -25.31
N SER A 265 -36.68 -23.51 -25.21
CA SER A 265 -37.68 -22.87 -26.05
C SER A 265 -37.23 -21.57 -26.71
N ALA A 266 -36.28 -20.84 -26.13
CA ALA A 266 -35.85 -19.57 -26.70
C ALA A 266 -34.43 -19.26 -26.25
N VAL A 267 -33.69 -18.56 -27.10
CA VAL A 267 -32.33 -18.14 -26.83
C VAL A 267 -32.27 -16.62 -26.85
N VAL A 268 -31.65 -16.03 -25.84
CA VAL A 268 -31.52 -14.57 -25.74
C VAL A 268 -30.03 -14.28 -25.62
N LEU A 269 -29.22 -15.07 -26.34
CA LEU A 269 -27.77 -14.95 -26.27
C LEU A 269 -27.30 -13.58 -26.73
N GLN A 270 -26.25 -13.08 -26.08
CA GLN A 270 -25.71 -11.75 -26.30
C GLN A 270 -24.27 -11.86 -26.79
N CYS A 271 -23.97 -11.21 -27.91
CA CYS A 271 -22.62 -11.26 -28.47
C CYS A 271 -21.67 -10.41 -27.64
N GLY A 272 -20.41 -10.84 -27.59
CA GLY A 272 -19.40 -10.15 -26.81
C GLY A 272 -18.64 -9.10 -27.60
N GLY A 273 -18.81 -7.83 -27.24
CA GLY A 273 -18.12 -6.76 -27.93
C GLY A 273 -16.72 -6.51 -27.44
N ASP A 274 -16.45 -6.77 -26.16
CA ASP A 274 -15.14 -6.54 -25.58
C ASP A 274 -14.26 -7.79 -25.57
N SER A 275 -14.71 -8.88 -26.19
CA SER A 275 -13.97 -10.13 -26.20
C SER A 275 -13.07 -10.27 -27.41
N LEU A 276 -13.06 -9.30 -28.32
CA LEU A 276 -12.22 -9.39 -29.49
C LEU A 276 -10.78 -8.99 -29.16
N SER A 277 -9.88 -9.27 -30.10
CA SER A 277 -8.45 -9.01 -29.91
C SER A 277 -8.18 -7.52 -30.00
N GLY A 278 -7.81 -6.93 -28.87
CA GLY A 278 -7.51 -5.50 -28.81
C GLY A 278 -8.63 -4.68 -28.21
N ASP A 279 -8.50 -4.33 -26.94
CA ASP A 279 -9.50 -3.55 -26.24
C ASP A 279 -8.82 -2.77 -25.11
N ARG A 280 -9.52 -1.72 -24.65
CA ARG A 280 -8.98 -0.90 -23.58
C ARG A 280 -8.96 -1.65 -22.24
N LEU A 281 -9.99 -2.45 -21.98
CA LEU A 281 -10.05 -3.30 -20.80
C LEU A 281 -10.48 -4.70 -21.21
N GLY A 282 -9.79 -5.70 -20.69
CA GLY A 282 -10.09 -7.09 -21.03
C GLY A 282 -9.27 -7.60 -22.19
N CYS A 283 -8.62 -8.75 -22.01
CA CYS A 283 -7.76 -9.35 -23.02
C CYS A 283 -8.28 -10.76 -23.30
N PHE A 284 -9.05 -10.91 -24.37
CA PHE A 284 -9.63 -12.19 -24.75
C PHE A 284 -9.33 -12.47 -26.22
N ASN A 285 -8.84 -13.67 -26.50
CA ASN A 285 -8.32 -14.02 -27.83
C ASN A 285 -9.35 -14.80 -28.64
N LEU A 286 -10.41 -14.13 -29.07
CA LEU A 286 -11.37 -14.71 -29.99
C LEU A 286 -11.34 -13.94 -31.31
N SER A 287 -11.18 -14.68 -32.41
CA SER A 287 -11.27 -14.11 -33.75
C SER A 287 -12.72 -14.22 -34.23
N MET A 288 -12.94 -14.05 -35.53
CA MET A 288 -14.28 -14.17 -36.08
C MET A 288 -14.79 -15.61 -36.04
N GLU A 289 -13.90 -16.58 -36.21
CA GLU A 289 -14.30 -17.98 -36.15
C GLU A 289 -14.69 -18.38 -34.73
N GLY A 290 -13.91 -17.97 -33.74
CA GLY A 290 -14.22 -18.30 -32.35
C GLY A 290 -15.49 -17.65 -31.86
N HIS A 291 -15.70 -16.38 -32.22
CA HIS A 291 -16.94 -15.69 -31.86
C HIS A 291 -18.12 -16.23 -32.64
N ALA A 292 -17.89 -16.70 -33.86
CA ALA A 292 -18.97 -17.22 -34.70
C ALA A 292 -19.42 -18.60 -34.26
N ASN A 293 -18.51 -19.42 -33.72
CA ASN A 293 -18.89 -20.77 -33.30
C ASN A 293 -19.85 -20.78 -32.12
N CYS A 294 -19.82 -19.74 -31.27
CA CYS A 294 -20.75 -19.65 -30.15
C CYS A 294 -22.19 -19.57 -30.61
N VAL A 295 -22.45 -18.79 -31.67
CA VAL A 295 -23.80 -18.74 -32.22
C VAL A 295 -24.07 -19.86 -33.21
N ASN A 296 -23.02 -20.45 -33.80
CA ASN A 296 -23.22 -21.61 -34.68
C ASN A 296 -23.72 -22.83 -33.90
N TYR A 297 -23.16 -23.05 -32.71
CA TYR A 297 -23.57 -24.19 -31.89
C TYR A 297 -25.02 -24.08 -31.45
N VAL A 298 -25.47 -22.87 -31.12
CA VAL A 298 -26.85 -22.67 -30.68
C VAL A 298 -27.81 -22.49 -31.85
N LYS A 299 -27.30 -22.16 -33.04
CA LYS A 299 -28.13 -22.13 -34.23
C LYS A 299 -28.26 -23.49 -34.89
N SER A 300 -27.42 -24.45 -34.52
CA SER A 300 -27.58 -25.81 -35.03
C SER A 300 -28.82 -26.49 -34.45
N PHE A 301 -29.30 -26.02 -33.29
CA PHE A 301 -30.47 -26.63 -32.67
C PHE A 301 -31.75 -26.26 -33.41
N GLY A 302 -31.84 -25.04 -33.92
CA GLY A 302 -33.03 -24.58 -34.61
C GLY A 302 -34.06 -23.91 -33.71
N ILE A 303 -33.78 -23.77 -32.42
CA ILE A 303 -34.66 -23.09 -31.48
C ILE A 303 -34.68 -21.60 -31.83
N PRO A 304 -35.85 -20.95 -31.88
CA PRO A 304 -35.89 -19.52 -32.20
C PRO A 304 -35.21 -18.67 -31.14
N MET A 305 -34.64 -17.54 -31.59
CA MET A 305 -33.64 -16.81 -30.82
C MET A 305 -33.77 -15.32 -31.10
N MET A 306 -33.56 -14.50 -30.08
CA MET A 306 -33.42 -13.06 -30.26
C MET A 306 -32.03 -12.67 -29.77
N VAL A 307 -31.30 -11.91 -30.59
CA VAL A 307 -29.89 -11.63 -30.37
C VAL A 307 -29.73 -10.20 -29.86
N VAL A 308 -28.98 -10.03 -28.77
CA VAL A 308 -28.70 -8.73 -28.18
C VAL A 308 -27.31 -8.30 -28.64
N GLY A 309 -27.15 -7.00 -28.86
CA GLY A 309 -25.86 -6.46 -29.27
C GLY A 309 -24.85 -6.45 -28.13
N GLY A 310 -23.66 -5.95 -28.45
CA GLY A 310 -22.58 -5.97 -27.48
C GLY A 310 -21.90 -4.63 -27.26
N GLY A 311 -20.81 -4.65 -26.50
CA GLY A 311 -20.03 -3.45 -26.25
C GLY A 311 -18.93 -3.24 -27.27
N GLY A 312 -17.69 -3.13 -26.82
CA GLY A 312 -16.57 -2.95 -27.72
C GLY A 312 -15.86 -1.63 -27.55
N TYR A 313 -14.66 -1.65 -26.97
CA TYR A 313 -13.92 -0.43 -26.77
C TYR A 313 -13.27 0.07 -28.05
N THR A 314 -13.11 -0.80 -29.04
CA THR A 314 -12.69 -0.41 -30.38
C THR A 314 -13.86 -0.60 -31.33
N MET A 315 -14.30 0.49 -31.98
CA MET A 315 -15.49 0.43 -32.82
C MET A 315 -15.24 -0.29 -34.14
N ARG A 316 -14.01 -0.27 -34.64
CA ARG A 316 -13.72 -0.91 -35.92
C ARG A 316 -13.82 -2.42 -35.82
N ASN A 317 -13.19 -3.01 -34.81
CA ASN A 317 -13.22 -4.47 -34.65
C ASN A 317 -14.63 -4.96 -34.31
N VAL A 318 -15.34 -4.23 -33.45
CA VAL A 318 -16.69 -4.67 -33.09
C VAL A 318 -17.66 -4.46 -34.26
N ALA A 319 -17.42 -3.45 -35.10
CA ALA A 319 -18.24 -3.28 -36.30
C ALA A 319 -17.97 -4.40 -37.30
N ARG A 320 -16.70 -4.81 -37.43
CA ARG A 320 -16.35 -5.92 -38.32
C ARG A 320 -16.97 -7.22 -37.84
N THR A 321 -16.91 -7.50 -36.54
CA THR A 321 -17.51 -8.75 -36.05
C THR A 321 -19.03 -8.69 -36.05
N TRP A 322 -19.62 -7.48 -35.94
CA TRP A 322 -21.07 -7.37 -36.06
C TRP A 322 -21.52 -7.59 -37.50
N CYS A 323 -20.75 -7.09 -38.46
CA CYS A 323 -21.05 -7.37 -39.87
C CYS A 323 -20.90 -8.85 -40.18
N PHE A 324 -19.86 -9.49 -39.63
CA PHE A 324 -19.70 -10.92 -39.80
C PHE A 324 -20.84 -11.70 -39.19
N GLU A 325 -21.29 -11.29 -37.99
CA GLU A 325 -22.42 -11.94 -37.34
C GLU A 325 -23.71 -11.79 -38.15
N THR A 326 -23.95 -10.59 -38.68
CA THR A 326 -25.15 -10.35 -39.48
C THR A 326 -25.11 -11.14 -40.78
N GLY A 327 -23.93 -11.27 -41.39
CA GLY A 327 -23.81 -12.15 -42.54
C GLY A 327 -23.99 -13.62 -42.19
N LEU A 328 -23.59 -14.00 -40.97
CA LEU A 328 -23.69 -15.40 -40.57
C LEU A 328 -25.13 -15.81 -40.25
N LEU A 329 -25.94 -14.88 -39.72
CA LEU A 329 -27.34 -15.22 -39.45
C LEU A 329 -28.15 -15.46 -40.72
N ASN A 330 -27.62 -15.08 -41.89
CA ASN A 330 -28.23 -15.44 -43.17
C ASN A 330 -27.76 -16.80 -43.68
N ASN A 331 -27.01 -17.54 -42.85
CA ASN A 331 -26.47 -18.87 -43.17
C ASN A 331 -25.55 -18.83 -44.40
N VAL A 332 -24.87 -17.70 -44.61
CA VAL A 332 -23.89 -17.55 -45.67
C VAL A 332 -22.58 -17.09 -45.05
N VAL A 333 -21.51 -17.22 -45.82
CA VAL A 333 -20.18 -16.79 -45.40
C VAL A 333 -19.82 -15.56 -46.21
N LEU A 334 -19.70 -14.42 -45.54
CA LEU A 334 -19.38 -13.18 -46.23
C LEU A 334 -17.90 -13.17 -46.60
N ASP A 335 -17.60 -12.49 -47.70
CA ASP A 335 -16.25 -12.51 -48.26
C ASP A 335 -15.26 -11.77 -47.37
N LYS A 336 -13.98 -12.14 -47.50
CA LYS A 336 -12.92 -11.56 -46.67
C LYS A 336 -12.41 -10.24 -47.25
N ASP A 337 -13.35 -9.30 -47.39
CA ASP A 337 -13.03 -7.96 -47.87
C ASP A 337 -14.16 -7.03 -47.43
N LEU A 338 -13.79 -5.81 -47.03
CA LEU A 338 -14.86 -4.93 -46.59
C LEU A 338 -15.31 -4.03 -47.73
N PRO A 339 -16.63 -3.84 -47.88
CA PRO A 339 -17.14 -2.91 -48.90
C PRO A 339 -16.83 -1.47 -48.56
N TYR A 340 -16.76 -0.65 -49.59
CA TYR A 340 -16.50 0.77 -49.40
C TYR A 340 -17.70 1.46 -48.75
N ASN A 341 -17.40 2.44 -47.92
CA ASN A 341 -18.44 3.21 -47.21
C ASN A 341 -17.82 4.53 -46.77
N GLU A 342 -18.58 5.32 -46.01
CA GLU A 342 -18.08 6.57 -45.48
C GLU A 342 -17.13 6.39 -44.31
N TYR A 343 -17.08 5.21 -43.71
CA TYR A 343 -16.14 4.88 -42.64
C TYR A 343 -15.23 3.72 -43.07
N TYR A 344 -14.78 3.76 -44.32
CA TYR A 344 -13.99 2.67 -44.87
C TYR A 344 -12.56 2.68 -44.36
N GLU A 345 -12.05 3.84 -43.94
CA GLU A 345 -10.67 3.98 -43.49
C GLU A 345 -10.50 3.73 -42.00
N TYR A 346 -11.57 3.35 -41.30
CA TYR A 346 -11.48 3.11 -39.86
C TYR A 346 -10.65 1.86 -39.55
N TYR A 347 -10.78 0.82 -40.38
CA TYR A 347 -10.20 -0.47 -40.09
C TYR A 347 -8.72 -0.50 -40.47
N GLY A 348 -8.10 -1.67 -40.30
CA GLY A 348 -6.68 -1.83 -40.51
C GLY A 348 -6.30 -1.85 -41.97
N PRO A 349 -4.98 -1.81 -42.24
CA PRO A 349 -4.50 -1.82 -43.63
C PRO A 349 -4.72 -3.13 -44.36
N ASP A 350 -5.02 -4.23 -43.63
CA ASP A 350 -5.21 -5.52 -44.29
C ASP A 350 -6.48 -5.55 -45.12
N TYR A 351 -7.49 -4.76 -44.75
CA TYR A 351 -8.80 -4.70 -45.42
C TYR A 351 -9.47 -6.06 -45.48
N LYS A 352 -9.37 -6.82 -44.40
CA LYS A 352 -10.00 -8.12 -44.28
C LYS A 352 -10.98 -8.12 -43.12
N LEU A 353 -12.11 -8.83 -43.29
CA LEU A 353 -13.10 -8.93 -42.23
C LEU A 353 -12.55 -9.74 -41.05
N SER A 354 -11.89 -10.85 -41.34
CA SER A 354 -11.35 -11.72 -40.31
C SER A 354 -9.98 -11.21 -39.90
N VAL A 355 -9.88 -10.64 -38.70
CA VAL A 355 -8.61 -10.14 -38.20
C VAL A 355 -7.82 -11.30 -37.61
N ARG A 356 -6.54 -11.10 -37.37
CA ARG A 356 -5.74 -12.15 -36.77
C ARG A 356 -5.83 -12.09 -35.25
N PRO A 357 -5.80 -13.23 -34.57
CA PRO A 357 -5.83 -13.22 -33.10
C PRO A 357 -4.57 -12.62 -32.52
N SER A 358 -4.73 -11.98 -31.36
CA SER A 358 -3.58 -11.39 -30.67
C SER A 358 -2.73 -12.49 -30.05
N ASN A 359 -1.51 -12.11 -29.67
CA ASN A 359 -0.52 -13.06 -29.15
C ASN A 359 -0.67 -13.19 -27.63
N MET A 360 -1.83 -13.67 -27.21
CA MET A 360 -2.10 -13.92 -25.79
C MET A 360 -1.73 -15.35 -25.46
N PHE A 361 -1.01 -15.53 -24.34
CA PHE A 361 -0.60 -16.86 -23.92
C PHE A 361 -1.80 -17.66 -23.46
N ASN A 362 -1.88 -18.91 -23.89
CA ASN A 362 -2.97 -19.81 -23.51
C ASN A 362 -2.78 -20.23 -22.06
N VAL A 363 -3.52 -19.59 -21.16
CA VAL A 363 -3.39 -19.89 -19.73
C VAL A 363 -4.39 -20.96 -19.30
N ASN A 364 -5.52 -21.09 -20.00
CA ASN A 364 -6.55 -22.04 -19.62
C ASN A 364 -6.12 -23.48 -19.86
N THR A 365 -5.52 -24.08 -18.84
CA THR A 365 -5.21 -25.50 -18.87
C THR A 365 -6.50 -26.32 -18.84
N PRO A 366 -6.59 -27.40 -19.64
CA PRO A 366 -7.83 -28.17 -19.68
C PRO A 366 -8.07 -29.13 -18.52
N GLU A 367 -7.16 -29.20 -17.53
CA GLU A 367 -7.48 -29.92 -16.30
C GLU A 367 -8.50 -29.14 -15.47
N TYR A 368 -8.30 -27.83 -15.35
CA TYR A 368 -9.29 -26.98 -14.68
C TYR A 368 -10.60 -26.96 -15.45
N LEU A 369 -10.53 -26.92 -16.78
CA LEU A 369 -11.73 -26.99 -17.60
C LEU A 369 -12.46 -28.32 -17.42
N ASP A 370 -11.71 -29.41 -17.33
CA ASP A 370 -12.31 -30.72 -17.08
C ASP A 370 -12.96 -30.78 -15.70
N LYS A 371 -12.33 -30.15 -14.70
CA LYS A 371 -12.94 -30.09 -13.38
C LYS A 371 -14.23 -29.26 -13.38
N VAL A 372 -14.25 -28.16 -14.15
CA VAL A 372 -15.46 -27.35 -14.26
C VAL A 372 -16.57 -28.13 -14.95
N MET A 373 -16.23 -28.87 -16.02
CA MET A 373 -17.20 -29.77 -16.64
C MET A 373 -17.71 -30.82 -15.66
N THR A 374 -16.80 -31.38 -14.85
CA THR A 374 -17.17 -32.45 -13.94
C THR A 374 -18.12 -31.97 -12.86
N ASN A 375 -17.79 -30.87 -12.17
CA ASN A 375 -18.69 -30.43 -11.11
C ASN A 375 -19.94 -29.73 -11.66
N ILE A 376 -19.90 -29.21 -12.90
CA ILE A 376 -21.12 -28.71 -13.52
C ILE A 376 -22.07 -29.87 -13.86
N PHE A 377 -21.52 -30.99 -14.35
CA PHE A 377 -22.33 -32.18 -14.54
C PHE A 377 -22.83 -32.73 -13.21
N ALA A 378 -22.05 -32.55 -12.14
CA ALA A 378 -22.46 -33.02 -10.83
C ALA A 378 -23.65 -32.21 -10.29
N ASN A 379 -23.57 -30.87 -10.38
CA ASN A 379 -24.64 -30.06 -9.77
C ASN A 379 -25.88 -29.95 -10.64
N LEU A 380 -25.82 -30.33 -11.91
CA LEU A 380 -26.96 -30.23 -12.81
C LEU A 380 -27.76 -31.53 -12.91
N GLU A 381 -27.38 -32.56 -12.16
CA GLU A 381 -28.09 -33.83 -12.20
C GLU A 381 -28.61 -34.21 -10.83
N GLU A 405 -49.84 -1.95 -19.63
CA GLU A 405 -50.10 -0.54 -19.90
C GLU A 405 -49.21 -0.04 -21.02
N GLU A 406 -49.67 1.00 -21.72
CA GLU A 406 -48.96 1.67 -22.81
C GLU A 406 -48.53 0.66 -23.89
N ASP A 407 -49.56 0.10 -24.54
CA ASP A 407 -49.54 -0.93 -25.58
C ASP A 407 -48.44 -1.98 -25.38
N SER A 408 -48.49 -2.67 -24.24
CA SER A 408 -47.48 -3.65 -23.83
C SER A 408 -47.41 -4.81 -24.82
N ALA A 409 -46.35 -5.62 -24.66
CA ALA A 409 -45.83 -6.49 -25.71
C ALA A 409 -45.60 -5.67 -26.98
N GLU A 410 -44.73 -4.66 -26.84
CA GLU A 410 -44.54 -3.61 -27.83
C GLU A 410 -43.94 -4.13 -29.13
N ALA A 411 -44.77 -4.17 -30.18
CA ALA A 411 -44.32 -4.52 -31.52
C ALA A 411 -44.69 -3.45 -32.54
N LYS A 412 -44.96 -2.22 -32.09
CA LYS A 412 -45.37 -1.13 -32.95
C LYS A 412 -44.18 -0.16 -33.05
N ASP A 413 -43.76 0.12 -34.28
CA ASP A 413 -42.74 1.12 -34.55
C ASP A 413 -42.81 1.47 -36.03
N THR A 414 -42.32 2.66 -36.36
CA THR A 414 -42.38 3.13 -37.74
C THR A 414 -41.40 2.38 -38.62
N LYS A 415 -41.79 2.18 -39.87
CA LYS A 415 -40.98 1.45 -40.83
C LYS A 415 -39.79 2.31 -41.29
N GLY A 416 -38.67 1.65 -41.54
CA GLY A 416 -37.48 2.33 -41.99
C GLY A 416 -37.37 2.42 -43.50
N GLY A 417 -36.16 2.23 -44.03
CA GLY A 417 -35.91 2.27 -45.46
C GLY A 417 -35.32 3.58 -45.96
N SER A 418 -35.41 4.65 -45.17
CA SER A 418 -34.84 5.93 -45.55
C SER A 418 -33.42 6.12 -45.04
N GLN A 419 -32.87 5.13 -44.33
CA GLN A 419 -31.52 5.21 -43.77
C GLN A 419 -30.50 4.59 -44.74
N TYR A 420 -30.58 5.06 -45.99
CA TYR A 420 -29.80 4.48 -47.09
C TYR A 420 -28.32 4.79 -46.91
N ALA A 421 -27.52 3.75 -46.71
CA ALA A 421 -26.06 3.88 -46.63
C ALA A 421 -25.43 3.49 -47.97
N ARG A 422 -25.76 4.27 -49.00
CA ARG A 422 -25.17 4.14 -50.34
C ARG A 422 -24.52 5.46 -50.71
N ASP A 423 -23.25 5.62 -50.34
CA ASP A 423 -22.48 6.79 -50.72
C ASP A 423 -21.69 6.47 -51.99
N LEU A 424 -20.83 7.39 -52.40
CA LEU A 424 -19.99 7.20 -53.58
C LEU A 424 -18.52 7.23 -53.15
N HIS A 425 -17.68 6.56 -53.94
CA HIS A 425 -16.26 6.50 -53.65
C HIS A 425 -15.62 7.86 -53.84
N VAL A 426 -14.75 8.24 -52.91
CA VAL A 426 -14.09 9.53 -52.96
C VAL A 426 -12.62 9.37 -52.57
N ASN B 498 -9.12 -52.29 8.14
CA ASN B 498 -10.30 -52.53 8.97
C ASN B 498 -10.25 -51.68 10.23
N GLU B 499 -9.06 -51.55 10.82
CA GLU B 499 -8.90 -50.73 12.01
C GLU B 499 -8.76 -49.26 11.62
N GLU B 500 -9.01 -48.39 12.61
CA GLU B 500 -8.94 -46.96 12.42
C GLU B 500 -7.79 -46.30 13.15
N VAL B 501 -7.02 -47.06 13.95
CA VAL B 501 -5.96 -46.46 14.76
C VAL B 501 -4.70 -46.22 13.94
N THR B 502 -4.54 -46.85 12.78
CA THR B 502 -3.38 -46.62 11.93
C THR B 502 -3.62 -45.53 10.89
N PHE B 503 -4.88 -45.20 10.62
CA PHE B 503 -5.21 -44.14 9.67
C PHE B 503 -4.69 -42.80 10.11
N PHE B 504 -4.66 -42.54 11.42
CA PHE B 504 -4.22 -41.24 11.91
C PHE B 504 -2.72 -41.04 11.71
N GLU B 505 -1.91 -42.05 12.05
CA GLU B 505 -0.48 -41.93 11.79
C GLU B 505 -0.15 -41.99 10.30
N LYS B 506 -0.96 -42.72 9.52
CA LYS B 506 -0.79 -42.70 8.07
C LYS B 506 -1.05 -41.31 7.50
N ALA B 507 -2.09 -40.63 7.99
CA ALA B 507 -2.38 -39.27 7.55
C ALA B 507 -1.31 -38.30 8.04
N LYS B 508 -0.77 -38.53 9.25
CA LYS B 508 0.31 -37.68 9.75
C LYS B 508 1.56 -37.82 8.89
N ARG B 509 1.88 -39.04 8.45
CA ARG B 509 2.99 -39.22 7.52
C ARG B 509 2.68 -38.65 6.14
N TYR B 510 1.40 -38.66 5.74
CA TYR B 510 1.03 -38.14 4.42
C TYR B 510 1.13 -36.62 4.37
N ILE B 511 0.64 -35.93 5.39
CA ILE B 511 0.65 -34.48 5.39
C ILE B 511 2.08 -33.94 5.53
N GLY B 512 2.82 -34.46 6.51
CA GLY B 512 4.20 -34.05 6.69
C GLY B 512 4.37 -32.80 7.52
N ASN B 513 3.80 -31.69 7.06
CA ASN B 513 3.94 -30.42 7.77
C ASN B 513 3.17 -30.42 9.07
N LYS B 514 3.77 -29.82 10.10
CA LYS B 514 3.17 -29.84 11.44
C LYS B 514 1.93 -28.94 11.50
N HIS B 515 2.05 -27.70 11.03
CA HIS B 515 0.95 -26.74 11.14
C HIS B 515 -0.24 -27.13 10.29
N LEU B 516 0.00 -27.73 9.13
CA LEU B 516 -1.10 -28.31 8.35
C LEU B 516 -1.76 -29.46 9.09
N TYR B 517 -1.00 -30.22 9.88
CA TYR B 517 -1.60 -31.26 10.70
C TYR B 517 -2.46 -30.67 11.81
N THR B 518 -2.03 -29.55 12.40
CA THR B 518 -2.89 -28.87 13.38
C THR B 518 -4.17 -28.33 12.74
N GLU B 519 -4.06 -27.80 11.52
CA GLU B 519 -5.25 -27.32 10.81
C GLU B 519 -6.21 -28.47 10.49
N PHE B 520 -5.66 -29.61 10.06
CA PHE B 520 -6.49 -30.79 9.80
C PHE B 520 -7.12 -31.30 11.10
N LEU B 521 -6.38 -31.25 12.21
CA LEU B 521 -6.95 -31.62 13.50
C LEU B 521 -8.08 -30.69 13.91
N LYS B 522 -7.92 -29.40 13.67
CA LYS B 522 -8.99 -28.44 13.97
C LYS B 522 -10.23 -28.69 13.11
N ILE B 523 -10.03 -28.99 11.83
CA ILE B 523 -11.16 -29.28 10.95
C ILE B 523 -11.88 -30.57 11.37
N LEU B 524 -11.11 -31.61 11.68
CA LEU B 524 -11.71 -32.87 12.14
C LEU B 524 -12.41 -32.74 13.49
N ASN B 525 -11.87 -31.93 14.41
CA ASN B 525 -12.59 -31.65 15.65
C ASN B 525 -13.85 -30.84 15.40
N LEU B 526 -13.80 -29.90 14.45
CA LEU B 526 -14.96 -29.11 14.07
C LEU B 526 -16.07 -30.01 13.54
N TYR B 527 -15.69 -31.02 12.75
CA TYR B 527 -16.64 -32.07 12.35
C TYR B 527 -17.13 -32.87 13.55
N SER B 528 -16.22 -33.20 14.47
CA SER B 528 -16.54 -34.09 15.58
C SER B 528 -17.53 -33.49 16.56
N GLN B 529 -17.61 -32.17 16.67
CA GLN B 529 -18.45 -31.54 17.67
C GLN B 529 -19.88 -31.31 17.16
N ASP B 530 -20.28 -32.04 16.12
CA ASP B 530 -21.69 -32.23 15.74
C ASP B 530 -22.37 -30.93 15.31
N ILE B 531 -21.75 -30.22 14.38
CA ILE B 531 -22.43 -29.09 13.74
C ILE B 531 -22.22 -29.17 12.23
N LEU B 532 -21.24 -29.97 11.79
CA LEU B 532 -20.86 -30.04 10.39
C LEU B 532 -21.64 -31.16 9.72
N ASP B 533 -22.27 -30.83 8.59
CA ASP B 533 -23.06 -31.79 7.85
C ASP B 533 -22.14 -32.70 7.01
N LEU B 534 -22.77 -33.58 6.23
CA LEU B 534 -21.99 -34.52 5.42
C LEU B 534 -21.28 -33.82 4.27
N ASP B 535 -21.92 -32.80 3.68
CA ASP B 535 -21.34 -32.11 2.53
C ASP B 535 -20.07 -31.37 2.91
N ASP B 536 -20.06 -30.72 4.08
CA ASP B 536 -18.89 -29.98 4.53
C ASP B 536 -17.71 -30.93 4.75
N LEU B 537 -17.96 -32.08 5.38
CA LEU B 537 -16.86 -32.99 5.67
C LEU B 537 -16.34 -33.66 4.41
N VAL B 538 -17.23 -34.01 3.46
CA VAL B 538 -16.72 -34.62 2.23
C VAL B 538 -15.98 -33.59 1.39
N GLU B 539 -16.44 -32.33 1.36
CA GLU B 539 -15.75 -31.31 0.58
C GLU B 539 -14.46 -30.85 1.25
N LYS B 540 -14.29 -31.10 2.55
CA LYS B 540 -13.02 -30.80 3.19
C LYS B 540 -12.04 -31.96 3.13
N VAL B 541 -12.53 -33.20 3.17
CA VAL B 541 -11.66 -34.36 2.97
C VAL B 541 -11.18 -34.41 1.53
N ASP B 542 -12.02 -34.00 0.57
CA ASP B 542 -11.61 -33.97 -0.84
C ASP B 542 -10.46 -33.00 -1.11
N PHE B 543 -10.25 -32.01 -0.24
CA PHE B 543 -9.12 -31.11 -0.35
C PHE B 543 -7.96 -31.49 0.57
N TYR B 544 -8.25 -32.03 1.76
CA TYR B 544 -7.19 -32.44 2.67
C TYR B 544 -6.51 -33.71 2.18
N LEU B 545 -7.29 -34.70 1.74
CA LEU B 545 -6.78 -36.01 1.37
C LEU B 545 -7.20 -36.37 -0.05
N GLY B 546 -7.18 -35.39 -0.95
CA GLY B 546 -7.56 -35.64 -2.33
C GLY B 546 -6.47 -36.22 -3.21
N SER B 547 -5.23 -36.30 -2.71
CA SER B 547 -4.15 -36.83 -3.51
C SER B 547 -4.22 -38.34 -3.64
N ASN B 548 -4.80 -39.01 -2.65
CA ASN B 548 -4.91 -40.47 -2.65
C ASN B 548 -6.37 -40.87 -2.54
N LYS B 549 -6.76 -41.90 -3.29
CA LYS B 549 -8.12 -42.39 -3.30
C LYS B 549 -8.31 -43.69 -2.52
N GLU B 550 -7.24 -44.43 -2.27
CA GLU B 550 -7.36 -45.67 -1.49
C GLU B 550 -7.70 -45.36 -0.04
N LEU B 551 -6.97 -44.43 0.57
CA LEU B 551 -7.27 -44.04 1.94
C LEU B 551 -8.59 -43.27 2.02
N PHE B 552 -8.95 -42.56 0.94
CA PHE B 552 -10.25 -41.89 0.88
C PHE B 552 -11.39 -42.91 0.94
N THR B 553 -11.35 -43.93 0.07
CA THR B 553 -12.38 -44.96 0.08
C THR B 553 -12.32 -45.80 1.34
N TRP B 554 -11.15 -45.92 1.97
CA TRP B 554 -11.07 -46.56 3.27
C TRP B 554 -11.77 -45.73 4.34
N PHE B 555 -11.72 -44.41 4.21
CA PHE B 555 -12.41 -43.54 5.15
C PHE B 555 -13.93 -43.52 4.90
N LYS B 556 -14.35 -43.75 3.65
CA LYS B 556 -15.76 -43.62 3.32
C LYS B 556 -16.61 -44.76 3.87
N ASN B 557 -16.02 -45.89 4.27
CA ASN B 557 -16.81 -47.00 4.74
C ASN B 557 -17.40 -46.77 6.12
N PHE B 558 -16.84 -45.85 6.90
CA PHE B 558 -17.38 -45.51 8.21
C PHE B 558 -18.48 -44.46 8.10
N VAL B 559 -18.17 -43.29 7.56
CA VAL B 559 -19.13 -42.22 7.36
C VAL B 559 -18.90 -41.61 5.98
N GLY B 560 -19.98 -41.26 5.30
CA GLY B 560 -19.88 -40.62 4.01
C GLY B 560 -20.95 -41.14 3.06
N TYR B 561 -20.88 -40.65 1.84
CA TYR B 561 -21.80 -41.05 0.78
C TYR B 561 -21.09 -42.01 -0.17
N GLN B 562 -21.77 -43.11 -0.50
CA GLN B 562 -21.23 -44.09 -1.42
C GLN B 562 -22.21 -44.37 -2.56
N ALA B 585 -25.08 -23.49 -1.81
CA ALA B 585 -26.15 -22.57 -2.13
C ALA B 585 -25.67 -21.45 -3.04
N PHE B 586 -24.78 -20.60 -2.50
CA PHE B 586 -24.23 -19.48 -3.26
C PHE B 586 -22.86 -19.13 -2.70
N GLY B 587 -22.09 -18.39 -3.49
CA GLY B 587 -20.73 -18.05 -3.13
C GLY B 587 -20.64 -16.88 -2.17
N PRO B 588 -19.55 -16.11 -2.26
CA PRO B 588 -19.39 -14.97 -1.35
C PRO B 588 -20.31 -13.80 -1.68
N SER B 589 -20.71 -13.66 -2.94
CA SER B 589 -21.59 -12.57 -3.35
C SER B 589 -23.04 -13.06 -3.31
N TYR B 590 -23.95 -12.21 -3.83
CA TYR B 590 -25.38 -12.50 -3.97
C TYR B 590 -26.01 -12.80 -2.61
N LYS B 591 -25.98 -11.80 -1.73
CA LYS B 591 -26.52 -11.92 -0.39
C LYS B 591 -27.95 -11.42 -0.35
N ARG B 592 -28.78 -12.09 0.46
CA ARG B 592 -30.21 -11.82 0.50
C ARG B 592 -30.51 -10.51 1.24
N LEU B 593 -31.50 -9.74 0.70
CA LEU B 593 -32.13 -8.54 1.23
C LEU B 593 -33.46 -8.89 1.89
N PRO B 594 -33.87 -8.15 2.92
CA PRO B 594 -35.09 -8.51 3.64
C PRO B 594 -36.35 -8.15 2.86
N LYS B 595 -37.49 -8.57 3.40
CA LYS B 595 -38.79 -8.24 2.83
C LYS B 595 -39.38 -6.98 3.46
N SER B 596 -38.59 -5.91 3.49
CA SER B 596 -39.05 -4.65 4.05
C SER B 596 -38.79 -3.51 3.08
N ASP B 597 -37.71 -3.62 2.31
CA ASP B 597 -37.36 -2.62 1.31
C ASP B 597 -37.79 -3.03 -0.10
N THR B 598 -38.47 -4.17 -0.25
CA THR B 598 -38.94 -4.58 -1.56
C THR B 598 -40.08 -3.68 -2.05
N PHE B 599 -40.87 -3.13 -1.13
CA PHE B 599 -41.99 -2.25 -1.49
C PHE B 599 -41.44 -0.89 -1.90
N MET B 600 -40.89 -0.87 -3.12
CA MET B 600 -40.15 0.14 -3.81
C MET B 600 -40.91 0.43 -5.10
N PRO B 601 -41.92 1.31 -5.06
CA PRO B 601 -43.03 1.18 -5.97
C PRO B 601 -42.80 1.50 -7.46
N CYS B 602 -42.67 0.40 -8.22
CA CYS B 602 -42.24 0.38 -9.61
C CYS B 602 -43.49 0.35 -10.49
N SER B 603 -43.76 1.47 -11.15
CA SER B 603 -44.94 1.63 -11.99
C SER B 603 -44.94 0.70 -13.21
N GLY B 604 -46.10 0.17 -13.56
CA GLY B 604 -46.21 -0.73 -14.70
C GLY B 604 -45.90 -2.17 -14.40
N ARG B 605 -45.82 -2.56 -13.13
CA ARG B 605 -45.53 -3.94 -12.78
C ARG B 605 -46.74 -4.81 -13.07
N ASP B 606 -46.53 -5.91 -13.79
CA ASP B 606 -47.61 -6.78 -14.20
C ASP B 606 -47.89 -7.82 -13.10
N ASP B 607 -48.76 -8.78 -13.42
CA ASP B 607 -49.13 -9.82 -12.46
C ASP B 607 -47.95 -10.76 -12.25
N MET B 608 -47.32 -11.22 -13.33
CA MET B 608 -46.21 -12.14 -13.24
C MET B 608 -44.85 -11.46 -13.17
N CYS B 609 -44.81 -10.13 -13.16
CA CYS B 609 -43.55 -9.41 -13.05
C CYS B 609 -42.91 -9.62 -11.67
N TRP B 610 -43.73 -9.62 -10.61
CA TRP B 610 -43.21 -9.91 -9.27
C TRP B 610 -42.82 -11.38 -9.12
N GLU B 611 -43.39 -12.27 -9.91
CA GLU B 611 -43.09 -13.70 -9.77
C GLU B 611 -41.69 -14.03 -10.29
N VAL B 612 -41.29 -13.40 -11.40
CA VAL B 612 -40.01 -13.72 -12.02
C VAL B 612 -38.89 -12.78 -11.60
N LEU B 613 -39.20 -11.64 -11.00
CA LEU B 613 -38.20 -10.66 -10.58
C LEU B 613 -38.18 -10.58 -9.07
N ASN B 614 -36.98 -10.75 -8.49
CA ASN B 614 -36.79 -10.67 -7.04
C ASN B 614 -35.69 -9.67 -6.75
N ASP B 615 -35.97 -8.76 -5.80
CA ASP B 615 -34.99 -7.78 -5.36
C ASP B 615 -34.19 -8.25 -4.15
N GLU B 616 -34.42 -9.48 -3.69
CA GLU B 616 -33.75 -9.96 -2.49
C GLU B 616 -32.28 -10.26 -2.75
N TRP B 617 -31.97 -10.92 -3.87
CA TRP B 617 -30.62 -11.37 -4.16
C TRP B 617 -29.97 -10.39 -5.14
N VAL B 618 -29.10 -9.53 -4.61
CA VAL B 618 -28.35 -8.56 -5.41
C VAL B 618 -26.86 -8.76 -5.15
N GLY B 619 -26.06 -8.27 -6.08
CA GLY B 619 -24.61 -8.41 -5.98
C GLY B 619 -23.93 -7.09 -6.26
N HIS B 620 -22.80 -6.88 -5.58
CA HIS B 620 -22.03 -5.65 -5.67
C HIS B 620 -20.60 -5.96 -6.04
N PRO B 621 -19.95 -5.08 -6.83
CA PRO B 621 -18.52 -5.29 -7.10
C PRO B 621 -17.64 -5.03 -5.90
N VAL B 622 -18.04 -4.12 -5.00
CA VAL B 622 -17.28 -3.88 -3.78
C VAL B 622 -17.38 -5.04 -2.81
N TRP B 623 -18.45 -5.85 -2.91
CA TRP B 623 -18.56 -7.04 -2.07
C TRP B 623 -17.50 -8.08 -2.45
N ALA B 624 -17.27 -8.28 -3.75
CA ALA B 624 -16.23 -9.18 -4.19
C ALA B 624 -14.84 -8.58 -4.05
N SER B 625 -14.72 -7.25 -4.19
CA SER B 625 -13.43 -6.60 -4.05
C SER B 625 -12.98 -6.56 -2.60
N GLU B 626 -13.93 -6.46 -1.65
CA GLU B 626 -13.68 -6.41 -0.21
C GLU B 626 -12.76 -5.24 0.16
N ASP B 627 -13.21 -4.04 -0.20
CA ASP B 627 -12.53 -2.77 0.07
C ASP B 627 -11.11 -2.76 -0.52
N SER B 628 -11.05 -2.89 -1.84
CA SER B 628 -9.78 -2.89 -2.55
C SER B 628 -9.76 -1.97 -3.76
N GLY B 629 -10.85 -1.26 -4.04
CA GLY B 629 -10.91 -0.39 -5.19
C GLY B 629 -11.06 -1.16 -6.50
N PHE B 630 -10.84 -0.45 -7.60
CA PHE B 630 -10.92 -1.02 -8.93
C PHE B 630 -9.68 -0.62 -9.71
N ILE B 631 -9.08 -1.59 -10.40
CA ILE B 631 -7.87 -1.38 -11.18
C ILE B 631 -8.18 -1.69 -12.64
N ALA B 632 -7.86 -0.73 -13.52
CA ALA B 632 -8.08 -0.89 -14.95
C ALA B 632 -6.86 -1.53 -15.60
N HIS B 633 -7.10 -2.52 -16.46
CA HIS B 633 -6.02 -3.22 -17.15
C HIS B 633 -5.58 -2.38 -18.34
N ARG B 634 -4.53 -1.58 -18.13
CA ARG B 634 -3.99 -0.70 -19.15
C ARG B 634 -2.72 -1.28 -19.75
N LYS B 635 -2.47 -0.92 -21.01
CA LYS B 635 -1.30 -1.38 -21.74
C LYS B 635 -0.24 -0.28 -21.77
N ASN B 636 0.79 -0.48 -22.58
CA ASN B 636 1.90 0.46 -22.67
C ASN B 636 1.50 1.66 -23.53
N GLN B 637 2.50 2.49 -23.87
CA GLN B 637 2.23 3.75 -24.56
C GLN B 637 1.77 3.56 -26.00
N TYR B 638 2.10 2.44 -26.63
CA TYR B 638 1.68 2.19 -28.00
C TYR B 638 0.16 2.06 -28.10
N GLU B 639 -0.42 1.19 -27.27
CA GLU B 639 -1.87 1.07 -27.22
C GLU B 639 -2.52 2.33 -26.66
N GLU B 640 -1.82 3.05 -25.78
CA GLU B 640 -2.36 4.29 -25.23
C GLU B 640 -2.55 5.34 -26.31
N THR B 641 -1.52 5.55 -27.14
CA THR B 641 -1.68 6.53 -28.22
C THR B 641 -2.59 5.99 -29.33
N LEU B 642 -2.66 4.66 -29.50
CA LEU B 642 -3.63 4.10 -30.43
C LEU B 642 -5.05 4.41 -29.99
N PHE B 643 -5.35 4.23 -28.71
CA PHE B 643 -6.68 4.57 -28.20
C PHE B 643 -6.94 6.07 -28.22
N LYS B 644 -5.89 6.89 -28.03
CA LYS B 644 -6.04 8.33 -28.10
C LYS B 644 -6.45 8.79 -29.50
N ILE B 645 -5.72 8.35 -30.53
CA ILE B 645 -6.12 8.68 -31.89
C ILE B 645 -7.41 7.97 -32.31
N GLU B 646 -7.75 6.84 -31.68
CA GLU B 646 -9.02 6.18 -31.97
C GLU B 646 -10.20 7.00 -31.46
N GLU B 647 -10.09 7.54 -30.25
CA GLU B 647 -11.17 8.38 -29.74
C GLU B 647 -11.18 9.75 -30.42
N GLU B 648 -10.02 10.21 -30.90
CA GLU B 648 -10.00 11.39 -31.76
C GLU B 648 -10.79 11.15 -33.05
N ARG B 649 -10.56 9.98 -33.67
CA ARG B 649 -11.33 9.59 -34.85
C ARG B 649 -12.82 9.51 -34.55
N HIS B 650 -13.17 8.92 -33.40
CA HIS B 650 -14.56 8.80 -33.00
C HIS B 650 -15.22 10.17 -32.85
N GLU B 651 -14.54 11.10 -32.15
CA GLU B 651 -15.13 12.41 -31.92
C GLU B 651 -15.27 13.19 -33.22
N TYR B 652 -14.25 13.15 -34.09
CA TYR B 652 -14.33 13.92 -35.32
C TYR B 652 -15.38 13.34 -36.27
N ASP B 653 -15.44 12.00 -36.36
CA ASP B 653 -16.43 11.37 -37.22
C ASP B 653 -17.85 11.61 -36.71
N PHE B 654 -18.06 11.55 -35.39
CA PHE B 654 -19.36 11.86 -34.83
C PHE B 654 -19.74 13.31 -35.07
N TYR B 655 -18.77 14.24 -34.97
CA TYR B 655 -19.03 15.64 -35.24
C TYR B 655 -19.46 15.86 -36.69
N ILE B 656 -18.74 15.26 -37.64
CA ILE B 656 -19.05 15.52 -39.05
C ILE B 656 -20.35 14.83 -39.45
N GLU B 657 -20.64 13.65 -38.87
CA GLU B 657 -21.89 12.99 -39.22
C GLU B 657 -23.10 13.70 -38.60
N SER B 658 -22.94 14.25 -37.39
CA SER B 658 -24.00 15.07 -36.82
C SER B 658 -24.20 16.34 -37.62
N ASN B 659 -23.09 16.92 -38.12
CA ASN B 659 -23.19 18.10 -38.96
C ASN B 659 -23.95 17.81 -40.25
N LEU B 660 -23.63 16.71 -40.94
CA LEU B 660 -24.32 16.41 -42.19
C LEU B 660 -25.77 15.97 -41.96
N ARG B 661 -26.04 15.32 -40.84
CA ARG B 661 -27.42 15.01 -40.48
C ARG B 661 -28.22 16.28 -40.24
N THR B 662 -27.59 17.29 -39.63
CA THR B 662 -28.28 18.57 -39.46
C THR B 662 -28.41 19.33 -40.77
N ILE B 663 -27.46 19.15 -41.70
CA ILE B 663 -27.63 19.69 -43.06
C ILE B 663 -28.88 19.12 -43.71
N GLN B 664 -29.04 17.80 -43.69
CA GLN B 664 -30.20 17.20 -44.33
C GLN B 664 -31.49 17.53 -43.57
N CYS B 665 -31.42 17.64 -42.24
CA CYS B 665 -32.61 17.97 -41.46
C CYS B 665 -33.06 19.41 -41.70
N LEU B 666 -32.13 20.35 -41.75
CA LEU B 666 -32.49 21.74 -42.00
C LEU B 666 -32.85 21.98 -43.46
N GLU B 667 -32.33 21.16 -44.37
CA GLU B 667 -32.76 21.24 -45.76
C GLU B 667 -34.12 20.59 -45.99
N THR B 668 -34.54 19.69 -45.09
CA THR B 668 -35.87 19.10 -45.20
C THR B 668 -36.97 20.10 -44.88
N ILE B 669 -36.76 20.97 -43.89
CA ILE B 669 -37.85 21.80 -43.36
C ILE B 669 -37.82 23.23 -43.91
N VAL B 670 -37.19 23.44 -45.07
CA VAL B 670 -37.24 24.74 -45.72
C VAL B 670 -38.08 24.71 -47.00
N ASN B 671 -38.06 23.63 -47.76
CA ASN B 671 -38.85 23.57 -48.99
C ASN B 671 -40.33 23.41 -48.70
N LYS B 672 -40.68 22.84 -47.55
CA LYS B 672 -42.08 22.61 -47.24
C LYS B 672 -42.81 23.90 -46.84
N ILE B 673 -42.10 24.92 -46.36
CA ILE B 673 -42.72 26.19 -46.03
C ILE B 673 -42.23 27.35 -46.88
N GLU B 674 -41.28 27.13 -47.80
CA GLU B 674 -40.83 28.18 -48.70
C GLU B 674 -41.55 28.21 -50.03
N ASN B 675 -42.40 27.21 -50.31
CA ASN B 675 -42.87 27.00 -51.67
C ASN B 675 -44.09 27.85 -52.01
N MET B 676 -45.10 27.89 -51.14
CA MET B 676 -46.41 28.42 -51.51
C MET B 676 -46.60 29.88 -51.13
N THR B 677 -46.59 30.19 -49.83
CA THR B 677 -47.01 31.50 -49.36
C THR B 677 -45.98 32.03 -48.36
N GLU B 678 -46.29 33.18 -47.77
CA GLU B 678 -45.40 33.84 -46.82
C GLU B 678 -46.03 34.08 -45.46
N ASN B 679 -47.36 33.99 -45.34
CA ASN B 679 -48.01 34.17 -44.04
C ASN B 679 -47.64 33.04 -43.08
N GLU B 680 -47.52 31.81 -43.60
CA GLU B 680 -47.10 30.69 -42.78
C GLU B 680 -45.62 30.74 -42.41
N LYS B 681 -44.82 31.51 -43.15
CA LYS B 681 -43.41 31.69 -42.78
C LYS B 681 -43.27 32.42 -41.44
N ALA B 682 -44.06 33.47 -41.23
CA ALA B 682 -43.95 34.26 -40.02
C ALA B 682 -44.48 33.51 -38.81
N ASN B 683 -45.56 32.75 -38.99
CA ASN B 683 -46.18 31.98 -37.91
C ASN B 683 -46.04 30.49 -38.24
N PHE B 684 -44.98 29.88 -37.73
CA PHE B 684 -44.70 28.45 -37.89
C PHE B 684 -44.32 27.85 -36.55
N LYS B 685 -45.15 28.12 -35.53
CA LYS B 685 -44.90 27.61 -34.20
C LYS B 685 -44.94 26.09 -34.19
N LEU B 686 -43.90 25.48 -33.63
CA LEU B 686 -43.73 24.03 -33.64
C LEU B 686 -43.39 23.53 -32.25
N PRO B 687 -43.84 22.32 -31.91
CA PRO B 687 -43.36 21.69 -30.67
C PRO B 687 -41.91 21.29 -30.80
N PRO B 688 -41.19 21.17 -29.69
CA PRO B 688 -39.79 20.71 -29.75
C PRO B 688 -39.70 19.31 -30.34
N GLY B 689 -38.67 19.09 -31.16
CA GLY B 689 -38.47 17.85 -31.87
C GLY B 689 -38.30 18.01 -33.37
N LEU B 690 -38.69 19.18 -33.91
CA LEU B 690 -38.56 19.51 -35.34
C LEU B 690 -39.28 18.51 -36.23
N GLY B 691 -40.43 18.01 -35.76
CA GLY B 691 -41.23 17.10 -36.53
C GLY B 691 -40.63 15.72 -36.72
N HIS B 692 -39.73 15.31 -35.83
CA HIS B 692 -39.06 14.02 -35.93
C HIS B 692 -39.13 13.31 -34.59
N THR B 693 -38.70 12.05 -34.59
CA THR B 693 -38.60 11.27 -33.36
C THR B 693 -37.38 11.63 -32.53
N SER B 694 -36.45 12.42 -33.08
CA SER B 694 -35.27 12.85 -32.37
C SER B 694 -35.63 13.96 -31.38
N MET B 695 -34.90 13.98 -30.25
CA MET B 695 -35.21 14.90 -29.17
C MET B 695 -33.98 15.47 -28.49
N THR B 696 -32.76 15.19 -28.97
CA THR B 696 -31.57 15.70 -28.30
C THR B 696 -30.45 16.18 -29.22
N ILE B 697 -30.48 15.90 -30.52
CA ILE B 697 -29.28 16.03 -31.34
C ILE B 697 -29.06 17.47 -31.78
N TYR B 698 -30.12 18.17 -32.19
CA TYR B 698 -29.94 19.51 -32.76
C TYR B 698 -29.54 20.51 -31.69
N LYS B 699 -30.11 20.43 -30.49
CA LYS B 699 -29.63 21.27 -29.40
C LYS B 699 -28.20 20.93 -29.02
N LYS B 700 -27.82 19.66 -29.13
CA LYS B 700 -26.45 19.25 -28.85
C LYS B 700 -25.46 19.90 -29.81
N VAL B 701 -25.79 19.91 -31.10
CA VAL B 701 -24.84 20.50 -32.04
C VAL B 701 -24.86 22.02 -32.00
N ILE B 702 -26.00 22.63 -31.63
CA ILE B 702 -26.00 24.08 -31.40
C ILE B 702 -25.12 24.43 -30.20
N ARG B 703 -25.16 23.61 -29.14
CA ARG B 703 -24.25 23.82 -28.01
C ARG B 703 -22.80 23.60 -28.43
N LYS B 704 -22.56 22.65 -29.33
CA LYS B 704 -21.19 22.36 -29.75
C LYS B 704 -20.61 23.49 -30.60
N VAL B 705 -21.39 24.05 -31.53
CA VAL B 705 -20.84 25.01 -32.49
C VAL B 705 -20.97 26.46 -32.03
N TYR B 706 -21.59 26.71 -30.89
CA TYR B 706 -21.77 28.08 -30.40
C TYR B 706 -21.15 28.22 -29.01
N ASP B 707 -21.38 29.38 -28.40
CA ASP B 707 -20.79 29.71 -27.11
C ASP B 707 -21.49 28.98 -25.97
N LYS B 708 -21.06 29.26 -24.75
CA LYS B 708 -21.65 28.63 -23.57
C LYS B 708 -23.02 29.21 -23.25
N GLU B 709 -23.22 30.51 -23.50
CA GLU B 709 -24.47 31.16 -23.18
C GLU B 709 -25.36 31.44 -24.39
N ARG B 710 -24.79 31.41 -25.60
CA ARG B 710 -25.55 31.76 -26.79
C ARG B 710 -26.50 30.65 -27.21
N GLY B 711 -26.07 29.39 -27.07
CA GLY B 711 -26.76 28.28 -27.72
C GLY B 711 -28.19 28.10 -27.26
N PHE B 712 -28.46 28.40 -25.98
CA PHE B 712 -29.83 28.32 -25.47
C PHE B 712 -30.75 29.30 -26.19
N GLU B 713 -30.31 30.54 -26.41
CA GLU B 713 -31.20 31.48 -27.07
C GLU B 713 -31.21 31.31 -28.59
N ILE B 714 -30.14 30.76 -29.20
CA ILE B 714 -30.27 30.36 -30.60
C ILE B 714 -31.30 29.25 -30.77
N ILE B 715 -31.27 28.23 -29.91
CA ILE B 715 -32.22 27.14 -30.09
C ILE B 715 -33.62 27.57 -29.67
N ASP B 716 -33.74 28.54 -28.75
CA ASP B 716 -35.05 29.06 -28.39
C ASP B 716 -35.65 29.89 -29.53
N ALA B 717 -34.82 30.69 -30.18
CA ALA B 717 -35.30 31.44 -31.33
C ALA B 717 -35.75 30.46 -32.38
N LEU B 718 -34.88 29.52 -32.70
CA LEU B 718 -35.22 28.50 -33.69
C LEU B 718 -36.56 27.87 -33.38
N HIS B 719 -36.76 27.45 -32.14
CA HIS B 719 -38.00 26.78 -31.78
C HIS B 719 -39.21 27.71 -31.93
N GLU B 720 -39.10 28.95 -31.44
CA GLU B 720 -40.23 29.86 -31.42
C GLU B 720 -40.38 30.68 -32.70
N HIS B 721 -39.38 30.68 -33.58
CA HIS B 721 -39.44 31.48 -34.81
C HIS B 721 -38.54 30.84 -35.87
N PRO B 722 -39.04 29.85 -36.59
CA PRO B 722 -38.29 29.28 -37.71
C PRO B 722 -38.51 30.13 -38.96
N ALA B 723 -37.89 29.67 -40.07
CA ALA B 723 -37.92 30.29 -41.40
C ALA B 723 -37.33 31.69 -41.42
N VAL B 724 -36.66 32.12 -40.35
CA VAL B 724 -35.94 33.39 -40.30
C VAL B 724 -34.48 33.18 -39.93
N THR B 725 -34.22 32.48 -38.83
CA THR B 725 -32.87 32.12 -38.42
C THR B 725 -32.39 30.82 -39.03
N ALA B 726 -33.24 30.12 -39.78
CA ALA B 726 -32.82 28.89 -40.46
C ALA B 726 -31.76 29.13 -41.54
N PRO B 727 -31.86 30.13 -42.45
CA PRO B 727 -30.77 30.32 -43.42
C PRO B 727 -29.42 30.66 -42.80
N VAL B 728 -29.39 31.45 -41.73
CA VAL B 728 -28.09 31.78 -41.14
C VAL B 728 -27.55 30.63 -40.30
N VAL B 729 -28.41 29.83 -39.68
CA VAL B 729 -27.91 28.66 -38.96
C VAL B 729 -27.50 27.57 -39.95
N LEU B 730 -27.98 27.62 -41.18
CA LEU B 730 -27.43 26.77 -42.23
C LEU B 730 -26.12 27.32 -42.78
N LYS B 731 -26.00 28.65 -42.83
CA LYS B 731 -24.77 29.29 -43.29
C LYS B 731 -23.61 29.05 -42.33
N ARG B 732 -23.89 29.06 -41.02
CA ARG B 732 -22.90 28.76 -39.99
C ARG B 732 -22.74 27.24 -39.77
N LEU B 733 -23.27 26.43 -40.68
CA LEU B 733 -23.16 24.98 -40.56
C LEU B 733 -22.71 24.31 -41.85
N LYS B 734 -22.79 24.98 -42.99
CA LYS B 734 -22.31 24.44 -44.26
C LYS B 734 -20.80 24.62 -44.46
N GLN B 735 -20.29 25.84 -44.28
CA GLN B 735 -18.86 26.06 -44.46
C GLN B 735 -18.07 25.43 -43.32
N LYS B 736 -18.66 25.34 -42.12
CA LYS B 736 -18.05 24.59 -41.03
C LYS B 736 -17.97 23.11 -41.40
N ASP B 737 -19.02 22.58 -42.03
CA ASP B 737 -19.01 21.18 -42.46
C ASP B 737 -17.95 20.93 -43.52
N GLU B 738 -17.79 21.86 -44.48
CA GLU B 738 -16.80 21.62 -45.53
C GLU B 738 -15.38 21.78 -45.01
N GLU B 739 -15.13 22.74 -44.10
CA GLU B 739 -13.81 22.84 -43.48
C GLU B 739 -13.51 21.62 -42.62
N TRP B 740 -14.53 21.12 -41.90
CA TRP B 740 -14.38 19.90 -41.13
C TRP B 740 -14.09 18.71 -42.04
N ARG B 741 -14.71 18.67 -43.22
CA ARG B 741 -14.46 17.58 -44.15
C ARG B 741 -13.04 17.62 -44.70
N ARG B 742 -12.55 18.81 -45.06
CA ARG B 742 -11.17 18.91 -45.56
C ARG B 742 -10.15 18.56 -44.47
N ALA B 743 -10.36 19.09 -43.26
CA ALA B 743 -9.45 18.77 -42.16
C ALA B 743 -9.57 17.30 -41.75
N GLN B 744 -10.75 16.70 -41.92
CA GLN B 744 -10.92 15.28 -41.66
C GLN B 744 -10.20 14.44 -42.71
N ARG B 745 -10.17 14.90 -43.96
CA ARG B 745 -9.43 14.18 -45.00
C ARG B 745 -7.93 14.21 -44.73
N GLU B 746 -7.38 15.38 -44.37
CA GLU B 746 -5.94 15.40 -44.07
C GLU B 746 -5.63 14.69 -42.77
N TRP B 747 -6.55 14.76 -41.78
CA TRP B 747 -6.41 14.00 -40.55
C TRP B 747 -6.42 12.50 -40.81
N ASN B 748 -7.27 12.05 -41.74
CA ASN B 748 -7.31 10.64 -42.09
C ASN B 748 -6.06 10.22 -42.85
N LYS B 749 -5.47 11.13 -43.63
CA LYS B 749 -4.20 10.83 -44.29
C LYS B 749 -3.09 10.58 -43.26
N VAL B 750 -2.91 11.52 -42.32
CA VAL B 750 -1.86 11.33 -41.32
C VAL B 750 -2.23 10.17 -40.39
N TRP B 751 -3.53 9.95 -40.17
CA TRP B 751 -3.99 8.82 -39.37
C TRP B 751 -3.61 7.50 -40.01
N ARG B 752 -3.84 7.35 -41.32
CA ARG B 752 -3.49 6.11 -42.00
C ARG B 752 -1.99 5.91 -42.04
N GLU B 753 -1.24 7.01 -42.19
CA GLU B 753 0.22 6.93 -42.04
C GLU B 753 0.62 6.47 -40.64
N LEU B 754 -0.19 6.78 -39.63
CA LEU B 754 0.08 6.29 -38.28
C LEU B 754 -0.27 4.81 -38.14
N GLU B 755 -1.45 4.40 -38.64
CA GLU B 755 -1.84 2.98 -38.57
C GLU B 755 -0.87 2.07 -39.30
N GLN B 756 -0.24 2.55 -40.38
CA GLN B 756 0.74 1.76 -41.11
C GLN B 756 1.92 1.31 -40.24
N LYS B 757 2.18 1.98 -39.13
CA LYS B 757 3.21 1.57 -38.18
C LYS B 757 2.63 1.00 -36.89
N VAL B 758 1.51 1.54 -36.40
CA VAL B 758 1.02 1.21 -35.06
C VAL B 758 -0.12 0.19 -35.07
N PHE B 759 -0.54 -0.32 -36.24
CA PHE B 759 -1.63 -1.29 -36.24
C PHE B 759 -1.14 -2.64 -35.70
N PHE B 760 0.03 -3.09 -36.14
CA PHE B 760 0.56 -4.37 -35.70
C PHE B 760 1.33 -4.26 -34.39
N LYS B 761 1.85 -3.08 -34.04
CA LYS B 761 2.55 -2.92 -32.78
C LYS B 761 1.61 -3.00 -31.59
N SER B 762 0.36 -2.57 -31.76
CA SER B 762 -0.62 -2.66 -30.69
C SER B 762 -1.09 -4.08 -30.43
N LEU B 763 -0.90 -4.97 -31.40
CA LEU B 763 -1.30 -6.37 -31.25
C LEU B 763 -0.25 -7.21 -30.53
N ASP B 764 0.89 -6.63 -30.19
CA ASP B 764 1.97 -7.33 -29.52
C ASP B 764 2.05 -6.87 -28.06
N HIS B 765 2.01 -7.82 -27.14
CA HIS B 765 2.18 -7.55 -25.72
C HIS B 765 3.30 -8.34 -25.07
N LEU B 766 3.70 -9.49 -25.64
CA LEU B 766 4.80 -10.27 -25.10
C LEU B 766 6.03 -10.27 -26.00
N GLY B 767 5.88 -9.95 -27.29
CA GLY B 767 7.02 -9.85 -28.17
C GLY B 767 7.82 -8.58 -27.98
N LEU B 768 7.18 -7.51 -27.53
CA LEU B 768 7.90 -6.28 -27.22
C LEU B 768 8.79 -6.46 -26.00
N THR B 769 8.33 -7.23 -25.03
CA THR B 769 9.13 -7.56 -23.85
C THR B 769 9.97 -8.82 -24.05
N PHE B 770 9.93 -9.43 -25.23
CA PHE B 770 10.71 -10.63 -25.49
C PHE B 770 12.21 -10.33 -25.58
N LYS B 771 12.57 -9.08 -25.90
CA LYS B 771 13.98 -8.70 -25.90
C LYS B 771 14.58 -8.74 -24.50
N GLN B 772 13.85 -8.22 -23.52
CA GLN B 772 14.32 -8.27 -22.14
C GLN B 772 14.14 -9.66 -21.53
N ALA B 773 13.15 -10.41 -22.01
CA ALA B 773 12.90 -11.74 -21.44
C ALA B 773 13.95 -12.74 -21.86
N ASP B 774 14.36 -12.73 -23.13
CA ASP B 774 15.32 -13.71 -23.63
C ASP B 774 16.71 -13.52 -23.04
N LYS B 775 16.98 -12.38 -22.40
CA LYS B 775 18.25 -12.18 -21.72
C LYS B 775 18.28 -12.82 -20.33
N LYS B 776 17.13 -13.22 -19.79
CA LYS B 776 17.06 -13.74 -18.44
C LYS B 776 16.50 -15.15 -18.32
N LEU B 777 15.72 -15.63 -19.28
CA LEU B 777 15.23 -17.01 -19.27
C LEU B 777 16.05 -17.93 -20.17
N LEU B 778 17.17 -17.45 -20.71
CA LEU B 778 18.08 -18.29 -21.48
C LEU B 778 19.33 -18.67 -20.69
N THR B 779 19.36 -18.36 -19.40
CA THR B 779 20.50 -18.73 -18.56
C THR B 779 20.41 -20.19 -18.15
N THR B 780 21.51 -20.69 -17.60
CA THR B 780 21.57 -22.10 -17.22
C THR B 780 20.77 -22.40 -15.94
N LYS B 781 20.65 -21.41 -15.05
CA LYS B 781 19.96 -21.63 -13.78
C LYS B 781 18.47 -21.88 -13.99
N GLN B 782 17.85 -21.12 -14.90
CA GLN B 782 16.43 -21.32 -15.20
C GLN B 782 16.19 -22.69 -15.80
N LEU B 783 17.08 -23.15 -16.69
CA LEU B 783 16.91 -24.46 -17.32
C LEU B 783 17.13 -25.59 -16.33
N ILE B 784 18.13 -25.48 -15.45
CA ILE B 784 18.34 -26.56 -14.49
C ILE B 784 17.23 -26.59 -13.46
N SER B 785 16.68 -25.43 -13.06
CA SER B 785 15.50 -25.43 -12.21
C SER B 785 14.30 -26.04 -12.92
N GLU B 786 14.18 -25.77 -14.22
CA GLU B 786 13.07 -26.31 -15.01
C GLU B 786 13.13 -27.84 -15.06
N ILE B 787 14.31 -28.41 -15.35
CA ILE B 787 14.37 -29.88 -15.47
C ILE B 787 14.25 -30.51 -14.08
N SER B 788 14.83 -29.86 -13.04
CA SER B 788 14.74 -30.40 -11.70
C SER B 788 13.31 -30.35 -11.16
N SER B 789 12.46 -29.47 -11.72
CA SER B 789 11.05 -29.46 -11.34
C SER B 789 10.38 -30.79 -11.65
N ILE B 790 10.47 -31.25 -12.91
CA ILE B 790 9.88 -32.55 -13.23
C ILE B 790 10.72 -33.68 -12.65
N LYS B 791 12.00 -33.45 -12.36
CA LYS B 791 12.80 -34.48 -11.71
C LYS B 791 12.30 -34.79 -10.30
N VAL B 792 12.03 -33.76 -9.50
CA VAL B 792 11.43 -33.98 -8.19
C VAL B 792 9.93 -34.26 -8.26
N ASP B 793 9.28 -33.98 -9.40
CA ASP B 793 7.91 -34.45 -9.60
C ASP B 793 7.88 -35.97 -9.82
N GLN B 794 8.89 -36.50 -10.51
CA GLN B 794 9.01 -37.93 -10.70
C GLN B 794 9.59 -38.62 -9.47
N THR B 795 10.36 -37.89 -8.66
CA THR B 795 11.06 -38.50 -7.53
C THR B 795 10.08 -38.94 -6.44
N ASN B 796 9.16 -38.06 -6.05
CA ASN B 796 8.23 -38.38 -4.97
C ASN B 796 7.11 -39.29 -5.49
N LYS B 797 6.27 -39.74 -4.56
CA LYS B 797 5.16 -40.70 -4.72
C LYS B 797 5.50 -41.89 -5.62
N LYS B 798 6.75 -42.36 -5.54
CA LYS B 798 7.18 -43.52 -6.31
C LYS B 798 8.06 -44.45 -5.48
N ILE B 799 7.99 -44.36 -4.16
CA ILE B 799 8.82 -45.13 -3.25
C ILE B 799 7.94 -46.10 -2.47
N HIS B 800 8.46 -47.30 -2.24
CA HIS B 800 7.89 -48.41 -1.47
C HIS B 800 6.68 -49.05 -2.13
N TRP B 801 6.23 -48.56 -3.29
CA TRP B 801 5.17 -49.23 -4.03
C TRP B 801 5.41 -49.29 -5.53
N LEU B 802 6.49 -48.68 -6.03
CA LEU B 802 6.78 -48.68 -7.46
C LEU B 802 8.27 -48.53 -7.66
N THR B 803 8.71 -48.86 -8.88
CA THR B 803 10.11 -48.75 -9.27
C THR B 803 10.29 -47.60 -10.24
N PRO B 804 11.21 -46.67 -9.97
CA PRO B 804 11.43 -45.56 -10.91
C PRO B 804 12.06 -46.05 -12.21
N LYS B 805 11.41 -45.72 -13.33
CA LYS B 805 11.90 -46.15 -14.62
C LYS B 805 13.15 -45.37 -15.02
N PRO B 806 14.11 -46.01 -15.69
CA PRO B 806 15.27 -45.26 -16.20
C PRO B 806 14.91 -44.22 -17.24
N LYS B 807 13.88 -44.46 -18.05
CA LYS B 807 13.42 -43.46 -19.00
C LYS B 807 12.69 -42.34 -18.29
N SER B 808 12.91 -41.12 -18.75
CA SER B 808 12.37 -39.92 -18.11
C SER B 808 11.45 -39.19 -19.07
N GLN B 809 10.89 -38.08 -18.58
CA GLN B 809 9.99 -37.23 -19.35
C GLN B 809 10.81 -36.16 -20.07
N LEU B 810 10.13 -35.11 -20.57
CA LEU B 810 10.75 -34.00 -21.30
C LEU B 810 11.46 -34.49 -22.57
N ASP B 811 10.82 -35.42 -23.28
CA ASP B 811 11.38 -35.94 -24.52
C ASP B 811 11.25 -34.93 -25.64
N PHE B 812 12.12 -35.05 -26.63
CA PHE B 812 12.14 -34.18 -27.80
C PHE B 812 12.02 -35.00 -29.06
N ASP B 813 11.14 -34.59 -29.97
CA ASP B 813 10.87 -35.31 -31.20
C ASP B 813 11.45 -34.58 -32.39
N PHE B 814 12.10 -35.33 -33.28
CA PHE B 814 12.71 -34.79 -34.48
C PHE B 814 12.06 -35.43 -35.70
N PRO B 815 11.05 -34.80 -36.30
CA PRO B 815 10.35 -35.46 -37.42
C PRO B 815 11.15 -35.46 -38.72
N ASP B 816 11.85 -34.36 -39.02
CA ASP B 816 12.59 -34.23 -40.27
C ASP B 816 14.04 -33.90 -39.97
N LYS B 817 14.88 -34.03 -41.00
CA LYS B 817 16.32 -33.84 -40.86
C LYS B 817 16.84 -32.63 -41.63
N ASN B 818 15.99 -31.93 -42.37
CA ASN B 818 16.43 -30.75 -43.10
C ASN B 818 16.65 -29.53 -42.20
N ILE B 819 16.15 -29.58 -40.96
CA ILE B 819 16.33 -28.47 -40.03
C ILE B 819 17.66 -28.55 -39.31
N PHE B 820 18.39 -29.65 -39.44
CA PHE B 820 19.69 -29.78 -38.82
C PHE B 820 20.79 -29.03 -39.56
N TYR B 821 20.51 -28.51 -40.76
CA TYR B 821 21.53 -27.87 -41.58
C TYR B 821 21.28 -26.38 -41.82
N ASP B 822 20.02 -25.97 -42.00
CA ASP B 822 19.71 -24.60 -42.43
C ASP B 822 20.11 -23.57 -41.38
N ILE B 823 19.96 -23.90 -40.09
CA ILE B 823 20.40 -23.01 -39.03
C ILE B 823 21.91 -22.79 -39.10
N LEU B 824 22.64 -23.77 -39.63
CA LEU B 824 24.09 -23.61 -39.77
C LEU B 824 24.41 -22.61 -40.86
N CYS B 825 23.50 -22.45 -41.85
CA CYS B 825 23.63 -21.39 -42.83
C CYS B 825 23.58 -20.00 -42.18
N LEU B 826 22.93 -19.88 -41.03
CA LEU B 826 23.09 -18.69 -40.21
C LEU B 826 24.37 -18.71 -39.39
N ALA B 827 24.72 -19.88 -38.84
CA ALA B 827 25.77 -19.97 -37.83
C ALA B 827 27.12 -19.54 -38.39
N ASP B 828 27.51 -20.09 -39.54
CA ASP B 828 28.73 -19.62 -40.20
C ASP B 828 28.60 -18.15 -40.58
N THR B 829 27.42 -17.74 -41.04
CA THR B 829 27.16 -16.35 -41.37
C THR B 829 27.32 -15.46 -40.15
N PHE B 830 27.14 -16.02 -38.95
CA PHE B 830 27.45 -15.25 -37.75
C PHE B 830 28.95 -15.08 -37.57
N ILE B 831 29.72 -16.17 -37.64
CA ILE B 831 31.09 -16.07 -37.14
C ILE B 831 32.02 -15.48 -38.18
N THR B 832 31.61 -15.45 -39.45
CA THR B 832 32.31 -14.64 -40.44
C THR B 832 31.99 -13.16 -40.25
N HIS B 833 30.78 -12.84 -39.76
CA HIS B 833 30.43 -11.45 -39.51
C HIS B 833 31.06 -10.94 -38.23
N THR B 834 31.18 -11.79 -37.21
CA THR B 834 31.72 -11.37 -35.93
C THR B 834 33.24 -11.23 -36.02
N THR B 835 33.72 -10.05 -35.67
CA THR B 835 35.15 -9.76 -35.67
C THR B 835 35.82 -10.01 -34.32
N ALA B 836 35.06 -10.43 -33.31
CA ALA B 836 35.65 -10.69 -32.00
C ALA B 836 36.50 -11.95 -32.03
N TYR B 837 36.04 -12.99 -32.71
CA TYR B 837 36.79 -14.23 -32.81
C TYR B 837 37.97 -14.07 -33.75
N SER B 838 38.96 -14.94 -33.58
CA SER B 838 40.19 -14.90 -34.36
C SER B 838 39.99 -15.66 -35.68
N ASN B 839 41.09 -15.87 -36.42
CA ASN B 839 40.99 -16.58 -37.69
C ASN B 839 40.67 -18.07 -37.53
N PRO B 840 41.44 -18.89 -36.80
CA PRO B 840 41.14 -20.32 -36.78
C PRO B 840 39.97 -20.70 -35.88
N ASP B 841 39.45 -19.76 -35.08
CA ASP B 841 38.32 -20.06 -34.21
C ASP B 841 37.08 -20.41 -35.01
N LYS B 842 36.83 -19.70 -36.11
CA LYS B 842 35.66 -19.97 -36.95
C LYS B 842 35.72 -21.36 -37.57
N GLU B 843 36.88 -21.72 -38.14
CA GLU B 843 37.01 -23.02 -38.78
C GLU B 843 37.02 -24.16 -37.76
N ARG B 844 37.60 -23.96 -36.57
CA ARG B 844 37.54 -25.02 -35.57
C ARG B 844 36.14 -25.18 -35.00
N LEU B 845 35.38 -24.08 -34.88
CA LEU B 845 33.99 -24.17 -34.45
C LEU B 845 33.15 -24.91 -35.46
N LYS B 846 33.36 -24.61 -36.75
CA LYS B 846 32.66 -25.35 -37.80
C LYS B 846 33.03 -26.83 -37.79
N ASP B 847 34.31 -27.14 -37.55
CA ASP B 847 34.76 -28.52 -37.51
C ASP B 847 34.11 -29.29 -36.36
N LEU B 848 34.09 -28.71 -35.16
CA LEU B 848 33.50 -29.42 -34.02
C LEU B 848 31.99 -29.55 -34.18
N LEU B 849 31.34 -28.52 -34.76
CA LEU B 849 29.89 -28.59 -34.92
C LEU B 849 29.52 -29.64 -35.96
N LYS B 850 30.31 -29.73 -37.04
CA LYS B 850 30.12 -30.83 -37.99
C LYS B 850 30.41 -32.17 -37.34
N TYR B 851 31.30 -32.21 -36.33
CA TYR B 851 31.53 -33.45 -35.60
C TYR B 851 30.28 -33.89 -34.84
N PHE B 852 29.62 -32.96 -34.12
CA PHE B 852 28.39 -33.39 -33.45
C PHE B 852 27.24 -33.62 -34.43
N ILE B 853 27.29 -33.01 -35.62
CA ILE B 853 26.34 -33.38 -36.67
C ILE B 853 26.59 -34.81 -37.12
N SER B 854 27.86 -35.21 -37.22
CA SER B 854 28.21 -36.53 -37.74
C SER B 854 27.89 -37.64 -36.75
N LEU B 855 28.24 -37.46 -35.47
CA LEU B 855 28.19 -38.65 -34.62
C LEU B 855 26.89 -38.76 -33.83
N PHE B 856 26.26 -37.64 -33.46
CA PHE B 856 25.06 -37.71 -32.63
C PHE B 856 23.84 -38.16 -33.42
N PHE B 857 23.65 -37.64 -34.62
CA PHE B 857 22.49 -37.98 -35.43
C PHE B 857 22.73 -39.15 -36.37
N SER B 858 23.96 -39.70 -36.37
CA SER B 858 24.35 -40.84 -37.22
C SER B 858 24.10 -40.56 -38.70
N ILE B 859 24.39 -39.32 -39.12
CA ILE B 859 24.26 -38.90 -40.50
C ILE B 859 25.66 -38.58 -41.03
N SER B 860 26.03 -39.19 -42.15
CA SER B 860 27.36 -38.98 -42.71
C SER B 860 27.50 -37.58 -43.30
N PHE B 861 26.71 -37.28 -44.32
CA PHE B 861 26.75 -35.98 -44.97
C PHE B 861 25.45 -35.75 -45.73
N GLU B 862 24.98 -34.51 -45.72
CA GLU B 862 23.78 -34.12 -46.45
C GLU B 862 23.97 -32.72 -47.02
N LYS B 863 23.20 -32.42 -48.06
CA LYS B 863 23.27 -31.11 -48.69
C LYS B 863 22.72 -30.03 -47.77
N ILE B 864 23.42 -28.88 -47.73
CA ILE B 864 22.98 -27.78 -46.89
C ILE B 864 21.79 -27.09 -47.53
N GLU B 865 20.73 -26.91 -46.76
CA GLU B 865 19.50 -26.29 -47.24
C GLU B 865 19.49 -24.80 -46.90
N GLU B 866 19.19 -23.97 -47.89
CA GLU B 866 19.12 -22.53 -47.68
C GLU B 866 17.83 -22.15 -46.97
N ILE B 970 19.24 -48.32 -28.41
CA ILE B 970 19.25 -47.19 -27.50
C ILE B 970 20.69 -46.75 -27.23
N PHE B 971 21.05 -45.58 -27.73
CA PHE B 971 22.39 -45.02 -27.52
C PHE B 971 22.31 -43.90 -26.48
N ASN B 972 23.03 -44.07 -25.38
CA ASN B 972 22.96 -43.12 -24.27
C ASN B 972 24.32 -42.47 -24.06
N LEU B 973 24.27 -41.21 -23.63
CA LEU B 973 25.47 -40.43 -23.37
C LEU B 973 25.32 -39.72 -22.02
N PHE B 974 26.44 -39.63 -21.31
CA PHE B 974 26.53 -38.99 -20.00
C PHE B 974 27.35 -37.72 -20.15
N ALA B 975 26.82 -36.60 -19.63
CA ALA B 975 27.52 -35.32 -19.77
C ALA B 975 27.09 -34.39 -18.63
N ASN B 976 27.44 -33.13 -18.76
CA ASN B 976 27.29 -32.15 -17.67
C ASN B 976 26.49 -30.94 -18.16
N THR B 977 26.53 -29.87 -17.36
CA THR B 977 25.53 -28.80 -17.44
C THR B 977 25.66 -27.96 -18.71
N ASN B 978 26.89 -27.63 -19.12
CA ASN B 978 27.08 -26.67 -20.21
C ASN B 978 26.63 -27.24 -21.56
N ILE B 979 27.01 -28.47 -21.86
CA ILE B 979 26.52 -29.13 -23.07
C ILE B 979 25.02 -29.38 -22.96
N TYR B 980 24.51 -29.58 -21.74
CA TYR B 980 23.07 -29.75 -21.55
C TYR B 980 22.29 -28.50 -21.95
N ILE B 981 22.75 -27.33 -21.50
CA ILE B 981 22.01 -26.11 -21.85
C ILE B 981 22.26 -25.72 -23.30
N PHE B 982 23.43 -26.06 -23.86
CA PHE B 982 23.64 -25.90 -25.30
C PHE B 982 22.64 -26.73 -26.10
N PHE B 983 22.45 -27.99 -25.69
CA PHE B 983 21.50 -28.86 -26.37
C PHE B 983 20.07 -28.40 -26.12
N ARG B 984 19.81 -27.79 -24.96
CA ARG B 984 18.48 -27.26 -24.67
C ARG B 984 18.13 -26.11 -25.60
N HIS B 985 19.05 -25.17 -25.80
CA HIS B 985 18.80 -24.11 -26.78
C HIS B 985 18.80 -24.65 -28.21
N TRP B 986 19.52 -25.75 -28.45
CA TRP B 986 19.45 -26.40 -29.77
C TRP B 986 18.05 -26.89 -30.07
N THR B 987 17.45 -27.65 -29.16
CA THR B 987 16.06 -28.05 -29.36
C THR B 987 15.08 -26.90 -29.23
N THR B 988 15.43 -25.81 -28.53
CA THR B 988 14.57 -24.63 -28.52
C THR B 988 14.47 -24.00 -29.90
N ILE B 989 15.62 -23.82 -30.56
CA ILE B 989 15.62 -23.29 -31.93
C ILE B 989 14.97 -24.29 -32.89
N TYR B 990 15.20 -25.60 -32.66
CA TYR B 990 14.59 -26.62 -33.50
C TYR B 990 13.07 -26.59 -33.39
N GLU B 991 12.53 -26.45 -32.17
CA GLU B 991 11.09 -26.39 -32.00
C GLU B 991 10.50 -25.06 -32.46
N ARG B 992 11.29 -23.98 -32.39
CA ARG B 992 10.86 -22.73 -33.00
C ARG B 992 10.68 -22.87 -34.51
N LEU B 993 11.66 -23.51 -35.16
CA LEU B 993 11.55 -23.71 -36.61
C LEU B 993 10.49 -24.76 -36.95
N LEU B 994 10.27 -25.74 -36.07
CA LEU B 994 9.18 -26.69 -36.27
C LEU B 994 7.83 -26.01 -36.18
N GLU B 995 7.66 -25.09 -35.23
CA GLU B 995 6.46 -24.27 -35.15
C GLU B 995 6.30 -23.39 -36.38
N ILE B 996 7.41 -22.83 -36.88
CA ILE B 996 7.38 -22.01 -38.09
C ILE B 996 6.89 -22.83 -39.29
N LYS B 997 7.45 -24.04 -39.45
CA LYS B 997 7.03 -24.89 -40.57
C LYS B 997 5.65 -25.51 -40.34
N GLN B 998 5.14 -25.46 -39.11
CA GLN B 998 3.78 -25.94 -38.86
C GLN B 998 2.73 -25.02 -39.47
N MET B 999 2.97 -23.71 -39.48
CA MET B 999 2.05 -22.78 -40.11
C MET B 999 2.53 -22.35 -41.50
N ASN B 1000 3.57 -23.01 -42.03
CA ASN B 1000 4.11 -22.62 -43.33
C ASN B 1000 3.11 -22.81 -44.46
N GLU B 1001 2.32 -23.90 -44.41
CA GLU B 1001 1.34 -24.17 -45.46
C GLU B 1001 0.23 -23.14 -45.46
N ARG B 1002 -0.33 -22.82 -44.29
CA ARG B 1002 -1.42 -21.85 -44.24
C ARG B 1002 -0.95 -20.44 -44.54
N VAL B 1003 0.25 -20.05 -44.11
CA VAL B 1003 0.72 -18.73 -44.50
C VAL B 1003 1.01 -18.68 -46.00
N THR B 1004 1.65 -19.71 -46.57
CA THR B 1004 1.86 -19.72 -48.01
C THR B 1004 0.56 -19.84 -48.80
N LYS B 1005 -0.52 -20.26 -48.13
CA LYS B 1005 -1.84 -20.22 -48.76
C LYS B 1005 -2.42 -18.81 -48.78
N GLU B 1006 -2.45 -18.10 -47.63
CA GLU B 1006 -3.12 -16.81 -47.62
C GLU B 1006 -2.21 -15.57 -47.61
N ILE B 1007 -0.92 -15.66 -47.96
CA ILE B 1007 -0.26 -14.46 -48.48
C ILE B 1007 -0.75 -14.16 -49.90
N ASN B 1008 -1.10 -15.20 -50.66
CA ASN B 1008 -1.56 -15.02 -52.03
C ASN B 1008 -2.88 -14.24 -52.09
N THR B 1009 -3.78 -14.51 -51.15
CA THR B 1009 -5.03 -13.76 -51.06
C THR B 1009 -4.85 -12.38 -50.45
N ARG B 1010 -3.70 -12.09 -49.86
CA ARG B 1010 -3.44 -10.80 -49.24
C ARG B 1010 -2.84 -9.87 -50.29
N SER B 1011 -3.59 -8.82 -50.65
CA SER B 1011 -3.16 -7.86 -51.64
C SER B 1011 -3.91 -6.56 -51.42
N THR B 1012 -3.43 -5.50 -52.06
CA THR B 1012 -4.08 -4.20 -51.96
C THR B 1012 -5.43 -4.21 -52.68
N VAL B 1013 -6.38 -3.45 -52.16
CA VAL B 1013 -7.71 -3.39 -52.73
C VAL B 1013 -7.77 -2.28 -53.77
N THR B 1014 -8.81 -2.32 -54.59
CA THR B 1014 -9.00 -1.32 -55.63
C THR B 1014 -9.62 -0.02 -55.12
N PHE B 1015 -10.01 0.04 -53.85
CA PHE B 1015 -10.59 1.24 -53.26
C PHE B 1015 -9.59 2.04 -52.45
N ALA B 1016 -8.30 1.70 -52.52
CA ALA B 1016 -7.27 2.37 -51.74
C ALA B 1016 -6.25 3.10 -52.62
N LYS B 1017 -6.62 3.42 -53.85
CA LYS B 1017 -5.72 4.11 -54.77
C LYS B 1017 -5.95 5.61 -54.81
N ASP B 1018 -6.77 6.14 -53.89
CA ASP B 1018 -7.06 7.57 -53.90
C ASP B 1018 -5.86 8.39 -53.43
N LEU B 1019 -5.18 7.94 -52.37
CA LEU B 1019 -4.06 8.68 -51.81
C LEU B 1019 -2.83 7.81 -51.63
N ASP B 1020 -2.71 6.75 -52.45
CA ASP B 1020 -1.53 5.88 -52.52
C ASP B 1020 -1.23 5.23 -51.17
N LEU B 1021 -2.20 4.46 -50.68
CA LEU B 1021 -2.02 3.71 -49.45
C LEU B 1021 -1.07 2.55 -49.69
N LEU B 1022 -0.45 2.09 -48.59
CA LEU B 1022 0.61 1.07 -48.59
C LEU B 1022 1.81 1.52 -49.43
N SER B 1023 2.24 2.76 -49.21
CA SER B 1023 3.41 3.34 -49.86
C SER B 1023 4.30 4.03 -48.83
N SER B 1024 4.34 3.51 -47.61
CA SER B 1024 5.15 4.07 -46.53
C SER B 1024 6.55 3.48 -46.48
N GLN B 1025 6.90 2.58 -47.41
CA GLN B 1025 8.21 1.94 -47.51
C GLN B 1025 8.58 1.21 -46.21
N LEU B 1026 7.61 0.49 -45.65
CA LEU B 1026 7.85 -0.24 -44.41
C LEU B 1026 8.58 -1.56 -44.68
N SER B 1027 8.00 -2.43 -45.49
CA SER B 1027 8.61 -3.73 -45.79
C SER B 1027 8.47 -4.07 -47.27
N GLU B 1028 8.44 -3.06 -48.13
CA GLU B 1028 8.29 -3.28 -49.57
C GLU B 1028 9.62 -3.45 -50.29
N MET B 1029 10.74 -3.48 -49.57
CA MET B 1029 12.06 -3.66 -50.15
C MET B 1029 12.41 -5.13 -50.39
N GLY B 1030 11.42 -6.02 -50.48
CA GLY B 1030 11.66 -7.44 -50.58
C GLY B 1030 11.48 -8.22 -49.30
N LEU B 1031 11.08 -7.55 -48.22
CA LEU B 1031 10.86 -8.21 -46.94
C LEU B 1031 9.56 -9.00 -46.89
N ASP B 1032 8.66 -8.79 -47.85
CA ASP B 1032 7.42 -9.54 -47.88
C ASP B 1032 7.66 -10.98 -48.32
N PHE B 1033 6.68 -11.83 -48.05
CA PHE B 1033 6.77 -13.25 -48.35
C PHE B 1033 6.20 -13.60 -49.73
N VAL B 1034 5.78 -12.61 -50.52
CA VAL B 1034 5.19 -12.87 -51.83
C VAL B 1034 6.29 -13.29 -52.81
N GLY B 1035 5.96 -14.25 -53.67
CA GLY B 1035 6.86 -14.68 -54.70
C GLY B 1035 7.85 -15.76 -54.30
N GLU B 1036 7.87 -16.16 -53.04
CA GLU B 1036 8.81 -17.17 -52.56
C GLU B 1036 8.22 -17.85 -51.33
N ASP B 1037 8.91 -18.89 -50.88
CA ASP B 1037 8.51 -19.59 -49.66
C ASP B 1037 8.77 -18.71 -48.44
N ALA B 1038 7.90 -18.85 -47.44
CA ALA B 1038 8.02 -18.06 -46.22
C ALA B 1038 9.26 -18.46 -45.42
N TYR B 1039 9.58 -19.75 -45.42
CA TYR B 1039 10.73 -20.25 -44.66
C TYR B 1039 12.04 -19.69 -45.21
N LYS B 1040 12.24 -19.80 -46.52
CA LYS B 1040 13.46 -19.30 -47.14
C LYS B 1040 13.56 -17.78 -47.02
N GLN B 1041 12.45 -17.07 -47.18
CA GLN B 1041 12.47 -15.62 -47.07
C GLN B 1041 12.76 -15.17 -45.64
N VAL B 1042 12.19 -15.82 -44.64
CA VAL B 1042 12.47 -15.43 -43.27
C VAL B 1042 13.90 -15.81 -42.87
N LEU B 1043 14.44 -16.90 -43.44
CA LEU B 1043 15.83 -17.24 -43.16
C LEU B 1043 16.79 -16.25 -43.82
N ARG B 1044 16.45 -15.80 -45.04
CA ARG B 1044 17.23 -14.75 -45.70
C ARG B 1044 17.15 -13.43 -44.92
N LEU B 1045 15.99 -13.12 -44.37
CA LEU B 1045 15.83 -11.90 -43.58
C LEU B 1045 16.63 -11.96 -42.29
N SER B 1046 16.65 -13.13 -41.63
CA SER B 1046 17.47 -13.31 -40.44
C SER B 1046 18.95 -13.26 -40.77
N ARG B 1047 19.35 -13.78 -41.93
CA ARG B 1047 20.74 -13.65 -42.36
C ARG B 1047 21.10 -12.20 -42.67
N ARG B 1048 20.15 -11.41 -43.19
CA ARG B 1048 20.39 -9.99 -43.39
C ARG B 1048 20.50 -9.25 -42.06
N LEU B 1049 19.74 -9.69 -41.04
CA LEU B 1049 19.95 -9.17 -39.69
C LEU B 1049 21.33 -9.50 -39.17
N ILE B 1050 21.80 -10.72 -39.45
CA ILE B 1050 23.12 -11.15 -38.99
C ILE B 1050 24.22 -10.33 -39.66
N ASN B 1051 24.11 -10.12 -40.98
CA ASN B 1051 25.13 -9.41 -41.72
C ASN B 1051 25.11 -7.89 -41.47
N GLY B 1052 24.08 -7.37 -40.82
CA GLY B 1052 24.00 -5.96 -40.53
C GLY B 1052 23.41 -5.11 -41.64
N ASP B 1053 23.01 -5.70 -42.76
CA ASP B 1053 22.39 -4.93 -43.83
C ASP B 1053 20.99 -4.48 -43.45
N LEU B 1054 20.32 -5.21 -42.58
CA LEU B 1054 18.93 -4.96 -42.22
C LEU B 1054 18.86 -4.47 -40.77
N GLU B 1055 18.00 -3.47 -40.53
CA GLU B 1055 17.79 -2.96 -39.19
C GLU B 1055 16.93 -3.92 -38.37
N HIS B 1056 17.09 -3.82 -37.04
CA HIS B 1056 16.37 -4.74 -36.14
C HIS B 1056 14.89 -4.43 -36.10
N GLN B 1057 14.53 -3.14 -36.00
CA GLN B 1057 13.12 -2.77 -35.94
C GLN B 1057 12.43 -2.98 -37.28
N TRP B 1058 13.17 -2.87 -38.39
CA TRP B 1058 12.59 -3.20 -39.69
C TRP B 1058 12.26 -4.69 -39.77
N PHE B 1059 13.14 -5.53 -39.22
CA PHE B 1059 12.87 -6.96 -39.13
C PHE B 1059 11.66 -7.23 -38.24
N GLU B 1060 11.54 -6.49 -37.13
CA GLU B 1060 10.41 -6.70 -36.21
C GLU B 1060 9.09 -6.34 -36.88
N GLU B 1061 9.05 -5.20 -37.57
CA GLU B 1061 7.84 -4.82 -38.32
C GLU B 1061 7.54 -5.78 -39.46
N SER B 1062 8.56 -6.26 -40.17
CA SER B 1062 8.35 -7.22 -41.24
C SER B 1062 7.81 -8.55 -40.71
N LEU B 1063 8.32 -8.99 -39.57
CA LEU B 1063 7.86 -10.26 -38.99
C LEU B 1063 6.45 -10.14 -38.42
N ARG B 1064 6.13 -8.99 -37.81
CA ARG B 1064 4.78 -8.81 -37.29
C ARG B 1064 3.77 -8.48 -38.39
N GLN B 1065 4.23 -8.07 -39.58
CA GLN B 1065 3.32 -7.82 -40.69
C GLN B 1065 3.09 -9.04 -41.56
N ALA B 1066 4.14 -9.82 -41.83
CA ALA B 1066 4.01 -10.97 -42.71
C ALA B 1066 3.30 -12.14 -42.05
N TYR B 1067 3.29 -12.19 -40.72
CA TYR B 1067 2.63 -13.26 -39.98
C TYR B 1067 1.40 -12.73 -39.27
N ASN B 1068 0.73 -13.63 -38.53
CA ASN B 1068 -0.43 -13.29 -37.72
C ASN B 1068 -0.05 -13.04 -36.27
N ASN B 1069 1.17 -12.54 -36.03
CA ASN B 1069 1.74 -12.29 -34.70
C ASN B 1069 1.75 -13.54 -33.84
N LYS B 1070 1.91 -14.72 -34.46
CA LYS B 1070 2.00 -15.95 -33.70
C LYS B 1070 3.45 -16.34 -33.43
N ALA B 1071 4.35 -15.97 -34.34
CA ALA B 1071 5.78 -16.30 -34.20
C ALA B 1071 6.49 -15.18 -33.45
N PHE B 1072 6.24 -15.14 -32.15
CA PHE B 1072 6.92 -14.19 -31.28
C PHE B 1072 8.27 -14.70 -30.79
N LYS B 1073 8.58 -15.97 -31.02
CA LYS B 1073 9.81 -16.56 -30.52
C LYS B 1073 11.03 -16.14 -31.34
N LEU B 1074 10.84 -15.78 -32.61
CA LEU B 1074 11.94 -15.48 -33.50
C LEU B 1074 12.37 -14.01 -33.46
N TYR B 1075 11.88 -13.24 -32.49
CA TYR B 1075 12.18 -11.81 -32.44
C TYR B 1075 13.60 -11.53 -31.98
N THR B 1076 14.23 -12.47 -31.27
CA THR B 1076 15.58 -12.30 -30.73
C THR B 1076 16.49 -13.43 -31.18
N ILE B 1077 16.23 -13.94 -32.39
CA ILE B 1077 16.90 -15.14 -32.88
C ILE B 1077 18.42 -14.94 -32.96
N ASP B 1078 18.86 -13.77 -33.44
CA ASP B 1078 20.30 -13.49 -33.48
C ASP B 1078 20.91 -13.57 -32.09
N LYS B 1079 20.21 -13.03 -31.08
CA LYS B 1079 20.64 -13.13 -29.70
C LYS B 1079 20.86 -14.59 -29.32
N VAL B 1080 19.87 -15.45 -29.60
CA VAL B 1080 19.99 -16.82 -29.14
C VAL B 1080 21.08 -17.54 -29.92
N THR B 1081 21.29 -17.20 -31.20
CA THR B 1081 22.32 -17.96 -31.90
C THR B 1081 23.69 -17.45 -31.48
N GLN B 1082 23.76 -16.21 -31.00
CA GLN B 1082 24.97 -15.74 -30.34
C GLN B 1082 25.28 -16.64 -29.15
N SER B 1083 24.27 -16.89 -28.32
CA SER B 1083 24.43 -17.81 -27.20
C SER B 1083 24.85 -19.19 -27.70
N LEU B 1084 24.29 -19.59 -28.85
CA LEU B 1084 24.62 -20.89 -29.42
C LEU B 1084 26.10 -21.00 -29.72
N VAL B 1085 26.67 -19.97 -30.38
CA VAL B 1085 28.09 -20.08 -30.70
C VAL B 1085 28.92 -19.91 -29.43
N LYS B 1086 28.40 -19.15 -28.46
CA LYS B 1086 29.05 -19.08 -27.16
C LYS B 1086 29.01 -20.44 -26.49
N HIS B 1087 27.87 -21.13 -26.60
CA HIS B 1087 27.75 -22.46 -26.03
C HIS B 1087 28.49 -23.49 -26.87
N ALA B 1088 28.99 -23.10 -28.05
CA ALA B 1088 29.99 -23.88 -28.74
C ALA B 1088 31.40 -23.42 -28.42
N HIS B 1089 31.61 -22.12 -28.21
CA HIS B 1089 32.96 -21.61 -27.99
C HIS B 1089 33.52 -22.07 -26.66
N THR B 1090 32.67 -22.15 -25.63
CA THR B 1090 33.06 -22.73 -24.36
C THR B 1090 32.98 -24.24 -24.35
N LEU B 1091 32.50 -24.86 -25.44
CA LEU B 1091 32.38 -26.31 -25.46
C LEU B 1091 33.74 -26.99 -25.62
N MET B 1092 34.70 -26.29 -26.23
CA MET B 1092 36.05 -26.81 -26.42
C MET B 1092 37.09 -25.81 -25.88
N THR B 1093 36.81 -25.24 -24.70
CA THR B 1093 37.70 -24.27 -24.08
C THR B 1093 38.33 -24.76 -22.79
N ASP B 1094 37.51 -25.15 -21.81
CA ASP B 1094 38.05 -25.61 -20.54
C ASP B 1094 38.52 -27.06 -20.64
N ALA B 1095 39.23 -27.51 -19.60
CA ALA B 1095 39.85 -28.83 -19.61
C ALA B 1095 38.82 -29.93 -19.39
N LYS B 1096 37.82 -29.70 -18.53
CA LYS B 1096 36.93 -30.78 -18.11
C LYS B 1096 35.97 -31.19 -19.23
N THR B 1097 35.34 -30.21 -19.89
CA THR B 1097 34.41 -30.54 -20.97
C THR B 1097 35.14 -31.12 -22.17
N ALA B 1098 36.35 -30.63 -22.46
CA ALA B 1098 37.15 -31.21 -23.53
C ALA B 1098 37.56 -32.64 -23.20
N GLU B 1099 37.89 -32.91 -21.94
CA GLU B 1099 38.25 -34.26 -21.52
C GLU B 1099 37.07 -35.21 -21.65
N ILE B 1100 35.88 -34.80 -21.21
CA ILE B 1100 34.73 -35.70 -21.34
C ILE B 1100 34.29 -35.83 -22.79
N MET B 1101 34.53 -34.79 -23.62
CA MET B 1101 34.24 -34.91 -25.05
C MET B 1101 35.19 -35.90 -25.72
N ALA B 1102 36.47 -35.87 -25.34
CA ALA B 1102 37.42 -36.84 -25.87
C ALA B 1102 37.09 -38.26 -25.40
N LEU B 1103 36.63 -38.39 -24.15
CA LEU B 1103 36.22 -39.70 -23.64
C LEU B 1103 34.99 -40.22 -24.37
N PHE B 1104 34.04 -39.33 -24.70
CA PHE B 1104 32.86 -39.74 -25.44
C PHE B 1104 33.20 -40.10 -26.88
N VAL B 1105 34.12 -39.36 -27.50
CA VAL B 1105 34.54 -39.66 -28.86
C VAL B 1105 35.28 -40.99 -28.91
N LYS B 1106 36.16 -41.25 -27.93
CA LYS B 1106 36.88 -42.50 -27.87
C LYS B 1106 35.96 -43.69 -27.61
N ASP B 1107 34.82 -43.47 -26.98
CA ASP B 1107 33.84 -44.50 -26.73
C ASP B 1107 32.72 -44.53 -27.76
N ARG B 1108 32.78 -43.69 -28.78
CA ARG B 1108 31.74 -43.61 -29.80
C ARG B 1108 32.12 -44.54 -30.96
N ASN B 1109 31.43 -45.67 -31.06
CA ASN B 1109 31.61 -46.60 -32.18
C ASN B 1109 30.34 -46.76 -32.99
N ALA B 1110 29.36 -45.85 -32.82
CA ALA B 1110 28.08 -45.83 -33.51
C ALA B 1110 27.22 -47.07 -33.26
N SER B 1111 27.57 -47.88 -32.24
CA SER B 1111 26.78 -49.07 -31.90
C SER B 1111 27.07 -49.37 -30.43
N THR B 1112 26.15 -48.98 -29.55
CA THR B 1112 26.29 -49.20 -28.11
C THR B 1112 25.14 -50.08 -27.63
N THR B 1113 25.48 -51.11 -26.87
CA THR B 1113 24.49 -52.02 -26.30
C THR B 1113 24.23 -51.66 -24.85
N SER B 1114 22.96 -51.68 -24.46
CA SER B 1114 22.56 -51.30 -23.11
C SER B 1114 23.02 -52.34 -22.10
N ALA B 1115 23.49 -51.84 -20.94
CA ALA B 1115 23.91 -52.66 -19.80
C ALA B 1115 25.04 -53.62 -20.15
N LYS B 1116 25.91 -53.22 -21.08
CA LYS B 1116 27.08 -54.02 -21.46
C LYS B 1116 28.39 -53.31 -21.16
N ASP B 1117 28.55 -52.07 -21.62
CA ASP B 1117 29.76 -51.31 -21.37
C ASP B 1117 29.49 -49.88 -20.93
N GLN B 1118 28.24 -49.49 -20.74
CA GLN B 1118 27.92 -48.13 -20.33
C GLN B 1118 28.21 -47.87 -18.87
N ILE B 1119 28.15 -48.92 -18.03
CA ILE B 1119 28.39 -48.74 -16.59
C ILE B 1119 29.86 -48.45 -16.31
N ILE B 1120 30.76 -49.06 -17.10
CA ILE B 1120 32.20 -48.80 -16.94
C ILE B 1120 32.50 -47.33 -17.29
N TYR B 1121 31.91 -46.84 -18.38
CA TYR B 1121 32.07 -45.44 -18.75
C TYR B 1121 31.46 -44.51 -17.72
N ARG B 1122 30.31 -44.90 -17.15
CA ARG B 1122 29.67 -44.09 -16.12
C ARG B 1122 30.53 -43.98 -14.87
N LEU B 1123 31.12 -45.10 -14.42
CA LEU B 1123 31.98 -45.05 -13.25
C LEU B 1123 33.32 -44.39 -13.55
N GLN B 1124 33.77 -44.41 -14.81
CA GLN B 1124 35.00 -43.72 -15.16
C GLN B 1124 34.80 -42.21 -15.22
N VAL B 1125 33.63 -41.76 -15.68
CA VAL B 1125 33.37 -40.32 -15.79
C VAL B 1125 32.81 -39.73 -14.50
N ARG B 1126 32.27 -40.56 -13.60
CA ARG B 1126 31.72 -40.03 -12.36
C ARG B 1126 32.82 -39.67 -11.37
N SER B 1127 33.89 -40.46 -11.32
CA SER B 1127 34.94 -40.27 -10.34
C SER B 1127 35.97 -39.22 -10.74
N HIS B 1128 35.87 -38.66 -11.94
CA HIS B 1128 36.85 -37.69 -12.42
C HIS B 1128 36.42 -36.25 -12.12
N MET B 1129 35.20 -35.88 -12.48
CA MET B 1129 34.64 -34.60 -12.03
C MET B 1129 34.31 -34.66 -10.54
N SER B 1130 34.08 -33.48 -9.97
CA SER B 1130 33.66 -33.36 -8.58
C SER B 1130 32.15 -33.59 -8.47
N ASN B 1131 31.65 -33.54 -7.24
CA ASN B 1131 30.23 -33.75 -6.98
C ASN B 1131 29.39 -32.48 -7.15
N THR B 1132 30.02 -31.33 -7.38
CA THR B 1132 29.26 -30.09 -7.55
C THR B 1132 28.52 -30.08 -8.88
N GLU B 1133 29.17 -30.52 -9.95
CA GLU B 1133 28.56 -30.55 -11.27
C GLU B 1133 27.81 -31.86 -11.44
N ASN B 1134 26.48 -31.78 -11.52
CA ASN B 1134 25.66 -32.97 -11.68
C ASN B 1134 25.79 -33.53 -13.10
N MET B 1135 25.48 -34.82 -13.23
CA MET B 1135 25.56 -35.54 -14.50
C MET B 1135 24.16 -35.78 -15.03
N PHE B 1136 23.95 -35.46 -16.31
CA PHE B 1136 22.71 -35.76 -17.00
C PHE B 1136 22.97 -36.74 -18.13
N ARG B 1137 21.91 -37.36 -18.64
CA ARG B 1137 22.06 -38.35 -19.69
C ARG B 1137 21.04 -38.12 -20.80
N ILE B 1138 21.44 -38.48 -22.01
CA ILE B 1138 20.61 -38.38 -23.20
C ILE B 1138 20.50 -39.78 -23.80
N GLU B 1139 19.27 -40.26 -23.99
CA GLU B 1139 19.00 -41.53 -24.65
C GLU B 1139 18.38 -41.23 -26.02
N PHE B 1140 19.11 -41.55 -27.08
CA PHE B 1140 18.65 -41.33 -28.45
C PHE B 1140 18.57 -42.66 -29.18
N ASP B 1141 17.49 -42.84 -29.93
CA ASP B 1141 17.37 -44.01 -30.78
C ASP B 1141 16.85 -43.59 -32.15
N LYS B 1142 17.17 -44.41 -33.16
CA LYS B 1142 16.82 -44.12 -34.55
C LYS B 1142 15.33 -44.25 -34.83
N ARG B 1143 14.56 -44.87 -33.93
CA ARG B 1143 13.12 -45.01 -34.10
C ARG B 1143 12.48 -43.64 -33.93
N THR B 1144 12.14 -43.01 -35.06
CA THR B 1144 11.55 -41.66 -35.15
C THR B 1144 12.42 -40.59 -34.50
N LEU B 1145 13.74 -40.83 -34.41
CA LEU B 1145 14.72 -39.90 -33.85
C LEU B 1145 14.35 -39.47 -32.43
N HIS B 1146 13.94 -40.43 -31.61
CA HIS B 1146 13.51 -40.12 -30.25
C HIS B 1146 14.71 -39.82 -29.36
N VAL B 1147 14.59 -38.74 -28.59
CA VAL B 1147 15.61 -38.28 -27.65
C VAL B 1147 14.95 -38.01 -26.31
N SER B 1148 15.48 -38.62 -25.25
CA SER B 1148 15.01 -38.38 -23.89
C SER B 1148 16.17 -37.87 -23.04
N ILE B 1149 15.87 -36.93 -22.15
CA ILE B 1149 16.87 -36.32 -21.28
C ILE B 1149 16.50 -36.64 -19.83
N GLN B 1150 17.43 -37.22 -19.10
CA GLN B 1150 17.23 -37.54 -17.69
C GLN B 1150 18.26 -36.83 -16.83
N TYR B 1151 17.79 -36.19 -15.76
CA TYR B 1151 18.66 -35.52 -14.79
C TYR B 1151 18.92 -36.47 -13.62
N ILE B 1152 19.68 -37.52 -13.92
CA ILE B 1152 19.92 -38.57 -12.94
C ILE B 1152 20.86 -38.08 -11.85
N ALA B 1153 20.45 -38.27 -10.59
CA ALA B 1153 21.25 -37.88 -9.44
C ALA B 1153 21.58 -39.02 -8.49
N LEU B 1154 20.78 -40.08 -8.47
CA LEU B 1154 21.01 -41.24 -7.62
C LEU B 1154 21.45 -42.43 -8.47
N ASP B 1155 21.87 -43.49 -7.77
CA ASP B 1155 22.34 -44.75 -8.36
C ASP B 1155 23.50 -44.54 -9.33
N ASP B 1156 24.39 -43.58 -9.02
CA ASP B 1156 25.54 -43.31 -9.86
C ASP B 1156 26.82 -43.31 -9.03
N LEU B 1157 26.71 -42.91 -7.77
CA LEU B 1157 27.86 -42.89 -6.86
C LEU B 1157 28.05 -44.21 -6.12
N THR B 1158 27.12 -45.15 -6.23
CA THR B 1158 27.23 -46.44 -5.57
C THR B 1158 27.93 -47.49 -6.43
N HIS C 80 40.82 37.75 -37.96
CA HIS C 80 41.92 38.25 -37.15
C HIS C 80 41.45 38.71 -35.78
N TYR C 81 40.17 39.14 -35.73
CA TYR C 81 39.52 39.61 -34.51
C TYR C 81 40.27 40.78 -33.89
N GLN C 82 40.37 41.87 -34.64
CA GLN C 82 41.12 43.05 -34.18
C GLN C 82 40.27 43.85 -33.21
N GLY C 83 40.68 43.90 -31.95
CA GLY C 83 40.02 44.67 -30.92
C GLY C 83 38.82 44.00 -30.26
N TRP C 84 37.94 43.40 -31.06
CA TRP C 84 36.74 42.78 -30.54
C TRP C 84 36.34 41.63 -31.47
N LYS C 85 35.57 40.69 -30.90
CA LYS C 85 35.27 39.44 -31.60
C LYS C 85 34.35 39.66 -32.80
N SER C 86 33.39 40.58 -32.67
CA SER C 86 32.42 40.93 -33.71
C SER C 86 31.61 39.73 -34.17
N SER C 87 31.11 39.78 -35.41
CA SER C 87 30.29 38.72 -35.98
C SER C 87 31.10 37.71 -36.78
N TRP C 88 32.41 37.60 -36.49
CA TRP C 88 33.35 36.73 -37.20
C TRP C 88 33.35 36.95 -38.70
N LEU C 222 -13.47 0.14 33.18
CA LEU C 222 -14.57 -0.76 32.84
C LEU C 222 -14.05 -2.16 32.56
N GLN C 223 -14.72 -3.17 33.13
CA GLN C 223 -14.36 -4.57 32.94
C GLN C 223 -15.31 -5.16 31.91
N ILE C 224 -15.02 -4.93 30.65
CA ILE C 224 -15.82 -5.48 29.55
C ILE C 224 -15.49 -6.97 29.41
N PRO C 225 -16.49 -7.84 29.34
CA PRO C 225 -16.22 -9.27 29.17
C PRO C 225 -15.60 -9.58 27.82
N ILE C 226 -14.82 -10.66 27.78
CA ILE C 226 -14.12 -11.04 26.56
C ILE C 226 -15.11 -11.50 25.49
N LYS C 227 -16.15 -12.22 25.91
CA LYS C 227 -17.24 -12.57 24.99
C LYS C 227 -17.95 -11.31 24.49
N LEU C 228 -18.17 -10.35 25.38
CA LEU C 228 -18.87 -9.13 24.99
C LEU C 228 -17.98 -8.25 24.12
N LYS C 229 -16.66 -8.25 24.38
CA LYS C 229 -15.72 -7.59 23.49
C LYS C 229 -15.72 -8.24 22.10
N SER C 230 -15.81 -9.57 22.06
CA SER C 230 -15.91 -10.27 20.78
C SER C 230 -17.20 -9.90 20.06
N VAL C 231 -18.30 -9.75 20.80
CA VAL C 231 -19.57 -9.32 20.21
C VAL C 231 -19.44 -7.92 19.61
N LEU C 232 -18.76 -7.01 20.33
CA LEU C 232 -18.58 -5.65 19.83
C LEU C 232 -17.69 -5.61 18.59
N VAL C 233 -16.62 -6.41 18.58
CA VAL C 233 -15.74 -6.45 17.42
C VAL C 233 -16.46 -7.07 16.22
N ASP C 234 -17.30 -8.08 16.47
CA ASP C 234 -18.15 -8.62 15.42
C ASP C 234 -19.14 -7.58 14.91
N ASP C 235 -19.65 -6.72 15.80
CA ASP C 235 -20.52 -5.63 15.38
C ASP C 235 -19.78 -4.67 14.46
N TRP C 236 -18.54 -4.32 14.81
CA TRP C 236 -17.73 -3.46 13.95
C TRP C 236 -17.48 -4.11 12.59
N GLU C 237 -17.23 -5.43 12.59
CA GLU C 237 -16.94 -6.12 11.33
C GLU C 237 -18.18 -6.27 10.46
N TYR C 238 -19.36 -6.43 11.08
CA TYR C 238 -20.62 -6.37 10.34
C TYR C 238 -20.85 -4.98 9.74
N VAL C 239 -20.58 -3.92 10.51
CA VAL C 239 -20.82 -2.56 10.01
C VAL C 239 -19.86 -2.22 8.87
N THR C 240 -18.59 -2.57 9.01
CA THR C 240 -17.55 -2.11 8.10
C THR C 240 -17.31 -3.07 6.93
N LYS C 241 -16.89 -4.31 7.21
CA LYS C 241 -16.51 -5.21 6.13
C LYS C 241 -17.72 -5.86 5.47
N ASP C 242 -18.56 -6.55 6.26
CA ASP C 242 -19.77 -7.14 5.69
C ASP C 242 -20.77 -6.08 5.27
N LYS C 243 -20.67 -4.88 5.87
CA LYS C 243 -21.33 -3.67 5.38
C LYS C 243 -22.85 -3.81 5.40
N LYS C 244 -23.37 -4.27 6.53
CA LYS C 244 -24.79 -4.51 6.72
C LYS C 244 -25.36 -3.54 7.75
N ILE C 245 -26.69 -3.40 7.72
CA ILE C 245 -27.40 -2.39 8.51
C ILE C 245 -28.45 -3.09 9.35
N CYS C 246 -28.48 -2.75 10.65
CA CYS C 246 -29.43 -3.37 11.56
C CYS C 246 -30.87 -2.95 11.24
N ARG C 247 -31.81 -3.79 11.66
CA ARG C 247 -33.22 -3.58 11.33
C ARG C 247 -33.77 -2.36 12.06
N LEU C 248 -34.47 -1.50 11.32
CA LEU C 248 -35.20 -0.40 11.95
C LEU C 248 -36.33 -0.89 12.85
N PRO C 249 -37.21 -1.84 12.43
CA PRO C 249 -38.10 -2.41 13.48
C PRO C 249 -37.40 -3.53 14.26
N ALA C 250 -36.61 -3.11 15.24
CA ALA C 250 -35.80 -4.05 16.01
C ALA C 250 -36.67 -4.92 16.91
N ASP C 251 -36.39 -6.23 16.92
CA ASP C 251 -37.12 -7.14 17.79
C ASP C 251 -36.82 -6.87 19.25
N VAL C 252 -35.58 -6.53 19.57
CA VAL C 252 -35.16 -6.22 20.94
C VAL C 252 -34.82 -4.73 21.00
N THR C 253 -35.21 -4.09 22.10
CA THR C 253 -34.94 -2.67 22.31
C THR C 253 -34.76 -2.46 23.81
N VAL C 254 -34.84 -1.19 24.24
CA VAL C 254 -34.51 -0.87 25.63
C VAL C 254 -35.60 -1.27 26.62
N GLU C 255 -36.78 -1.68 26.14
CA GLU C 255 -37.84 -2.07 27.07
C GLU C 255 -37.55 -3.42 27.73
N MET C 256 -37.11 -4.39 26.96
CA MET C 256 -36.87 -5.73 27.51
C MET C 256 -35.55 -5.85 28.27
N VAL C 257 -34.85 -4.75 28.50
CA VAL C 257 -33.73 -4.72 29.43
C VAL C 257 -34.01 -3.80 30.61
N LEU C 258 -34.59 -2.62 30.39
CA LEU C 258 -34.89 -1.71 31.49
C LEU C 258 -36.09 -2.20 32.31
N ASN C 259 -37.15 -2.65 31.63
CA ASN C 259 -38.26 -3.27 32.35
C ASN C 259 -37.85 -4.59 32.99
N LYS C 260 -36.90 -5.30 32.37
CA LYS C 260 -36.34 -6.50 32.98
C LYS C 260 -35.62 -6.17 34.28
N TYR C 261 -34.86 -5.08 34.29
CA TYR C 261 -34.24 -4.60 35.52
C TYR C 261 -35.29 -4.16 36.54
N GLU C 262 -36.37 -3.55 36.06
CA GLU C 262 -37.42 -3.07 36.96
C GLU C 262 -38.13 -4.22 37.67
N HIS C 263 -38.48 -5.28 36.95
CA HIS C 263 -39.21 -6.38 37.57
C HIS C 263 -38.33 -7.55 37.98
N GLU C 264 -37.01 -7.44 37.81
CA GLU C 264 -36.10 -8.54 38.12
C GLU C 264 -35.30 -8.33 39.41
N VAL C 265 -34.72 -7.14 39.60
CA VAL C 265 -33.87 -6.89 40.76
C VAL C 265 -34.64 -6.76 42.06
N SER C 266 -35.97 -6.70 42.01
CA SER C 266 -36.79 -6.57 43.20
C SER C 266 -37.17 -7.92 43.81
N GLN C 267 -36.70 -9.03 43.25
CA GLN C 267 -37.03 -10.35 43.75
C GLN C 267 -35.88 -11.06 44.43
N GLU C 268 -34.65 -10.55 44.32
CA GLU C 268 -33.50 -11.15 45.00
C GLU C 268 -32.72 -10.17 45.86
N LEU C 269 -32.92 -8.87 45.71
CA LEU C 269 -32.25 -7.86 46.51
C LEU C 269 -33.25 -7.22 47.47
N GLU C 270 -32.75 -6.29 48.28
CA GLU C 270 -33.60 -5.58 49.22
C GLU C 270 -34.51 -4.60 48.49
N SER C 271 -35.74 -4.47 49.00
CA SER C 271 -36.70 -3.55 48.41
C SER C 271 -36.27 -2.08 48.48
N PRO C 272 -35.81 -1.50 49.63
CA PRO C 272 -35.34 -0.12 49.58
C PRO C 272 -33.87 -0.03 49.19
N GLY C 273 -33.35 1.19 49.07
CA GLY C 273 -31.96 1.37 48.76
C GLY C 273 -31.67 1.76 47.32
N SER C 274 -31.21 0.80 46.53
CA SER C 274 -30.76 1.07 45.17
C SER C 274 -31.85 0.87 44.12
N GLN C 275 -33.08 0.55 44.52
CA GLN C 275 -34.15 0.36 43.55
C GLN C 275 -34.56 1.68 42.90
N SER C 276 -34.78 2.72 43.71
CA SER C 276 -35.14 4.02 43.18
C SER C 276 -33.99 4.64 42.39
N GLN C 277 -32.75 4.42 42.85
CA GLN C 277 -31.60 4.92 42.12
C GLN C 277 -31.41 4.19 40.80
N LEU C 278 -31.72 2.89 40.75
CA LEU C 278 -31.69 2.17 39.49
C LEU C 278 -32.79 2.65 38.55
N SER C 279 -33.97 2.98 39.09
CA SER C 279 -35.05 3.50 38.27
C SER C 279 -34.70 4.86 37.67
N GLU C 280 -34.12 5.75 38.48
CA GLU C 280 -33.71 7.05 37.94
C GLU C 280 -32.49 6.92 37.02
N TYR C 281 -31.67 5.89 37.23
CA TYR C 281 -30.59 5.59 36.29
C TYR C 281 -31.15 5.16 34.94
N CYS C 282 -32.20 4.34 34.95
CA CYS C 282 -32.86 3.95 33.70
C CYS C 282 -33.50 5.15 33.01
N ALA C 283 -34.12 6.04 33.79
CA ALA C 283 -34.70 7.26 33.21
C ALA C 283 -33.63 8.15 32.61
N GLY C 284 -32.50 8.32 33.30
CA GLY C 284 -31.39 9.07 32.76
C GLY C 284 -30.77 8.42 31.54
N LEU C 285 -30.73 7.09 31.51
CA LEU C 285 -30.24 6.39 30.33
C LEU C 285 -31.17 6.62 29.14
N LYS C 286 -32.48 6.63 29.37
CA LYS C 286 -33.42 6.94 28.30
C LYS C 286 -33.24 8.36 27.79
N LEU C 287 -33.09 9.32 28.71
CA LEU C 287 -32.92 10.72 28.32
C LEU C 287 -31.59 10.95 27.61
N TYR C 288 -30.54 10.23 28.01
CA TYR C 288 -29.26 10.27 27.32
C TYR C 288 -29.33 9.62 25.95
N PHE C 289 -30.05 8.50 25.84
CA PHE C 289 -30.14 7.79 24.57
C PHE C 289 -30.97 8.56 23.56
N ASP C 290 -31.92 9.38 24.05
CA ASP C 290 -32.72 10.19 23.14
C ASP C 290 -31.88 11.25 22.42
N LYS C 291 -30.97 11.92 23.12
CA LYS C 291 -30.20 13.01 22.56
C LYS C 291 -28.76 12.64 22.20
N CYS C 292 -28.37 11.38 22.40
CA CYS C 292 -27.02 10.92 22.10
C CYS C 292 -26.94 10.06 20.84
N LEU C 293 -28.08 9.73 20.23
CA LEU C 293 -28.10 8.80 19.10
C LEU C 293 -27.36 9.39 17.89
N GLY C 294 -27.53 10.69 17.65
CA GLY C 294 -26.86 11.33 16.55
C GLY C 294 -25.54 11.99 16.86
N ASN C 295 -24.99 11.78 18.06
CA ASN C 295 -23.79 12.49 18.49
C ASN C 295 -22.61 11.56 18.75
N MET C 296 -22.77 10.55 19.61
CA MET C 296 -21.66 9.72 20.05
C MET C 296 -21.66 8.33 19.43
N LEU C 297 -22.65 8.01 18.60
CA LEU C 297 -22.85 6.67 18.08
C LEU C 297 -22.95 6.76 16.56
N LEU C 298 -23.48 5.70 15.94
CA LEU C 298 -24.09 5.78 14.61
C LEU C 298 -23.11 6.12 13.49
N TYR C 299 -22.37 5.11 13.03
CA TYR C 299 -21.37 5.17 11.96
C TYR C 299 -21.87 5.85 10.68
N ARG C 300 -20.93 6.22 9.81
CA ARG C 300 -21.24 6.96 8.58
C ARG C 300 -22.26 6.22 7.71
N LEU C 301 -22.10 4.91 7.56
CA LEU C 301 -23.11 4.12 6.88
C LEU C 301 -24.40 4.04 7.69
N GLU C 302 -24.27 3.97 9.03
CA GLU C 302 -25.41 3.75 9.90
C GLU C 302 -26.38 4.92 9.97
N ARG C 303 -25.91 6.15 9.70
CA ARG C 303 -26.76 7.33 9.86
C ARG C 303 -27.88 7.44 8.84
N LEU C 304 -27.83 6.65 7.77
CA LEU C 304 -28.80 6.76 6.67
C LEU C 304 -30.21 6.48 7.16
N GLN C 305 -30.40 5.42 7.95
CA GLN C 305 -31.71 5.11 8.50
C GLN C 305 -32.21 6.17 9.48
N TYR C 306 -31.31 7.02 9.99
CA TYR C 306 -31.72 8.11 10.84
C TYR C 306 -32.43 9.22 10.05
N ASP C 307 -32.16 9.33 8.74
CA ASP C 307 -32.68 10.46 7.97
C ASP C 307 -34.16 10.30 7.66
N GLU C 308 -34.52 9.23 6.93
CA GLU C 308 -35.90 9.06 6.49
C GLU C 308 -36.86 8.81 7.65
N LEU C 309 -36.34 8.36 8.80
CA LEU C 309 -37.18 8.25 10.00
C LEU C 309 -37.70 9.61 10.42
N LEU C 310 -36.91 10.66 10.25
CA LEU C 310 -37.43 12.01 10.43
C LEU C 310 -38.37 12.40 9.30
N LYS C 311 -38.09 11.93 8.07
CA LYS C 311 -38.93 12.27 6.93
C LYS C 311 -40.32 11.68 7.08
N LYS C 312 -40.41 10.46 7.62
CA LYS C 312 -41.70 9.92 8.03
C LYS C 312 -42.27 10.72 9.19
N SER C 313 -41.42 11.15 10.12
CA SER C 313 -41.89 11.90 11.28
C SER C 313 -42.32 13.32 10.95
N SER C 314 -41.75 13.92 9.90
CA SER C 314 -42.11 15.27 9.52
C SER C 314 -43.44 15.35 8.79
N LYS C 315 -43.99 14.22 8.34
CA LYS C 315 -45.27 14.19 7.64
C LYS C 315 -46.37 13.49 8.41
N ASP C 316 -46.03 12.69 9.42
CA ASP C 316 -47.02 11.97 10.22
C ASP C 316 -47.40 12.71 11.48
N GLN C 317 -46.83 13.90 11.72
CA GLN C 317 -47.11 14.75 12.89
C GLN C 317 -46.84 14.01 14.20
N LYS C 318 -45.77 13.22 14.22
CA LYS C 318 -45.37 12.48 15.41
C LYS C 318 -43.87 12.64 15.61
N PRO C 319 -43.43 13.06 16.79
CA PRO C 319 -41.98 13.16 17.05
C PRO C 319 -41.33 11.78 17.09
N LEU C 320 -40.06 11.74 16.68
CA LEU C 320 -39.30 10.51 16.63
C LEU C 320 -38.39 10.40 17.86
N VAL C 321 -38.38 9.22 18.47
CA VAL C 321 -37.47 8.94 19.57
C VAL C 321 -36.73 7.65 19.19
N PRO C 322 -35.47 7.46 19.61
CA PRO C 322 -34.82 6.17 19.35
C PRO C 322 -34.98 5.19 20.50
N ILE C 323 -35.89 5.48 21.43
CA ILE C 323 -36.03 4.66 22.63
C ILE C 323 -36.67 3.32 22.27
N ARG C 324 -37.75 3.33 21.49
CA ARG C 324 -38.46 2.12 21.15
C ARG C 324 -37.95 1.42 19.88
N ILE C 325 -37.01 2.02 19.15
CA ILE C 325 -36.68 1.51 17.81
C ILE C 325 -35.25 1.02 17.68
N TYR C 326 -34.41 1.16 18.70
CA TYR C 326 -33.00 0.79 18.57
C TYR C 326 -32.64 -0.32 19.55
N GLY C 327 -31.74 -1.21 19.11
CA GLY C 327 -31.45 -2.44 19.83
C GLY C 327 -30.39 -2.29 20.90
N ALA C 328 -30.02 -3.44 21.47
CA ALA C 328 -29.08 -3.49 22.59
C ALA C 328 -27.63 -3.31 22.15
N ILE C 329 -27.33 -3.53 20.87
CA ILE C 329 -25.97 -3.30 20.39
C ILE C 329 -25.65 -1.80 20.42
N HIS C 330 -26.66 -0.94 20.23
CA HIS C 330 -26.44 0.48 20.38
C HIS C 330 -26.28 0.87 21.85
N LEU C 331 -26.92 0.13 22.76
CA LEU C 331 -26.63 0.30 24.18
C LEU C 331 -25.18 -0.06 24.49
N LEU C 332 -24.68 -1.13 23.86
CA LEU C 332 -23.28 -1.51 24.02
C LEU C 332 -22.35 -0.42 23.50
N ARG C 333 -22.70 0.16 22.34
CA ARG C 333 -21.92 1.27 21.80
C ARG C 333 -21.94 2.47 22.74
N LEU C 334 -23.11 2.79 23.31
CA LEU C 334 -23.21 3.92 24.22
C LEU C 334 -22.39 3.71 25.49
N ILE C 335 -22.46 2.51 26.07
CA ILE C 335 -21.69 2.24 27.27
C ILE C 335 -20.22 1.99 26.97
N SER C 336 -19.85 1.90 25.69
CA SER C 336 -18.44 1.85 25.33
C SER C 336 -17.85 3.20 24.95
N VAL C 337 -18.67 4.20 24.58
CA VAL C 337 -18.13 5.53 24.33
C VAL C 337 -18.23 6.48 25.52
N LEU C 338 -18.82 6.05 26.63
CA LEU C 338 -18.82 6.92 27.80
C LEU C 338 -17.49 7.15 28.53
N PRO C 339 -16.46 6.27 28.50
CA PRO C 339 -15.21 6.63 29.21
C PRO C 339 -14.44 7.78 28.58
N GLU C 340 -14.59 8.03 27.28
CA GLU C 340 -13.78 9.04 26.61
C GLU C 340 -14.41 10.43 26.64
N LEU C 341 -15.54 10.60 27.31
CA LEU C 341 -16.17 11.91 27.43
C LEU C 341 -16.40 12.37 28.87
N ILE C 342 -16.26 11.48 29.85
CA ILE C 342 -16.44 11.89 31.24
C ILE C 342 -15.28 12.78 31.70
N SER C 343 -14.09 12.60 31.12
CA SER C 343 -12.94 13.40 31.50
C SER C 343 -12.96 14.80 30.89
N SER C 344 -13.88 15.08 29.97
CA SER C 344 -13.96 16.42 29.37
C SER C 344 -14.47 17.44 30.37
N THR C 345 -15.46 17.08 31.17
CA THR C 345 -16.04 17.97 32.18
C THR C 345 -15.54 17.59 33.56
N THR C 346 -15.98 18.35 34.57
CA THR C 346 -15.59 18.10 35.96
C THR C 346 -16.50 17.01 36.53
N MET C 347 -16.16 15.77 36.18
CA MET C 347 -16.94 14.61 36.59
C MET C 347 -16.64 14.29 38.05
N ASP C 348 -17.69 14.23 38.86
CA ASP C 348 -17.57 13.97 40.29
C ASP C 348 -17.45 12.47 40.52
N LEU C 349 -16.33 12.04 41.09
CA LEU C 349 -16.03 10.61 41.20
C LEU C 349 -16.92 9.92 42.22
N GLN C 350 -17.21 10.58 43.34
CA GLN C 350 -18.02 9.95 44.38
C GLN C 350 -19.48 9.79 43.95
N SER C 351 -20.00 10.73 43.17
CA SER C 351 -21.36 10.63 42.69
C SER C 351 -21.50 9.72 41.48
N CYS C 352 -20.40 9.23 40.92
CA CYS C 352 -20.43 8.40 39.72
C CYS C 352 -19.84 7.01 39.93
N GLN C 353 -19.23 6.74 41.10
CA GLN C 353 -18.66 5.41 41.35
C GLN C 353 -19.72 4.32 41.28
N LEU C 354 -20.92 4.60 41.82
CA LEU C 354 -22.03 3.69 41.64
C LEU C 354 -22.49 3.63 40.19
N LEU C 355 -22.20 4.65 39.37
CA LEU C 355 -22.54 4.55 37.95
C LEU C 355 -21.62 3.57 37.23
N ILE C 356 -20.31 3.59 37.51
CA ILE C 356 -19.47 2.54 36.92
C ILE C 356 -19.83 1.18 37.51
N LYS C 357 -20.25 1.14 38.77
CA LYS C 357 -20.73 -0.12 39.36
C LYS C 357 -21.97 -0.64 38.62
N GLN C 358 -22.90 0.24 38.29
CA GLN C 358 -24.10 -0.17 37.57
C GLN C 358 -23.78 -0.60 36.14
N THR C 359 -22.83 0.08 35.49
CA THR C 359 -22.43 -0.34 34.15
C THR C 359 -21.75 -1.71 34.18
N GLU C 360 -20.91 -1.97 35.21
CA GLU C 360 -20.29 -3.28 35.30
C GLU C 360 -21.31 -4.36 35.66
N ASP C 361 -22.38 -3.98 36.38
CA ASP C 361 -23.52 -4.87 36.54
C ASP C 361 -24.17 -5.17 35.20
N PHE C 362 -24.26 -4.17 34.33
CA PHE C 362 -24.80 -4.39 32.99
C PHE C 362 -23.91 -5.33 32.17
N LEU C 363 -22.58 -5.17 32.26
CA LEU C 363 -21.70 -6.10 31.56
C LEU C 363 -21.80 -7.53 32.09
N VAL C 364 -21.88 -7.72 33.41
CA VAL C 364 -21.95 -9.10 33.89
C VAL C 364 -23.32 -9.71 33.56
N TRP C 365 -24.38 -8.89 33.56
CA TRP C 365 -25.69 -9.40 33.16
C TRP C 365 -25.73 -9.76 31.67
N LEU C 366 -25.08 -8.95 30.83
CA LEU C 366 -24.99 -9.31 29.41
C LEU C 366 -24.08 -10.51 29.18
N LEU C 367 -23.09 -10.72 30.06
CA LEU C 367 -22.29 -11.94 30.02
C LEU C 367 -23.13 -13.15 30.39
N MET C 368 -24.12 -12.97 31.27
CA MET C 368 -25.01 -14.08 31.62
C MET C 368 -25.88 -14.48 30.43
N HIS C 369 -26.54 -13.50 29.80
CA HIS C 369 -27.48 -13.76 28.71
C HIS C 369 -26.80 -13.47 27.37
N VAL C 370 -26.34 -14.53 26.70
CA VAL C 370 -25.73 -14.41 25.38
C VAL C 370 -26.46 -15.20 24.31
N ASP C 371 -27.43 -16.06 24.68
CA ASP C 371 -28.06 -16.96 23.71
C ASP C 371 -29.42 -16.47 23.23
N GLU C 372 -30.33 -16.14 24.15
CA GLU C 372 -31.69 -15.77 23.78
C GLU C 372 -31.85 -14.30 23.45
N TYR C 373 -30.79 -13.50 23.57
CA TYR C 373 -30.84 -12.08 23.26
C TYR C 373 -30.00 -11.72 22.05
N PHE C 374 -28.72 -12.04 22.05
CA PHE C 374 -27.81 -11.70 20.97
C PHE C 374 -27.67 -12.92 20.06
N ASN C 375 -28.21 -12.83 18.85
CA ASN C 375 -28.17 -13.92 17.89
C ASN C 375 -27.02 -13.70 16.91
N ASP C 376 -26.39 -14.81 16.51
CA ASP C 376 -25.27 -14.80 15.58
C ASP C 376 -25.69 -15.19 14.17
N LYS C 377 -26.99 -15.22 13.87
CA LYS C 377 -27.47 -15.73 12.60
C LYS C 377 -27.17 -14.76 11.46
N ASP C 378 -27.57 -15.15 10.26
CA ASP C 378 -27.35 -14.36 9.05
C ASP C 378 -28.66 -14.17 8.32
N PRO C 379 -28.82 -13.04 7.61
CA PRO C 379 -30.07 -12.80 6.88
C PRO C 379 -30.14 -13.51 5.53
N ASN C 380 -29.17 -14.34 5.18
CA ASN C 380 -29.18 -15.01 3.89
C ASN C 380 -30.27 -16.09 3.82
N ARG C 381 -30.58 -16.73 4.94
CA ARG C 381 -31.59 -17.78 4.96
C ARG C 381 -32.76 -17.51 5.90
N SER C 382 -32.60 -16.63 6.89
CA SER C 382 -33.69 -16.30 7.80
C SER C 382 -33.53 -14.86 8.26
N ASP C 383 -34.64 -14.12 8.26
CA ASP C 383 -34.62 -12.70 8.62
C ASP C 383 -35.01 -12.51 10.08
N ASP C 384 -34.16 -13.04 10.97
CA ASP C 384 -34.35 -12.89 12.41
C ASP C 384 -33.02 -12.63 13.11
N ALA C 385 -32.04 -12.08 12.40
CA ALA C 385 -30.71 -11.86 12.93
C ALA C 385 -30.45 -10.40 13.34
N LEU C 386 -31.45 -9.53 13.25
CA LEU C 386 -31.37 -8.12 13.64
C LEU C 386 -30.35 -7.36 12.78
N TYR C 387 -30.01 -7.91 11.62
CA TYR C 387 -28.98 -7.34 10.75
C TYR C 387 -29.29 -7.74 9.33
N VAL C 388 -29.53 -6.76 8.45
CA VAL C 388 -29.81 -7.01 7.05
C VAL C 388 -28.78 -6.28 6.18
N ASN C 389 -28.63 -6.78 4.95
CA ASN C 389 -27.59 -6.28 4.07
C ASN C 389 -27.96 -4.91 3.50
N THR C 390 -26.95 -4.26 2.92
CA THR C 390 -27.08 -2.94 2.32
C THR C 390 -26.87 -3.07 0.81
N SER C 391 -27.84 -2.59 0.04
CA SER C 391 -27.75 -2.66 -1.41
C SER C 391 -26.92 -1.49 -1.94
N SER C 392 -26.70 -1.48 -3.26
CA SER C 392 -25.92 -0.42 -3.89
C SER C 392 -26.69 0.89 -3.94
N GLN C 393 -28.02 0.85 -3.84
CA GLN C 393 -28.80 2.08 -3.69
C GLN C 393 -28.45 2.80 -2.40
N TYR C 394 -28.48 2.08 -1.28
CA TYR C 394 -28.14 2.67 0.00
C TYR C 394 -26.64 2.89 0.15
N GLU C 395 -25.81 2.12 -0.55
CA GLU C 395 -24.39 2.43 -0.62
C GLU C 395 -24.14 3.74 -1.36
N GLY C 396 -24.84 3.95 -2.48
CA GLY C 396 -24.67 5.18 -3.22
C GLY C 396 -25.19 6.40 -2.48
N VAL C 397 -26.36 6.28 -1.84
CA VAL C 397 -26.91 7.42 -1.11
C VAL C 397 -26.27 7.59 0.26
N ALA C 398 -25.53 6.58 0.74
CA ALA C 398 -24.87 6.64 2.04
C ALA C 398 -23.40 7.04 1.92
N LEU C 399 -22.63 6.28 1.16
CA LEU C 399 -21.20 6.57 0.98
C LEU C 399 -21.00 7.43 -0.26
N GLY C 400 -21.38 8.69 -0.13
CA GLY C 400 -21.26 9.66 -1.20
C GLY C 400 -20.07 10.58 -1.03
N LYS D 33 3.75 13.85 -40.64
CA LYS D 33 3.34 12.99 -39.55
C LYS D 33 3.91 13.47 -38.22
N LYS D 34 5.13 14.00 -38.27
CA LYS D 34 5.79 14.51 -37.07
C LYS D 34 5.42 15.95 -36.74
N ARG D 35 4.62 16.61 -37.59
CA ARG D 35 4.20 17.99 -37.37
C ARG D 35 2.68 18.02 -37.26
N PRO D 36 2.13 17.94 -36.05
CA PRO D 36 0.67 17.96 -35.87
C PRO D 36 0.05 19.35 -35.82
N LYS D 37 0.78 20.40 -36.19
CA LYS D 37 0.22 21.75 -36.17
C LYS D 37 -0.59 22.03 -37.43
N ARG D 38 0.07 22.01 -38.59
CA ARG D 38 -0.62 22.27 -39.85
C ARG D 38 -1.44 21.07 -40.31
N LEU D 39 -0.98 19.85 -40.02
CA LEU D 39 -1.67 18.65 -40.46
C LEU D 39 -3.03 18.48 -39.78
N SER D 40 -3.16 19.00 -38.55
CA SER D 40 -4.43 18.96 -37.85
C SER D 40 -5.29 20.16 -38.26
N SER D 41 -6.46 20.28 -37.64
CA SER D 41 -7.36 21.40 -37.89
C SER D 41 -6.90 22.59 -37.05
N GLN D 42 -6.01 23.38 -37.64
CA GLN D 42 -5.50 24.56 -36.93
C GLN D 42 -6.38 25.78 -37.15
N ASN D 43 -7.04 25.86 -38.31
CA ASN D 43 -7.90 27.01 -38.60
C ASN D 43 -9.17 26.98 -37.76
N VAL D 44 -9.78 25.82 -37.60
CA VAL D 44 -10.98 25.63 -36.79
C VAL D 44 -10.62 24.71 -35.64
N ASN D 45 -10.85 25.18 -34.42
CA ASN D 45 -10.50 24.40 -33.22
C ASN D 45 -9.09 23.80 -33.29
N TYR D 46 -8.86 22.71 -32.56
CA TYR D 46 -7.56 22.07 -32.57
C TYR D 46 -7.70 20.60 -32.82
N ASP D 47 -6.80 19.80 -32.25
CA ASP D 47 -6.93 18.37 -32.37
C ASP D 47 -8.25 18.00 -31.75
N LEU D 48 -8.52 18.55 -30.57
CA LEU D 48 -9.80 18.31 -29.92
C LEU D 48 -10.24 19.58 -29.19
N LYS D 49 -9.30 20.49 -28.96
CA LYS D 49 -9.60 21.71 -28.21
C LYS D 49 -10.44 22.68 -29.02
N ARG D 50 -11.18 23.56 -28.34
CA ARG D 50 -12.05 24.51 -29.03
C ARG D 50 -11.48 25.93 -29.05
N ARG D 51 -10.76 26.29 -30.11
CA ARG D 51 -10.23 27.63 -30.26
C ARG D 51 -11.35 28.66 -30.20
N LYS D 52 -10.98 29.91 -29.95
CA LYS D 52 -11.94 30.99 -29.76
C LYS D 52 -12.47 31.51 -31.10
N ILE D 53 -11.83 31.14 -32.22
CA ILE D 53 -12.17 31.71 -33.52
C ILE D 53 -13.57 31.34 -34.04
N ILE D 54 -14.20 30.30 -33.51
CA ILE D 54 -15.62 30.10 -33.81
C ILE D 54 -16.46 31.14 -33.09
N THR D 55 -16.12 31.46 -31.85
CA THR D 55 -16.85 32.49 -31.11
C THR D 55 -16.51 33.90 -31.60
N SER D 56 -15.32 34.09 -32.16
CA SER D 56 -14.93 35.41 -32.67
C SER D 56 -15.71 35.76 -33.93
N GLU D 57 -15.82 34.83 -34.86
CA GLU D 57 -16.53 35.03 -36.12
C GLU D 57 -17.66 34.01 -36.20
N GLY D 58 -18.90 34.48 -36.08
CA GLY D 58 -20.05 33.60 -36.06
C GLY D 58 -21.18 34.01 -36.98
N ILE D 59 -20.92 35.01 -37.83
CA ILE D 59 -21.79 35.55 -38.89
C ILE D 59 -23.22 35.84 -38.40
N GLU D 60 -23.34 36.16 -37.11
CA GLU D 60 -24.64 36.41 -36.51
C GLU D 60 -25.23 37.73 -37.02
N ARG D 61 -26.54 37.72 -37.29
CA ARG D 61 -27.27 38.93 -37.63
C ARG D 61 -28.54 39.13 -36.82
N SER D 62 -28.95 38.14 -36.02
CA SER D 62 -30.15 38.25 -35.20
C SER D 62 -30.03 39.27 -34.08
N PHE D 63 -28.80 39.66 -33.73
CA PHE D 63 -28.57 40.74 -32.78
C PHE D 63 -28.49 42.10 -33.45
N LYS D 64 -28.71 42.15 -34.78
CA LYS D 64 -28.84 43.36 -35.61
C LYS D 64 -27.75 44.40 -35.34
N ASN D 65 -26.53 43.92 -35.11
CA ASN D 65 -25.43 44.83 -34.80
C ASN D 65 -25.75 45.55 -33.50
N GLU D 66 -25.82 44.80 -32.41
CA GLU D 66 -26.15 45.40 -31.13
C GLU D 66 -27.31 46.39 -31.28
N ASP D 261 -13.37 20.69 2.17
CA ASP D 261 -12.22 20.48 3.05
C ASP D 261 -12.11 19.01 3.45
N PHE D 262 -12.01 18.75 4.75
CA PHE D 262 -11.90 17.38 5.21
C PHE D 262 -12.75 17.22 6.47
N CYS D 263 -13.40 16.06 6.59
CA CYS D 263 -14.24 15.75 7.74
C CYS D 263 -13.43 14.91 8.73
N SER D 264 -13.13 15.49 9.90
CA SER D 264 -12.45 14.74 10.94
C SER D 264 -13.34 13.69 11.58
N ALA D 265 -14.66 13.87 11.51
CA ALA D 265 -15.62 12.91 12.03
C ALA D 265 -16.08 11.90 10.99
N CYS D 266 -15.60 12.01 9.75
CA CYS D 266 -15.96 11.09 8.68
C CYS D 266 -14.77 10.31 8.15
N ASN D 267 -13.60 10.95 8.04
CA ASN D 267 -12.36 10.36 7.50
C ASN D 267 -12.57 9.84 6.09
N GLN D 268 -13.41 10.54 5.32
CA GLN D 268 -13.71 10.14 3.94
C GLN D 268 -13.66 11.38 3.06
N SER D 269 -14.01 11.21 1.79
CA SER D 269 -14.03 12.29 0.82
C SER D 269 -15.36 12.26 0.07
N GLY D 270 -15.90 13.45 -0.18
CA GLY D 270 -17.16 13.56 -0.89
C GLY D 270 -17.73 14.96 -0.89
N SER D 271 -19.02 15.10 -0.61
CA SER D 271 -19.68 16.40 -0.57
C SER D 271 -19.39 17.06 0.76
N PHE D 272 -18.51 18.06 0.76
CA PHE D 272 -18.12 18.75 1.98
C PHE D 272 -18.97 20.00 2.19
N LEU D 273 -19.11 20.38 3.46
CA LEU D 273 -19.80 21.62 3.82
C LEU D 273 -19.01 22.25 4.97
N CYS D 274 -18.57 23.49 4.77
CA CYS D 274 -17.76 24.19 5.74
C CYS D 274 -18.63 25.09 6.60
N CYS D 275 -17.98 25.91 7.44
CA CYS D 275 -18.66 26.85 8.30
C CYS D 275 -18.02 28.23 8.15
N ASP D 276 -18.80 29.26 8.49
CA ASP D 276 -18.34 30.64 8.39
C ASP D 276 -17.47 31.06 9.57
N THR D 277 -17.44 30.28 10.65
CA THR D 277 -16.65 30.61 11.83
C THR D 277 -15.42 29.75 12.01
N CYS D 278 -15.45 28.49 11.56
CA CYS D 278 -14.32 27.59 11.72
C CYS D 278 -13.96 26.96 10.37
N PRO D 279 -12.69 26.69 10.13
CA PRO D 279 -12.28 26.07 8.85
C PRO D 279 -12.60 24.60 8.72
N LYS D 280 -13.13 23.97 9.76
CA LYS D 280 -13.48 22.56 9.68
C LYS D 280 -14.70 22.37 8.79
N SER D 281 -14.85 21.14 8.28
CA SER D 281 -15.93 20.81 7.38
C SER D 281 -16.50 19.45 7.75
N PHE D 282 -17.76 19.23 7.35
CA PHE D 282 -18.44 17.97 7.59
C PHE D 282 -19.17 17.54 6.34
N HIS D 283 -19.44 16.24 6.25
CA HIS D 283 -20.25 15.75 5.15
C HIS D 283 -21.71 16.14 5.35
N PHE D 284 -22.45 16.13 4.24
CA PHE D 284 -23.85 16.56 4.27
C PHE D 284 -24.73 15.53 4.97
N LEU D 285 -24.25 14.29 5.09
CA LEU D 285 -25.06 13.20 5.64
C LEU D 285 -24.89 13.03 7.14
N CYS D 286 -23.74 13.40 7.69
CA CYS D 286 -23.45 13.18 9.11
C CYS D 286 -24.04 14.24 10.03
N LEU D 287 -24.92 15.09 9.52
CA LEU D 287 -25.47 16.17 10.32
C LEU D 287 -26.57 15.66 11.24
N ASP D 288 -26.66 16.25 12.44
CA ASP D 288 -27.76 15.90 13.34
C ASP D 288 -29.14 16.38 12.87
N PRO D 289 -29.30 17.52 12.17
CA PRO D 289 -30.58 17.71 11.46
C PRO D 289 -30.49 17.12 10.06
N PRO D 290 -31.32 16.13 9.74
CA PRO D 290 -31.28 15.54 8.40
C PRO D 290 -31.86 16.50 7.37
N ILE D 291 -30.98 17.04 6.53
CA ILE D 291 -31.35 17.98 5.49
C ILE D 291 -30.86 17.43 4.16
N ASP D 292 -31.73 17.44 3.15
CA ASP D 292 -31.42 16.83 1.87
C ASP D 292 -30.33 17.63 1.15
N PRO D 293 -29.41 16.95 0.45
CA PRO D 293 -28.26 17.64 -0.15
C PRO D 293 -28.61 18.58 -1.30
N ASN D 294 -29.79 18.44 -1.92
CA ASN D 294 -30.13 19.33 -3.03
C ASN D 294 -30.58 20.70 -2.56
N ASN D 295 -30.80 20.90 -1.26
CA ASN D 295 -31.19 22.19 -0.70
C ASN D 295 -30.33 22.45 0.54
N LEU D 296 -29.28 23.25 0.36
CA LEU D 296 -28.37 23.54 1.44
C LEU D 296 -29.00 24.50 2.45
N PRO D 297 -28.66 24.37 3.73
CA PRO D 297 -29.14 25.36 4.72
C PRO D 297 -28.54 26.73 4.48
N LYS D 298 -29.32 27.75 4.83
CA LYS D 298 -28.92 29.13 4.65
C LYS D 298 -27.96 29.56 5.76
N GLY D 299 -27.31 30.71 5.54
CA GLY D 299 -26.34 31.19 6.50
C GLY D 299 -25.04 30.45 6.48
N ASP D 300 -24.77 29.66 5.43
CA ASP D 300 -23.57 28.84 5.24
C ASP D 300 -23.37 27.80 6.33
N TRP D 301 -24.43 27.51 7.10
CA TRP D 301 -24.45 26.52 8.18
C TRP D 301 -23.36 26.80 9.22
N HIS D 302 -23.60 27.85 10.01
CA HIS D 302 -22.85 28.09 11.23
C HIS D 302 -22.76 26.81 12.07
N CYS D 303 -21.57 26.58 12.64
CA CYS D 303 -21.21 25.29 13.20
C CYS D 303 -22.04 24.96 14.43
N ASN D 304 -21.99 23.68 14.82
CA ASN D 304 -22.66 23.24 16.05
C ASN D 304 -22.03 23.90 17.27
N GLU D 305 -20.69 24.00 17.29
CA GLU D 305 -20.00 24.63 18.41
C GLU D 305 -20.37 26.10 18.55
N CYS D 306 -20.34 26.85 17.44
CA CYS D 306 -20.60 28.28 17.51
C CYS D 306 -22.07 28.57 17.80
N LYS D 307 -22.99 27.83 17.16
CA LYS D 307 -24.41 28.08 17.40
C LYS D 307 -24.82 27.63 18.80
N PHE D 308 -24.18 26.60 19.35
CA PHE D 308 -24.55 26.16 20.69
C PHE D 308 -23.78 26.91 21.77
N LYS D 309 -22.71 27.64 21.40
CA LYS D 309 -22.10 28.54 22.35
C LYS D 309 -22.77 29.91 22.34
N ILE D 310 -23.44 30.28 21.24
CA ILE D 310 -24.26 31.48 21.25
C ILE D 310 -25.72 31.20 21.59
N PHE D 311 -26.10 29.94 21.79
CA PHE D 311 -27.48 29.61 22.08
C PHE D 311 -27.67 29.22 23.55
N ILE D 312 -26.87 28.28 24.08
CA ILE D 312 -27.09 27.84 25.45
C ILE D 312 -25.85 28.01 26.32
N ASN D 313 -24.65 27.93 25.73
CA ASN D 313 -23.45 27.83 26.54
C ASN D 313 -23.03 29.19 27.10
N ASN D 314 -22.70 30.13 26.23
CA ASN D 314 -22.41 31.51 26.65
C ASN D 314 -23.70 32.30 26.51
N SER D 315 -24.35 32.55 27.65
CA SER D 315 -25.69 33.10 27.68
C SER D 315 -25.86 33.85 29.00
N MET D 316 -27.11 34.10 29.39
CA MET D 316 -27.44 34.80 30.62
C MET D 316 -26.95 34.01 31.85
N ALA D 317 -26.94 34.69 32.99
CA ALA D 317 -26.43 34.18 34.27
C ALA D 317 -24.95 33.79 34.15
N THR D 318 -24.12 34.80 33.90
CA THR D 318 -22.68 34.62 33.74
C THR D 318 -22.00 34.53 35.12
N LEU D 319 -20.68 34.64 35.11
CA LEU D 319 -19.81 34.64 36.30
C LEU D 319 -19.90 33.35 37.10
N LYS D 320 -20.28 32.24 36.46
CA LYS D 320 -20.33 30.94 37.11
C LYS D 320 -20.26 29.87 36.03
N LYS D 321 -19.98 28.64 36.46
CA LYS D 321 -19.94 27.51 35.56
C LYS D 321 -21.35 27.19 35.08
N ILE D 322 -21.50 27.00 33.76
CA ILE D 322 -22.83 26.95 33.15
C ILE D 322 -23.58 25.68 33.54
N GLU D 323 -22.88 24.55 33.60
CA GLU D 323 -23.56 23.29 33.90
C GLU D 323 -23.71 23.03 35.39
N SER D 324 -23.31 23.97 36.26
CA SER D 324 -23.62 23.85 37.68
C SER D 324 -25.12 23.99 37.92
N ASN D 325 -25.76 24.94 37.23
CA ASN D 325 -27.21 25.11 37.36
C ASN D 325 -28.00 24.09 36.55
N PHE D 326 -27.32 23.28 35.73
CA PHE D 326 -27.99 22.22 34.98
C PHE D 326 -28.55 21.17 35.92
N ILE D 327 -27.80 20.83 36.97
CA ILE D 327 -28.19 19.77 37.90
C ILE D 327 -29.46 20.13 38.66
N LYS D 328 -29.65 21.41 38.98
CA LYS D 328 -30.87 21.85 39.65
C LYS D 328 -32.08 21.87 38.71
N GLN D 329 -31.87 21.78 37.40
CA GLN D 329 -32.95 21.80 36.43
C GLN D 329 -33.42 20.40 36.05
N ASN D 330 -32.86 19.36 36.65
CA ASN D 330 -33.21 17.99 36.32
C ASN D 330 -34.33 17.48 37.22
N ASN D 331 -35.23 16.70 36.64
CA ASN D 331 -36.36 16.13 37.37
C ASN D 331 -36.28 14.61 37.31
N ASN D 332 -36.28 13.98 38.49
CA ASN D 332 -36.30 12.52 38.67
C ASN D 332 -35.08 11.84 38.04
N VAL D 333 -33.99 12.58 37.84
CA VAL D 333 -32.74 12.02 37.34
C VAL D 333 -31.58 12.61 38.14
N LYS D 334 -30.72 11.74 38.66
CA LYS D 334 -29.57 12.19 39.45
C LYS D 334 -28.27 11.48 39.13
N ILE D 335 -28.30 10.35 38.40
CA ILE D 335 -27.07 9.62 38.14
C ILE D 335 -26.24 10.25 37.02
N PHE D 336 -26.83 11.14 36.24
CA PHE D 336 -26.12 11.85 35.18
C PHE D 336 -26.08 13.33 35.57
N ALA D 337 -25.05 13.70 36.35
CA ALA D 337 -24.97 15.05 36.87
C ALA D 337 -24.61 16.06 35.79
N LYS D 338 -23.60 15.72 34.96
CA LYS D 338 -23.13 16.62 33.93
C LYS D 338 -22.96 15.94 32.58
N LEU D 339 -23.53 14.75 32.40
CA LEU D 339 -23.31 13.96 31.18
C LEU D 339 -24.37 14.18 30.11
N LEU D 340 -25.34 15.07 30.33
CA LEU D 340 -26.32 15.38 29.30
C LEU D 340 -26.10 16.74 28.66
N PHE D 341 -25.31 17.62 29.30
CA PHE D 341 -25.06 18.94 28.73
C PHE D 341 -23.98 18.92 27.66
N ASN D 342 -23.06 17.95 27.71
CA ASN D 342 -21.97 17.92 26.75
C ASN D 342 -22.44 17.51 25.36
N ILE D 343 -23.30 16.49 25.27
CA ILE D 343 -23.82 16.06 23.98
C ILE D 343 -24.74 17.09 23.36
N ASP D 344 -25.26 18.02 24.17
CA ASP D 344 -26.08 19.11 23.66
C ASP D 344 -25.24 20.06 22.80
N SER D 345 -23.99 20.29 23.18
CA SER D 345 -23.14 21.31 22.55
C SER D 345 -21.82 20.71 22.09
N HIS D 346 -21.87 19.56 21.43
CA HIS D 346 -20.70 18.97 20.78
C HIS D 346 -21.00 18.64 19.33
N ASN D 347 -19.92 18.56 18.55
CA ASN D 347 -19.99 18.35 17.11
C ASN D 347 -20.49 16.95 16.78
N PRO D 348 -21.10 16.76 15.61
CA PRO D 348 -21.42 15.39 15.15
C PRO D 348 -20.16 14.56 14.99
N LYS D 349 -20.27 13.27 15.32
CA LYS D 349 -19.12 12.39 15.29
C LYS D 349 -19.60 10.95 15.13
N GLN D 350 -19.03 10.23 14.17
CA GLN D 350 -19.33 8.82 14.00
C GLN D 350 -18.63 8.01 15.10
N PHE D 351 -19.02 6.74 15.20
CA PHE D 351 -18.38 5.84 16.16
C PHE D 351 -16.94 5.59 15.73
N GLN D 352 -16.00 5.98 16.58
CA GLN D 352 -14.61 5.58 16.45
C GLN D 352 -14.28 4.61 17.59
N LEU D 353 -13.49 3.59 17.28
CA LEU D 353 -13.22 2.54 18.25
C LEU D 353 -12.37 3.08 19.39
N PRO D 354 -12.68 2.75 20.64
CA PRO D 354 -11.83 3.17 21.76
C PRO D 354 -10.45 2.52 21.69
N ASN D 355 -9.47 3.21 22.29
CA ASN D 355 -8.09 2.73 22.25
C ASN D 355 -7.91 1.43 23.01
N TYR D 356 -8.58 1.27 24.15
CA TYR D 356 -8.43 0.03 24.91
C TYR D 356 -9.11 -1.14 24.22
N ILE D 357 -10.21 -0.90 23.50
CA ILE D 357 -10.86 -1.97 22.75
C ILE D 357 -10.01 -2.39 21.56
N LYS D 358 -9.45 -1.42 20.83
CA LYS D 358 -8.64 -1.76 19.66
C LYS D 358 -7.29 -2.32 20.03
N GLU D 359 -6.76 -2.00 21.21
CA GLU D 359 -5.54 -2.64 21.70
C GLU D 359 -5.84 -3.94 22.44
N THR D 360 -7.11 -4.18 22.79
CA THR D 360 -7.49 -5.43 23.42
C THR D 360 -7.34 -6.60 22.45
N PHE D 361 -7.71 -6.39 21.18
CA PHE D 361 -7.50 -7.38 20.12
C PHE D 361 -6.38 -6.88 19.22
N PRO D 362 -5.15 -7.41 19.36
CA PRO D 362 -4.06 -6.99 18.46
C PRO D 362 -4.26 -7.41 17.02
N ALA D 363 -5.02 -8.48 16.76
CA ALA D 363 -5.28 -8.89 15.38
C ALA D 363 -6.24 -7.94 14.68
N VAL D 364 -6.98 -7.11 15.43
CA VAL D 364 -7.90 -6.14 14.87
C VAL D 364 -7.18 -4.80 14.80
N LYS D 365 -7.05 -4.26 13.60
CA LYS D 365 -6.38 -2.99 13.38
C LYS D 365 -7.19 -2.12 12.43
N THR D 366 -6.94 -0.81 12.49
CA THR D 366 -7.62 0.12 11.61
C THR D 366 -7.11 -0.03 10.17
N GLY D 367 -7.90 0.47 9.23
CA GLY D 367 -7.62 0.36 7.83
C GLY D 367 -7.11 1.65 7.22
N SER D 368 -7.38 1.80 5.91
CA SER D 368 -6.92 2.98 5.19
C SER D 368 -7.66 4.24 5.63
N ARG D 369 -8.99 4.18 5.71
CA ARG D 369 -9.77 5.28 6.26
C ARG D 369 -10.45 4.89 7.57
N GLY D 370 -10.23 3.65 8.03
CA GLY D 370 -10.76 3.22 9.31
C GLY D 370 -11.89 2.21 9.31
N GLN D 371 -11.80 1.17 8.47
CA GLN D 371 -12.69 0.03 8.61
C GLN D 371 -12.01 -1.04 9.46
N TYR D 372 -12.73 -2.13 9.67
CA TYR D 372 -12.14 -3.33 10.24
C TYR D 372 -11.23 -3.99 9.21
N SER D 373 -10.03 -4.41 9.63
CA SER D 373 -9.07 -5.04 8.74
C SER D 373 -8.31 -6.12 9.51
N ASP D 374 -8.72 -7.37 9.34
CA ASP D 374 -7.98 -8.52 9.87
C ASP D 374 -7.50 -9.45 8.77
N GLU D 375 -8.41 -9.90 7.90
CA GLU D 375 -8.07 -10.76 6.78
C GLU D 375 -7.94 -10.00 5.48
N ASN D 376 -7.93 -8.67 5.53
CA ASN D 376 -7.81 -7.84 4.34
C ASN D 376 -6.34 -7.70 3.94
N ASP D 377 -6.07 -6.78 3.02
CA ASP D 377 -4.73 -6.48 2.50
C ASP D 377 -4.04 -7.71 1.92
N THR D 382 6.23 5.23 1.76
CA THR D 382 4.77 5.30 1.59
C THR D 382 4.32 6.74 1.35
N ASP D 383 3.04 6.91 1.03
CA ASP D 383 2.48 8.22 0.79
C ASP D 383 2.24 8.92 2.13
N ARG D 384 2.86 10.08 2.32
CA ARG D 384 2.73 10.81 3.58
C ARG D 384 2.52 12.31 3.39
N GLN D 385 2.52 12.82 2.15
CA GLN D 385 2.39 14.24 1.82
C GLN D 385 3.43 15.10 2.53
N ILE D 395 1.00 -6.67 -15.56
CA ILE D 395 2.33 -6.34 -16.06
C ILE D 395 2.90 -7.53 -16.82
N THR D 396 2.84 -8.71 -16.22
CA THR D 396 3.38 -9.91 -16.83
C THR D 396 2.37 -10.49 -17.82
N LYS D 397 2.82 -10.69 -19.06
CA LYS D 397 2.01 -11.29 -20.11
C LYS D 397 2.52 -12.63 -20.59
N LEU D 398 3.84 -12.82 -20.61
CA LEU D 398 4.45 -14.04 -21.11
C LEU D 398 4.86 -14.94 -19.95
N ASP D 399 5.55 -16.04 -20.26
CA ASP D 399 6.02 -16.99 -19.25
C ASP D 399 7.23 -16.39 -18.53
N SER D 400 6.95 -15.45 -17.63
CA SER D 400 8.01 -14.78 -16.88
C SER D 400 7.73 -14.82 -15.38
N TYR D 401 6.46 -14.89 -15.00
CA TYR D 401 6.12 -14.93 -13.58
C TYR D 401 6.06 -16.37 -13.08
N ASN D 402 5.67 -17.30 -13.94
CA ASN D 402 5.63 -18.73 -13.61
C ASN D 402 7.00 -19.31 -13.25
N PRO D 403 8.13 -18.93 -13.89
CA PRO D 403 9.42 -19.31 -13.32
C PRO D 403 9.66 -18.76 -11.92
N ASP D 404 9.15 -17.58 -11.62
CA ASP D 404 9.18 -17.08 -10.25
C ASP D 404 8.14 -17.81 -9.41
N THR D 405 8.25 -17.65 -8.09
CA THR D 405 7.42 -18.31 -7.07
C THR D 405 7.45 -19.84 -7.18
N HIS D 406 8.51 -20.39 -7.75
CA HIS D 406 8.75 -21.83 -7.80
C HIS D 406 10.02 -22.21 -7.05
N ILE D 407 11.10 -21.47 -7.28
CA ILE D 407 12.28 -21.57 -6.43
C ILE D 407 12.06 -20.72 -5.20
N ASP D 408 12.22 -21.33 -4.01
CA ASP D 408 12.01 -20.60 -2.77
C ASP D 408 13.11 -19.56 -2.58
N SER D 409 12.71 -18.40 -2.06
CA SER D 409 13.67 -17.31 -1.88
C SER D 409 14.65 -17.59 -0.75
N ASN D 410 14.26 -18.42 0.22
CA ASN D 410 15.12 -18.70 1.36
C ASN D 410 15.95 -19.96 1.16
N SER D 411 15.30 -21.10 0.94
CA SER D 411 16.00 -22.38 0.84
C SER D 411 16.16 -22.86 -0.59
N GLY D 412 15.26 -22.49 -1.50
CA GLY D 412 15.31 -22.96 -2.87
C GLY D 412 14.63 -24.28 -3.12
N LYS D 413 14.08 -24.92 -2.10
CA LYS D 413 13.38 -26.18 -2.27
C LYS D 413 12.05 -25.95 -2.98
N PHE D 414 11.66 -26.92 -3.81
CA PHE D 414 10.43 -26.81 -4.58
C PHE D 414 9.22 -26.98 -3.68
N LEU D 415 8.28 -26.04 -3.76
CA LEU D 415 7.02 -26.15 -3.04
C LEU D 415 6.12 -27.14 -3.76
N ILE D 416 5.59 -28.11 -3.02
CA ILE D 416 4.85 -29.23 -3.61
C ILE D 416 3.35 -29.00 -3.39
N CYS D 417 2.57 -29.14 -4.46
CA CYS D 417 1.13 -28.98 -4.38
C CYS D 417 0.50 -30.13 -3.60
N TYR D 418 -0.70 -29.89 -3.10
CA TYR D 418 -1.36 -30.89 -2.27
C TYR D 418 -2.16 -31.91 -3.06
N LYS D 419 -3.16 -31.45 -3.81
CA LYS D 419 -4.04 -32.38 -4.50
C LYS D 419 -3.29 -33.16 -5.58
N CYS D 420 -2.35 -32.52 -6.27
CA CYS D 420 -1.51 -33.19 -7.25
C CYS D 420 -0.07 -33.21 -6.75
N ASN D 421 0.61 -34.32 -7.02
CA ASN D 421 1.98 -34.53 -6.55
C ASN D 421 3.03 -33.99 -7.51
N GLN D 422 2.62 -33.21 -8.51
CA GLN D 422 3.54 -32.60 -9.46
C GLN D 422 3.36 -31.09 -9.43
N THR D 423 4.47 -30.36 -9.33
CA THR D 423 4.38 -28.90 -9.30
C THR D 423 4.08 -28.32 -10.69
N ARG D 424 4.45 -29.05 -11.76
CA ARG D 424 4.10 -28.73 -13.14
C ARG D 424 4.55 -27.32 -13.54
N LEU D 425 5.87 -27.12 -13.53
CA LEU D 425 6.44 -25.84 -13.96
C LEU D 425 6.24 -25.64 -15.46
N GLY D 426 6.37 -26.71 -16.24
CA GLY D 426 6.19 -26.64 -17.68
C GLY D 426 7.50 -26.52 -18.43
N SER D 427 7.38 -26.34 -19.74
CA SER D 427 8.51 -26.25 -20.64
C SER D 427 8.60 -24.85 -21.23
N TRP D 428 9.84 -24.40 -21.45
CA TRP D 428 10.03 -23.15 -22.19
C TRP D 428 9.80 -23.34 -23.68
N SER D 429 10.06 -24.55 -24.20
CA SER D 429 9.81 -24.84 -25.61
C SER D 429 8.31 -24.86 -25.91
N HIS D 430 7.52 -25.44 -25.02
CA HIS D 430 6.06 -25.45 -25.14
C HIS D 430 5.47 -24.69 -23.97
N PRO D 431 5.13 -23.40 -24.15
CA PRO D 431 4.55 -22.62 -23.03
C PRO D 431 3.25 -23.18 -22.47
N GLU D 432 2.48 -23.93 -23.26
CA GLU D 432 1.18 -24.42 -22.83
C GLU D 432 1.28 -25.46 -21.72
N ASN D 433 2.47 -26.04 -21.49
CA ASN D 433 2.66 -26.98 -20.40
C ASN D 433 2.86 -26.29 -19.06
N SER D 434 3.08 -24.97 -19.05
CA SER D 434 3.28 -24.23 -17.81
C SER D 434 1.95 -24.05 -17.09
N ARG D 435 1.96 -24.28 -15.78
CA ARG D 435 0.76 -24.20 -14.95
C ARG D 435 0.99 -23.24 -13.80
N LEU D 436 -0.03 -22.44 -13.50
CA LEU D 436 0.08 -21.41 -12.48
C LEU D 436 -0.15 -22.02 -11.10
N ILE D 437 0.67 -21.61 -10.14
CA ILE D 437 0.58 -22.08 -8.76
C ILE D 437 0.42 -20.85 -7.85
N MET D 438 -0.14 -21.08 -6.66
CA MET D 438 -0.41 -20.01 -5.71
C MET D 438 0.33 -20.25 -4.40
N THR D 439 0.25 -19.24 -3.53
CA THR D 439 0.85 -19.31 -2.20
C THR D 439 -0.15 -18.76 -1.18
N CYS D 440 0.07 -19.11 0.08
CA CYS D 440 -0.79 -18.68 1.18
C CYS D 440 -0.06 -17.64 2.03
N ASP D 441 -0.80 -16.62 2.45
CA ASP D 441 -0.25 -15.54 3.26
C ASP D 441 -0.25 -15.86 4.75
N TYR D 442 -0.76 -17.03 5.15
CA TYR D 442 -0.84 -17.41 6.55
C TYR D 442 0.12 -18.52 6.93
N CYS D 443 0.08 -19.65 6.21
CA CYS D 443 0.94 -20.79 6.52
C CYS D 443 1.76 -21.25 5.31
N GLN D 444 1.80 -20.46 4.24
CA GLN D 444 2.60 -20.71 3.03
C GLN D 444 2.27 -22.06 2.39
N THR D 445 1.00 -22.42 2.38
CA THR D 445 0.57 -23.67 1.76
C THR D 445 0.51 -23.51 0.25
N PRO D 446 1.22 -24.36 -0.52
CA PRO D 446 1.12 -24.29 -1.97
C PRO D 446 -0.22 -24.80 -2.47
N TRP D 447 -0.71 -24.19 -3.54
CA TRP D 447 -1.97 -24.60 -4.16
C TRP D 447 -1.94 -24.25 -5.63
N HIS D 448 -2.44 -25.16 -6.47
CA HIS D 448 -2.50 -24.94 -7.90
C HIS D 448 -3.82 -24.29 -8.31
N LEU D 449 -3.82 -23.74 -9.52
CA LEU D 449 -5.00 -23.10 -10.09
C LEU D 449 -5.99 -24.11 -10.66
N ASP D 450 -5.58 -25.37 -10.82
CA ASP D 450 -6.43 -26.42 -11.35
C ASP D 450 -7.15 -27.21 -10.27
N CYS D 451 -6.51 -27.38 -9.11
CA CYS D 451 -7.11 -28.15 -8.02
C CYS D 451 -8.28 -27.39 -7.41
N VAL D 452 -8.10 -26.09 -7.16
CA VAL D 452 -9.17 -25.23 -6.64
C VAL D 452 -9.54 -24.22 -7.72
N PRO D 453 -10.84 -23.94 -7.92
CA PRO D 453 -11.25 -22.97 -8.95
C PRO D 453 -10.86 -21.55 -8.59
N ARG D 454 -9.82 -21.03 -9.26
CA ARG D 454 -9.44 -19.63 -9.17
C ARG D 454 -9.17 -19.11 -10.58
N ALA D 455 -9.35 -17.80 -10.75
CA ALA D 455 -9.03 -17.18 -12.03
C ALA D 455 -8.24 -15.88 -11.85
N SER D 456 -8.41 -15.23 -10.69
CA SER D 456 -7.82 -13.94 -10.43
C SER D 456 -6.75 -14.06 -9.36
N PHE D 457 -6.20 -12.90 -8.97
CA PHE D 457 -5.16 -12.80 -7.95
C PHE D 457 -5.69 -11.94 -6.81
N LYS D 458 -6.02 -12.57 -5.69
CA LYS D 458 -6.49 -11.86 -4.50
C LYS D 458 -5.27 -11.48 -3.66
N ASN D 459 -4.57 -10.45 -4.12
CA ASN D 459 -3.40 -9.95 -3.41
C ASN D 459 -3.30 -8.42 -3.42
N LEU D 460 -4.35 -7.73 -3.85
CA LEU D 460 -4.30 -6.27 -3.95
C LEU D 460 -5.38 -5.61 -3.10
N GLY D 461 -5.53 -6.06 -1.86
CA GLY D 461 -6.51 -5.47 -0.97
C GLY D 461 -7.20 -6.47 -0.07
N SER D 462 -6.96 -7.76 -0.31
CA SER D 462 -7.55 -8.82 0.52
C SER D 462 -6.62 -10.02 0.50
N LYS D 463 -6.20 -10.47 1.68
CA LYS D 463 -5.33 -11.63 1.77
C LYS D 463 -6.13 -12.90 1.48
N TRP D 464 -5.65 -13.67 0.51
CA TRP D 464 -6.31 -14.92 0.15
C TRP D 464 -6.04 -15.99 1.20
N LYS D 465 -7.11 -16.67 1.62
CA LYS D 465 -7.00 -17.75 2.58
C LYS D 465 -7.19 -19.09 1.87
N CYS D 466 -6.25 -20.00 2.07
CA CYS D 466 -6.37 -21.33 1.49
C CYS D 466 -7.51 -22.10 2.16
N PRO D 467 -8.21 -22.97 1.41
CA PRO D 467 -9.32 -23.76 1.97
C PRO D 467 -8.86 -24.95 2.81
N LEU D 468 -7.99 -24.69 3.79
CA LEU D 468 -7.50 -25.73 4.69
C LEU D 468 -7.44 -25.26 6.14
N HIS D 469 -7.95 -24.07 6.45
CA HIS D 469 -7.94 -23.53 7.80
C HIS D 469 -9.35 -23.59 8.39
N SER D 470 -9.47 -23.09 9.61
CA SER D 470 -10.77 -23.01 10.26
C SER D 470 -11.60 -21.90 9.62
N PRO D 471 -12.80 -22.19 9.14
CA PRO D 471 -13.60 -21.14 8.50
C PRO D 471 -14.12 -20.12 9.52
N THR D 472 -14.43 -18.92 9.01
CA THR D 472 -14.99 -17.89 9.85
C THR D 472 -16.36 -18.27 10.38
N LYS D 473 -17.20 -18.86 9.53
CA LYS D 473 -18.52 -19.32 9.93
C LYS D 473 -18.88 -20.56 9.12
N VAL D 474 -19.57 -21.49 9.77
CA VAL D 474 -20.02 -22.72 9.14
C VAL D 474 -21.52 -22.61 8.88
N TYR D 475 -22.02 -23.50 8.03
CA TYR D 475 -23.44 -23.52 7.67
C TYR D 475 -23.93 -24.96 7.70
N LYS D 476 -25.00 -25.21 8.44
CA LYS D 476 -25.61 -26.52 8.53
C LYS D 476 -27.08 -26.44 8.14
N LYS D 477 -27.57 -27.53 7.56
CA LYS D 477 -28.96 -27.61 7.12
C LYS D 477 -29.49 -29.00 7.45
N ILE D 478 -30.58 -29.04 8.23
CA ILE D 478 -31.19 -30.31 8.61
C ILE D 478 -32.67 -30.30 8.24
N ASN D 488 -32.45 -21.02 15.24
CA ASN D 488 -32.76 -22.20 14.44
C ASN D 488 -31.50 -22.94 14.02
N TYR D 489 -30.37 -22.23 14.04
CA TYR D 489 -29.09 -22.80 13.63
C TYR D 489 -27.97 -22.05 14.33
N LYS D 490 -26.79 -22.68 14.34
CA LYS D 490 -25.58 -22.07 14.89
C LYS D 490 -24.50 -22.08 13.82
N VAL D 491 -23.83 -20.94 13.65
CA VAL D 491 -22.89 -20.76 12.54
C VAL D 491 -21.44 -20.81 12.97
N TRP D 492 -21.16 -20.78 14.27
CA TRP D 492 -19.81 -20.88 14.84
C TRP D 492 -18.89 -19.77 14.31
N LYS D 493 -19.23 -18.54 14.70
CA LYS D 493 -18.57 -17.33 14.19
C LYS D 493 -17.19 -17.12 14.84
N LYS D 494 -16.36 -18.17 14.75
CA LYS D 494 -15.05 -18.28 15.39
C LYS D 494 -15.14 -17.95 16.88
N GLN D 495 -14.05 -17.50 17.49
CA GLN D 495 -14.08 -16.99 18.85
C GLN D 495 -13.20 -15.75 19.03
N ARG D 496 -12.46 -15.35 17.98
CA ARG D 496 -11.49 -14.25 17.93
C ARG D 496 -10.29 -14.47 18.86
N LEU D 497 -9.23 -13.71 18.63
CA LEU D 497 -7.94 -13.91 19.28
C LEU D 497 -7.74 -12.85 20.36
N ILE D 498 -7.75 -13.28 21.62
CA ILE D 498 -7.48 -12.41 22.76
C ILE D 498 -6.03 -12.63 23.16
N ASN D 499 -5.31 -11.54 23.41
CA ASN D 499 -3.88 -11.60 23.68
C ASN D 499 -3.41 -10.75 24.86
N LYS D 500 -4.25 -9.86 25.39
CA LYS D 500 -3.81 -8.95 26.44
C LYS D 500 -3.67 -9.71 27.76
N LYS D 501 -2.46 -9.66 28.33
CA LYS D 501 -2.04 -10.39 29.51
C LYS D 501 -2.24 -11.91 29.30
N ASN D 502 -2.04 -12.38 28.07
CA ASN D 502 -2.18 -13.78 27.65
C ASN D 502 -3.52 -14.36 28.09
N GLN D 503 -4.59 -13.61 27.81
CA GLN D 503 -5.94 -13.96 28.26
C GLN D 503 -6.57 -15.08 27.45
N LEU D 504 -5.81 -15.74 26.56
CA LEU D 504 -6.35 -16.87 25.83
C LEU D 504 -6.55 -18.08 26.75
N TYR D 505 -5.71 -18.18 27.80
CA TYR D 505 -5.69 -19.24 28.81
C TYR D 505 -5.23 -20.58 28.21
N TYR D 506 -4.52 -21.37 29.00
CA TYR D 506 -3.96 -22.63 28.50
C TYR D 506 -3.99 -23.65 29.62
N GLU D 507 -5.02 -24.49 29.64
CA GLU D 507 -5.04 -25.59 30.60
C GLU D 507 -5.72 -26.81 29.98
N PRO D 508 -5.09 -27.97 30.11
CA PRO D 508 -5.73 -29.21 29.67
C PRO D 508 -6.94 -29.62 30.51
N LEU D 509 -8.08 -29.81 29.86
CA LEU D 509 -9.22 -30.48 30.48
C LEU D 509 -9.19 -31.96 30.10
N GLN D 510 -10.28 -32.68 30.35
CA GLN D 510 -10.37 -34.07 29.90
C GLN D 510 -10.50 -34.17 28.39
N LYS D 511 -10.91 -33.09 27.73
CA LYS D 511 -10.92 -32.87 26.28
C LYS D 511 -11.90 -33.77 25.52
N ILE D 512 -12.72 -34.56 26.22
CA ILE D 512 -13.69 -35.44 25.57
C ILE D 512 -15.03 -35.28 26.29
N GLY D 513 -16.11 -35.19 25.50
CA GLY D 513 -17.43 -34.96 26.06
C GLY D 513 -17.54 -33.61 26.76
N TYR D 514 -16.86 -32.60 26.24
CA TYR D 514 -16.75 -31.31 26.91
C TYR D 514 -17.64 -30.24 26.31
N GLN D 515 -17.83 -30.26 24.98
CA GLN D 515 -18.73 -29.36 24.26
C GLN D 515 -18.36 -27.89 24.48
N ASN D 516 -17.14 -27.53 24.04
CA ASN D 516 -16.65 -26.16 24.15
C ASN D 516 -16.87 -25.35 22.88
N ASN D 517 -17.91 -25.71 22.10
CA ASN D 517 -18.28 -25.11 20.80
C ASN D 517 -17.06 -24.80 19.92
N GLY D 518 -16.30 -25.85 19.61
CA GLY D 518 -15.05 -25.67 18.90
C GLY D 518 -13.97 -25.17 19.85
N ASN D 519 -13.25 -24.14 19.39
CA ASN D 519 -12.33 -23.33 20.21
C ASN D 519 -11.23 -24.20 20.82
N ILE D 520 -10.40 -24.75 19.94
CA ILE D 520 -9.36 -25.69 20.34
C ILE D 520 -8.00 -25.18 19.86
N GLN D 521 -6.94 -25.69 20.50
CA GLN D 521 -5.57 -25.43 20.11
C GLN D 521 -4.78 -26.72 20.19
N ILE D 522 -3.71 -26.80 19.40
CA ILE D 522 -2.94 -28.04 19.23
C ILE D 522 -1.56 -27.87 19.82
N ILE D 523 -1.18 -28.78 20.71
CA ILE D 523 0.18 -28.83 21.25
C ILE D 523 0.63 -30.28 21.28
N PRO D 524 1.81 -30.58 20.72
CA PRO D 524 2.35 -31.94 20.69
C PRO D 524 2.74 -32.45 22.07
N ASP D 536 -19.05 -20.47 26.38
CA ASP D 536 -18.59 -19.15 26.78
C ASP D 536 -17.25 -18.83 26.13
N PHE D 537 -16.27 -18.40 26.93
CA PHE D 537 -14.93 -18.11 26.45
C PHE D 537 -13.88 -19.01 27.09
N LYS D 538 -14.15 -20.32 27.14
CA LYS D 538 -13.23 -21.29 27.71
C LYS D 538 -12.65 -22.15 26.59
N ILE D 539 -11.32 -22.20 26.50
CA ILE D 539 -10.63 -23.04 25.53
C ILE D 539 -9.62 -23.91 26.26
N THR D 540 -9.67 -25.21 25.99
CA THR D 540 -8.68 -26.16 26.48
C THR D 540 -7.82 -26.62 25.31
N GLN D 541 -6.64 -27.16 25.64
CA GLN D 541 -5.76 -27.69 24.63
C GLN D 541 -6.30 -29.00 24.07
N ILE D 542 -5.86 -29.34 22.86
CA ILE D 542 -6.20 -30.60 22.21
C ILE D 542 -4.91 -31.30 21.81
N ASP D 543 -4.75 -32.55 22.25
CA ASP D 543 -3.70 -33.44 21.77
C ASP D 543 -4.32 -34.52 20.90
N GLU D 544 -3.47 -35.36 20.33
CA GLU D 544 -3.95 -36.38 19.39
C GLU D 544 -4.67 -37.53 20.10
N ASN D 545 -4.33 -37.77 21.37
CA ASN D 545 -4.95 -38.86 22.12
C ASN D 545 -6.44 -38.62 22.31
N SER D 546 -6.82 -37.39 22.68
CA SER D 546 -8.23 -37.05 22.81
C SER D 546 -8.94 -37.06 21.46
N ILE D 547 -8.21 -36.80 20.38
CA ILE D 547 -8.76 -36.93 19.03
C ILE D 547 -9.13 -38.38 18.74
N LYS D 548 -8.24 -39.32 19.06
CA LYS D 548 -8.61 -40.73 18.91
C LYS D 548 -9.77 -41.11 19.82
N TYR D 549 -9.77 -40.58 21.05
CA TYR D 549 -10.84 -40.88 22.02
C TYR D 549 -12.21 -40.44 21.50
N ASP D 550 -12.33 -39.18 21.08
CA ASP D 550 -13.66 -38.70 20.70
C ASP D 550 -14.07 -39.12 19.30
N PHE D 551 -13.13 -39.42 18.38
CA PHE D 551 -13.55 -40.14 17.18
C PHE D 551 -13.99 -41.57 17.46
N PHE D 552 -13.36 -42.25 18.43
CA PHE D 552 -13.86 -43.58 18.79
C PHE D 552 -15.27 -43.49 19.35
N ASP D 553 -15.52 -42.50 20.20
CA ASP D 553 -16.87 -42.25 20.71
C ASP D 553 -17.84 -41.91 19.57
N LYS D 554 -17.40 -41.11 18.60
CA LYS D 554 -18.28 -40.67 17.53
C LYS D 554 -18.66 -41.82 16.60
N ILE D 555 -17.69 -42.64 16.17
CA ILE D 555 -18.08 -43.75 15.29
C ILE D 555 -18.67 -44.92 16.05
N TYR D 556 -18.53 -44.95 17.39
CA TYR D 556 -19.29 -45.92 18.16
C TYR D 556 -20.75 -45.51 18.27
N LYS D 557 -21.02 -44.23 18.52
CA LYS D 557 -22.39 -43.77 18.65
C LYS D 557 -23.08 -43.54 17.30
N SER D 558 -22.32 -43.44 16.21
CA SER D 558 -22.92 -43.22 14.90
C SER D 558 -23.51 -44.50 14.33
N LYS D 559 -22.83 -45.62 14.53
CA LYS D 559 -23.25 -46.92 14.00
C LYS D 559 -23.82 -47.73 15.17
N MET D 560 -25.14 -47.64 15.35
CA MET D 560 -25.79 -48.41 16.42
C MET D 560 -25.90 -49.88 16.06
N VAL D 561 -25.99 -50.21 14.78
CA VAL D 561 -26.10 -51.60 14.34
C VAL D 561 -24.71 -52.17 14.09
N GLU E 270 -21.38 -52.70 26.73
CA GLU E 270 -20.36 -51.89 27.39
C GLU E 270 -20.77 -50.42 27.43
N SER E 271 -19.83 -49.57 27.80
CA SER E 271 -20.11 -48.14 27.86
C SER E 271 -20.18 -47.55 26.46
N PRO E 272 -21.23 -46.79 26.13
CA PRO E 272 -21.30 -46.17 24.80
C PRO E 272 -20.25 -45.10 24.56
N GLY E 273 -19.66 -44.55 25.61
CA GLY E 273 -18.64 -43.53 25.45
C GLY E 273 -17.25 -44.12 25.31
N SER E 274 -16.32 -43.67 26.16
CA SER E 274 -14.94 -44.15 26.12
C SER E 274 -14.80 -45.31 27.11
N GLN E 275 -14.37 -46.47 26.61
CA GLN E 275 -14.22 -47.65 27.46
C GLN E 275 -12.93 -47.64 28.26
N SER E 276 -11.97 -46.79 27.90
CA SER E 276 -10.72 -46.69 28.66
C SER E 276 -10.88 -45.88 29.95
N GLN E 277 -11.89 -45.01 30.03
CA GLN E 277 -12.02 -44.08 31.14
C GLN E 277 -12.16 -44.80 32.48
N LEU E 278 -13.01 -45.83 32.55
CA LEU E 278 -13.12 -46.63 33.77
C LEU E 278 -11.79 -47.31 34.10
N SER E 279 -11.07 -47.78 33.07
CA SER E 279 -9.71 -48.26 33.28
C SER E 279 -8.82 -47.16 33.82
N GLU E 280 -8.94 -45.95 33.26
CA GLU E 280 -8.29 -44.78 33.85
C GLU E 280 -8.77 -44.57 35.29
N TYR E 281 -10.08 -44.73 35.52
CA TYR E 281 -10.62 -44.65 36.87
C TYR E 281 -10.00 -45.69 37.77
N CYS E 282 -9.65 -46.86 37.21
CA CYS E 282 -8.96 -47.88 37.98
C CYS E 282 -7.64 -47.34 38.53
N ALA E 283 -6.85 -46.69 37.67
CA ALA E 283 -5.66 -45.99 38.14
C ALA E 283 -6.06 -44.85 39.08
N GLY E 284 -7.19 -44.22 38.79
CA GLY E 284 -7.70 -43.17 39.65
C GLY E 284 -8.10 -43.65 41.04
N LEU E 285 -8.30 -44.96 41.20
CA LEU E 285 -8.37 -45.47 42.57
C LEU E 285 -7.01 -45.89 43.10
N LYS E 286 -6.19 -46.53 42.25
CA LYS E 286 -5.05 -47.30 42.76
C LYS E 286 -4.00 -46.40 43.40
N LEU E 287 -3.47 -45.45 42.63
CA LEU E 287 -2.56 -44.45 43.19
C LEU E 287 -3.26 -43.53 44.18
N TYR E 288 -4.59 -43.49 44.19
CA TYR E 288 -5.30 -42.78 45.25
C TYR E 288 -5.19 -43.53 46.56
N PHE E 289 -5.25 -44.87 46.51
CA PHE E 289 -5.20 -45.65 47.74
C PHE E 289 -3.77 -45.96 48.18
N ASP E 290 -2.78 -45.71 47.33
CA ASP E 290 -1.39 -45.97 47.66
C ASP E 290 -0.68 -44.76 48.27
N LYS E 291 -1.34 -43.61 48.34
CA LYS E 291 -0.68 -42.38 48.78
C LYS E 291 -0.91 -42.10 50.27
N CYS E 292 -2.17 -41.96 50.68
CA CYS E 292 -2.47 -41.51 52.03
C CYS E 292 -3.00 -42.59 52.96
N LEU E 293 -3.49 -43.72 52.40
CA LEU E 293 -4.01 -44.88 53.14
C LEU E 293 -5.21 -44.53 54.02
N GLY E 294 -5.88 -43.42 53.76
CA GLY E 294 -7.04 -43.02 54.55
C GLY E 294 -6.69 -42.40 55.90
N ASN E 295 -7.48 -41.40 56.31
CA ASN E 295 -7.31 -40.73 57.60
C ASN E 295 -8.68 -40.70 58.28
N MET E 296 -8.96 -41.76 59.05
CA MET E 296 -10.27 -41.94 59.66
C MET E 296 -10.17 -42.50 61.09
N LEU E 331 -13.79 -50.40 52.23
CA LEU E 331 -13.22 -49.54 51.19
C LEU E 331 -14.25 -48.92 50.24
N LEU E 332 -15.46 -48.60 50.74
CA LEU E 332 -16.37 -47.74 50.00
C LEU E 332 -16.27 -46.28 50.40
N ARG E 333 -15.71 -46.00 51.58
CA ARG E 333 -15.83 -44.67 52.16
C ARG E 333 -14.89 -43.66 51.50
N LEU E 334 -13.84 -44.10 50.82
CA LEU E 334 -12.97 -43.16 50.12
C LEU E 334 -13.65 -42.59 48.88
N ILE E 335 -14.58 -43.34 48.28
CA ILE E 335 -15.36 -42.84 47.15
C ILE E 335 -16.33 -41.76 47.61
N SER E 336 -16.97 -41.96 48.77
CA SER E 336 -18.04 -41.06 49.19
C SER E 336 -17.52 -39.71 49.66
N VAL E 337 -16.32 -39.67 50.25
CA VAL E 337 -15.80 -38.41 50.76
C VAL E 337 -15.33 -37.52 49.61
N LEU E 338 -15.07 -38.12 48.44
CA LEU E 338 -14.59 -37.36 47.28
C LEU E 338 -15.53 -36.26 46.80
N PRO E 339 -16.85 -36.48 46.60
CA PRO E 339 -17.66 -35.39 46.01
C PRO E 339 -17.93 -34.21 46.95
N GLU E 340 -17.74 -34.36 48.26
CA GLU E 340 -18.01 -33.24 49.15
C GLU E 340 -16.79 -32.34 49.37
N LEU E 341 -15.59 -32.84 49.12
CA LEU E 341 -14.38 -32.01 49.17
C LEU E 341 -14.04 -31.44 47.79
N ILE E 342 -15.06 -30.86 47.16
CA ILE E 342 -14.96 -30.38 45.79
C ILE E 342 -15.13 -28.87 45.75
N SER E 343 -16.09 -28.36 46.52
CA SER E 343 -16.40 -26.93 46.48
C SER E 343 -15.30 -26.07 47.09
N SER E 344 -14.45 -26.65 47.94
CA SER E 344 -13.36 -25.89 48.54
C SER E 344 -12.27 -25.54 47.55
N THR E 345 -12.13 -26.31 46.47
CA THR E 345 -11.10 -26.03 45.48
C THR E 345 -11.55 -24.90 44.55
N THR E 346 -10.58 -24.35 43.82
CA THR E 346 -10.82 -23.30 42.83
C THR E 346 -11.01 -23.85 41.43
N MET E 347 -11.49 -25.09 41.31
CA MET E 347 -11.59 -25.76 40.03
C MET E 347 -12.90 -25.37 39.34
N ASP E 348 -12.93 -25.53 38.02
CA ASP E 348 -14.07 -25.11 37.22
C ASP E 348 -15.28 -26.02 37.44
N LEU E 349 -16.47 -25.47 37.18
CA LEU E 349 -17.72 -26.19 37.44
C LEU E 349 -17.90 -27.41 36.53
N GLN E 350 -17.38 -27.36 35.30
CA GLN E 350 -17.45 -28.52 34.41
C GLN E 350 -16.62 -29.68 34.96
N SER E 351 -15.46 -29.37 35.55
CA SER E 351 -14.64 -30.41 36.17
C SER E 351 -15.34 -31.01 37.38
N CYS E 352 -16.04 -30.18 38.17
CA CYS E 352 -16.83 -30.70 39.28
C CYS E 352 -17.96 -31.59 38.78
N GLN E 353 -18.60 -31.19 37.68
CA GLN E 353 -19.69 -32.00 37.11
C GLN E 353 -19.18 -33.36 36.62
N LEU E 354 -18.02 -33.36 35.94
CA LEU E 354 -17.49 -34.63 35.46
C LEU E 354 -17.02 -35.50 36.62
N LEU E 355 -16.43 -34.89 37.66
CA LEU E 355 -16.03 -35.66 38.84
C LEU E 355 -17.23 -36.29 39.54
N ILE E 356 -18.31 -35.53 39.69
CA ILE E 356 -19.46 -36.08 40.41
C ILE E 356 -20.18 -37.14 39.57
N LYS E 357 -20.21 -37.00 38.23
CA LYS E 357 -20.88 -38.07 37.50
C LYS E 357 -19.99 -39.32 37.46
N GLN E 358 -18.67 -39.13 37.48
CA GLN E 358 -17.77 -40.28 37.54
C GLN E 358 -17.92 -41.03 38.86
N THR E 359 -18.04 -40.31 39.98
CA THR E 359 -18.19 -41.05 41.24
C THR E 359 -19.60 -41.59 41.42
N GLU E 360 -20.63 -41.02 40.78
CA GLU E 360 -21.94 -41.64 40.90
C GLU E 360 -22.11 -42.80 39.92
N ASP E 361 -21.26 -42.92 38.91
CA ASP E 361 -21.23 -44.15 38.12
C ASP E 361 -20.82 -45.35 38.96
N PHE E 362 -19.89 -45.14 39.90
CA PHE E 362 -19.41 -46.23 40.74
C PHE E 362 -20.14 -46.33 42.07
N LEU E 363 -20.77 -45.24 42.53
CA LEU E 363 -21.49 -45.28 43.80
C LEU E 363 -22.75 -46.13 43.71
N VAL E 364 -23.46 -46.05 42.59
CA VAL E 364 -24.69 -46.82 42.41
C VAL E 364 -24.49 -47.82 41.27
N GLN F 268 -4.39 -26.00 73.76
CA GLN F 268 -4.32 -24.94 72.76
C GLN F 268 -3.15 -24.01 73.03
N SER F 269 -3.14 -22.87 72.33
CA SER F 269 -2.10 -21.83 72.44
C SER F 269 -0.72 -22.40 72.16
N GLY F 270 -0.54 -22.89 70.94
CA GLY F 270 0.72 -23.48 70.53
C GLY F 270 0.81 -24.98 70.74
N SER F 271 -0.19 -25.60 71.35
CA SER F 271 -0.19 -27.04 71.60
C SER F 271 -0.87 -27.83 70.48
N PHE F 272 -1.31 -27.16 69.40
CA PHE F 272 -1.96 -27.86 68.31
C PHE F 272 -0.99 -28.69 67.48
N LEU F 273 0.31 -28.36 67.51
CA LEU F 273 1.29 -29.13 66.75
C LEU F 273 1.48 -30.52 67.35
N CYS F 274 1.49 -30.63 68.68
CA CYS F 274 1.68 -31.91 69.34
C CYS F 274 0.39 -32.72 69.46
N CYS F 275 -0.75 -32.15 69.10
CA CYS F 275 -2.01 -32.87 69.20
C CYS F 275 -2.10 -33.97 68.16
N ASP F 276 -1.61 -33.71 66.93
CA ASP F 276 -1.68 -34.69 65.86
C ASP F 276 -0.51 -35.67 65.88
N THR F 277 0.45 -35.51 66.78
CA THR F 277 1.60 -36.41 66.83
C THR F 277 1.21 -37.77 67.38
N CYS F 278 0.43 -37.79 68.48
CA CYS F 278 0.07 -39.04 69.13
C CYS F 278 -0.76 -40.00 68.28
N PRO F 279 -1.87 -39.59 67.63
CA PRO F 279 -2.61 -40.59 66.82
C PRO F 279 -1.95 -40.93 65.50
N LYS F 280 -1.08 -40.05 64.98
CA LYS F 280 -0.21 -40.25 63.83
C LYS F 280 -0.96 -40.29 62.50
N SER F 281 -2.30 -40.31 62.54
CA SER F 281 -3.12 -40.20 61.33
C SER F 281 -4.51 -39.71 61.77
N PHE F 282 -4.76 -38.42 61.61
CA PHE F 282 -6.05 -37.86 61.98
C PHE F 282 -6.62 -36.85 60.99
N HIS F 283 -5.83 -36.32 60.07
CA HIS F 283 -6.29 -35.26 59.17
C HIS F 283 -5.92 -35.61 57.73
N PHE F 284 -6.76 -35.14 56.80
CA PHE F 284 -6.54 -35.39 55.38
C PHE F 284 -6.82 -34.17 54.51
N LEU F 285 -7.03 -32.99 55.11
CA LEU F 285 -7.37 -31.82 54.31
C LEU F 285 -6.17 -31.31 53.53
N CYS F 286 -5.00 -31.21 54.17
CA CYS F 286 -3.80 -30.72 53.49
C CYS F 286 -2.59 -31.31 54.22
N LEU F 287 -1.97 -32.31 53.60
CA LEU F 287 -0.77 -32.96 54.13
C LEU F 287 0.34 -32.84 53.10
N ASP F 288 1.03 -31.70 53.10
CA ASP F 288 2.22 -31.55 52.28
C ASP F 288 3.45 -32.14 52.98
N PRO F 289 3.71 -31.86 54.27
CA PRO F 289 4.73 -32.66 54.97
C PRO F 289 4.16 -34.01 55.37
N PRO F 290 5.02 -35.00 55.64
CA PRO F 290 4.49 -36.34 55.97
C PRO F 290 3.79 -36.41 57.32
N ILE F 291 4.35 -35.81 58.37
CA ILE F 291 3.88 -36.06 59.73
C ILE F 291 3.61 -34.74 60.45
N ASP F 292 3.85 -33.62 59.77
CA ASP F 292 3.71 -32.29 60.39
C ASP F 292 2.78 -31.43 59.55
N PRO F 293 1.46 -31.67 59.64
CA PRO F 293 0.52 -30.85 58.85
C PRO F 293 0.29 -29.45 59.40
N ASN F 294 0.53 -29.22 60.69
CA ASN F 294 0.29 -27.92 61.28
C ASN F 294 1.60 -27.16 61.51
N LYS F 320 2.79 -25.39 37.09
CA LYS F 320 3.76 -26.42 36.73
C LYS F 320 3.27 -27.81 37.13
N LYS F 321 2.44 -27.90 38.17
CA LYS F 321 1.91 -29.19 38.59
C LYS F 321 0.93 -29.75 37.57
N ILE F 322 0.08 -28.87 37.00
CA ILE F 322 -0.91 -29.31 36.02
C ILE F 322 -0.24 -29.82 34.76
N GLU F 323 0.77 -29.09 34.26
CA GLU F 323 1.47 -29.55 33.07
C GLU F 323 2.41 -30.71 33.35
N SER F 324 2.84 -30.88 34.61
CA SER F 324 3.65 -32.05 34.96
C SER F 324 2.79 -33.31 35.00
N ASN F 325 1.59 -33.21 35.56
CA ASN F 325 0.69 -34.35 35.66
C ASN F 325 -0.09 -34.63 34.38
N PHE F 326 -0.17 -33.66 33.47
CA PHE F 326 -0.95 -33.83 32.25
C PHE F 326 -0.26 -34.79 31.28
N ILE F 327 1.07 -34.79 31.25
CA ILE F 327 1.83 -35.49 30.20
C ILE F 327 1.70 -37.01 30.26
N LYS F 328 1.16 -37.56 31.34
CA LYS F 328 1.03 -39.02 31.45
C LYS F 328 -0.40 -39.49 31.11
N GLN F 329 -1.38 -38.99 31.84
CA GLN F 329 -2.76 -39.49 31.71
C GLN F 329 -3.72 -38.31 31.77
N ASN F 330 -5.00 -38.61 31.93
CA ASN F 330 -6.09 -37.63 31.94
C ASN F 330 -6.22 -36.97 33.31
N ASN F 331 -7.35 -36.29 33.53
CA ASN F 331 -7.60 -35.48 34.73
C ASN F 331 -7.75 -36.29 36.01
N ASN F 332 -7.64 -37.61 35.99
CA ASN F 332 -7.74 -38.40 37.21
C ASN F 332 -6.47 -38.36 38.05
N VAL F 333 -5.38 -37.78 37.54
CA VAL F 333 -4.19 -37.54 38.35
C VAL F 333 -4.15 -36.14 38.94
N LYS F 334 -5.21 -35.36 38.77
CA LYS F 334 -5.33 -34.02 39.30
C LYS F 334 -5.87 -34.15 40.74
N ILE F 335 -6.16 -33.01 41.39
CA ILE F 335 -6.69 -32.84 42.76
C ILE F 335 -5.88 -33.70 43.75
N PHE F 336 -4.56 -33.68 43.58
CA PHE F 336 -3.63 -34.32 44.50
C PHE F 336 -3.03 -33.28 45.44
N ALA F 337 -2.82 -33.68 46.69
CA ALA F 337 -2.25 -32.78 47.69
C ALA F 337 -0.77 -33.06 47.89
N THR F 540 8.40 -36.90 20.72
CA THR F 540 8.64 -38.08 21.54
C THR F 540 7.93 -39.30 20.95
N GLN F 541 8.68 -40.39 20.75
CA GLN F 541 8.13 -41.60 20.19
C GLN F 541 7.92 -42.71 21.23
N ILE F 542 8.31 -42.49 22.48
CA ILE F 542 8.13 -43.49 23.53
C ILE F 542 6.95 -43.18 24.45
N ASP F 543 6.33 -42.00 24.32
CA ASP F 543 5.18 -41.65 25.14
C ASP F 543 3.86 -41.98 24.46
N GLU F 544 3.89 -42.56 23.26
CA GLU F 544 2.67 -42.84 22.50
C GLU F 544 2.25 -44.31 22.56
N ASN F 545 3.20 -45.24 22.54
CA ASN F 545 2.86 -46.66 22.48
C ASN F 545 2.15 -47.14 23.74
N SER F 546 2.45 -46.52 24.89
CA SER F 546 1.79 -46.87 26.15
C SER F 546 0.29 -46.60 26.11
N ILE F 547 -0.16 -45.66 25.27
CA ILE F 547 -1.59 -45.49 25.03
C ILE F 547 -2.04 -46.19 23.76
N LYS F 548 -1.12 -46.51 22.83
CA LYS F 548 -1.48 -47.34 21.68
C LYS F 548 -1.96 -48.72 22.11
N TYR F 549 -1.32 -49.35 23.10
CA TYR F 549 -1.78 -50.66 23.55
C TYR F 549 -3.20 -50.59 24.12
N ASP F 550 -3.48 -49.53 24.89
CA ASP F 550 -4.81 -49.31 25.43
C ASP F 550 -5.81 -49.11 24.30
N PHE F 551 -5.41 -48.38 23.24
CA PHE F 551 -6.30 -48.15 22.12
C PHE F 551 -6.56 -49.43 21.33
N PHE F 552 -5.55 -50.28 21.15
CA PHE F 552 -5.79 -51.58 20.50
C PHE F 552 -6.76 -52.42 21.31
N ASP F 553 -6.58 -52.44 22.64
CA ASP F 553 -7.48 -53.20 23.50
C ASP F 553 -8.92 -52.67 23.41
N LYS F 554 -9.08 -51.35 23.40
CA LYS F 554 -10.42 -50.76 23.35
C LYS F 554 -11.09 -51.01 22.01
N ILE F 555 -10.34 -50.88 20.90
CA ILE F 555 -10.90 -51.15 19.59
C ILE F 555 -11.28 -52.62 19.45
N TYR F 556 -10.44 -53.52 20.01
CA TYR F 556 -10.75 -54.95 19.95
C TYR F 556 -12.01 -55.28 20.74
N LYS F 557 -12.14 -54.72 21.95
CA LYS F 557 -13.34 -54.96 22.75
C LYS F 557 -14.59 -54.39 22.08
N SER F 558 -14.49 -53.19 21.50
CA SER F 558 -15.64 -52.58 20.86
C SER F 558 -16.06 -53.34 19.60
N LYS F 559 -15.08 -53.80 18.82
CA LYS F 559 -15.40 -54.63 17.66
C LYS F 559 -15.95 -55.99 18.07
N MET F 560 -15.58 -56.46 19.27
CA MET F 560 -16.15 -57.71 19.77
C MET F 560 -17.61 -57.55 20.19
N VAL F 561 -17.93 -56.45 20.88
CA VAL F 561 -19.30 -56.31 21.37
C VAL F 561 -20.23 -55.86 20.24
N GLN F 562 -19.71 -55.10 19.27
CA GLN F 562 -20.56 -54.56 18.19
C GLN F 562 -21.11 -55.67 17.30
N LYS F 563 -20.30 -56.68 16.99
CA LYS F 563 -20.76 -57.78 16.16
C LYS F 563 -21.61 -58.75 16.97
N ALA G 31 27.05 44.27 -41.55
CA ALA G 31 27.61 43.47 -40.47
C ALA G 31 26.73 43.55 -39.22
N THR G 32 27.21 44.24 -38.19
CA THR G 32 26.47 44.33 -36.93
C THR G 32 25.64 45.60 -36.89
N GLY G 33 24.74 45.76 -37.84
CA GLY G 33 23.96 46.98 -37.89
C GLY G 33 24.92 48.15 -37.93
N GLY G 34 25.95 48.07 -38.76
CA GLY G 34 26.93 49.12 -38.84
C GLY G 34 27.93 48.98 -37.72
N VAL G 35 28.87 49.92 -37.64
CA VAL G 35 29.85 49.89 -36.58
C VAL G 35 29.13 49.77 -35.24
N LYS G 37 28.79 46.92 -31.46
CA LYS G 37 29.54 46.21 -30.45
C LYS G 37 28.88 44.88 -30.12
N PRO G 38 29.57 44.05 -29.34
CA PRO G 38 29.01 42.74 -28.96
C PRO G 38 27.61 42.81 -28.37
N HIS G 39 26.97 41.65 -28.24
CA HIS G 39 25.62 41.59 -27.66
C HIS G 39 25.49 42.41 -26.38
N ARG G 40 26.53 42.39 -25.55
CA ARG G 40 26.73 43.34 -24.44
C ARG G 40 25.56 43.29 -23.45
N TYR G 41 25.45 42.13 -22.80
CA TYR G 41 24.41 41.94 -21.79
C TYR G 41 24.62 42.92 -20.63
N ARG G 42 23.50 43.44 -20.12
CA ARG G 42 23.55 44.37 -19.01
C ARG G 42 24.05 43.66 -17.75
N PRO G 43 24.67 44.41 -16.81
CA PRO G 43 25.17 43.78 -15.57
C PRO G 43 24.09 43.09 -14.77
N GLY G 44 24.18 41.76 -14.70
CA GLY G 44 23.22 40.97 -13.97
C GLY G 44 22.59 39.83 -14.74
N THR G 45 22.30 40.04 -16.03
CA THR G 45 21.56 39.04 -16.79
C THR G 45 22.36 37.75 -16.98
N VAL G 46 23.61 37.87 -17.41
CA VAL G 46 24.46 36.69 -17.51
C VAL G 46 24.87 36.21 -16.12
N ALA G 47 24.75 37.07 -15.09
CA ALA G 47 24.95 36.59 -13.72
C ALA G 47 23.83 35.63 -13.31
N LEU G 48 22.56 35.97 -13.58
CA LEU G 48 21.51 34.97 -13.34
C LEU G 48 21.61 33.79 -14.28
N ARG G 49 22.18 33.97 -15.48
CA ARG G 49 22.45 32.82 -16.34
C ARG G 49 23.46 31.87 -15.68
N GLU G 50 24.50 32.42 -15.08
CA GLU G 50 25.47 31.62 -14.33
C GLU G 50 24.82 30.94 -13.12
N ILE G 51 23.91 31.66 -12.45
CA ILE G 51 23.17 31.09 -11.33
C ILE G 51 22.33 29.90 -11.78
N ARG G 52 21.62 30.05 -12.90
CA ARG G 52 20.76 28.97 -13.39
C ARG G 52 21.56 27.78 -13.88
N ARG G 53 22.62 28.01 -14.65
CA ARG G 53 23.43 26.93 -15.20
C ARG G 53 24.35 26.30 -14.18
N TYR G 54 24.58 26.96 -13.05
CA TYR G 54 25.68 26.56 -12.19
C TYR G 54 25.21 26.01 -10.86
N GLN G 55 23.93 26.20 -10.50
CA GLN G 55 23.31 25.56 -9.35
C GLN G 55 22.74 24.18 -9.65
N LYS G 56 22.79 23.75 -10.91
CA LYS G 56 22.23 22.47 -11.32
C LYS G 56 23.26 21.50 -11.88
N SER G 57 24.44 21.98 -12.27
CA SER G 57 25.48 21.10 -12.80
C SER G 57 26.31 20.43 -11.69
N THR G 58 26.14 20.88 -10.44
CA THR G 58 26.68 20.28 -9.19
C THR G 58 28.17 19.91 -9.29
N GLU G 59 28.94 20.63 -10.09
CA GLU G 59 30.37 20.37 -10.21
C GLU G 59 31.14 21.12 -9.12
N LEU G 60 32.46 20.97 -9.14
CA LEU G 60 33.34 21.51 -8.12
C LEU G 60 33.82 22.89 -8.55
N LEU G 61 33.76 23.86 -7.63
CA LEU G 61 34.00 25.27 -7.93
C LEU G 61 35.42 25.74 -7.63
N ILE G 62 36.23 24.94 -6.94
CA ILE G 62 37.60 25.32 -6.58
C ILE G 62 38.54 24.25 -7.10
N ARG G 63 39.63 24.67 -7.72
CA ARG G 63 40.57 23.71 -8.31
C ARG G 63 41.28 22.92 -7.21
N LYS G 64 41.59 21.66 -7.52
CA LYS G 64 42.01 20.72 -6.49
C LYS G 64 43.44 20.98 -6.02
N LEU G 65 44.37 21.26 -6.95
CA LEU G 65 45.76 21.51 -6.56
C LEU G 65 45.94 22.77 -5.73
N PRO G 66 45.35 23.94 -6.06
CA PRO G 66 45.43 25.06 -5.11
C PRO G 66 44.78 24.79 -3.76
N PHE G 67 43.69 24.03 -3.71
CA PHE G 67 43.07 23.70 -2.43
C PHE G 67 43.99 22.81 -1.60
N GLN G 68 44.64 21.84 -2.26
CA GLN G 68 45.58 20.97 -1.55
C GLN G 68 46.82 21.75 -1.09
N ARG G 69 47.26 22.71 -1.89
CA ARG G 69 48.38 23.56 -1.49
C ARG G 69 48.02 24.43 -0.28
N LEU G 70 46.79 24.96 -0.26
CA LEU G 70 46.34 25.73 0.90
C LEU G 70 46.18 24.83 2.13
N VAL G 71 45.75 23.58 1.92
CA VAL G 71 45.65 22.62 3.01
C VAL G 71 47.02 22.33 3.59
N ARG G 72 48.02 22.14 2.72
CA ARG G 72 49.37 21.86 3.19
C ARG G 72 50.03 23.09 3.80
N GLU G 73 49.61 24.29 3.41
CA GLU G 73 50.17 25.50 4.00
C GLU G 73 49.73 25.66 5.45
N ILE G 74 48.43 25.51 5.71
CA ILE G 74 47.90 25.73 7.06
C ILE G 74 48.14 24.55 7.99
N ALA G 75 48.86 23.52 7.54
CA ALA G 75 49.34 22.46 8.42
C ALA G 75 50.80 22.67 8.83
N GLN G 76 51.42 23.77 8.42
CA GLN G 76 52.81 24.05 8.78
C GLN G 76 52.97 24.56 10.20
N ASP G 77 51.92 25.15 10.77
CA ASP G 77 51.88 25.47 12.20
C ASP G 77 51.33 24.31 13.02
N PHE G 78 51.23 23.13 12.40
CA PHE G 78 50.68 21.90 12.96
C PHE G 78 51.77 20.83 12.84
N LYS G 79 51.38 19.57 13.02
CA LYS G 79 52.28 18.45 12.77
C LYS G 79 52.78 18.49 11.34
N THR G 80 54.08 18.78 11.18
CA THR G 80 54.61 19.17 9.87
C THR G 80 54.68 18.00 8.90
N ASP G 81 55.19 16.85 9.34
CA ASP G 81 55.33 15.68 8.47
C ASP G 81 54.03 14.88 8.49
N LEU G 82 53.04 15.42 7.77
CA LEU G 82 51.70 14.86 7.73
C LEU G 82 51.27 14.68 6.27
N ARG G 83 50.71 13.51 5.96
CA ARG G 83 50.21 13.23 4.63
C ARG G 83 48.71 13.40 4.57
N PHE G 84 48.20 13.65 3.36
CA PHE G 84 46.78 13.85 3.12
C PHE G 84 46.33 12.91 2.02
N GLN G 85 45.28 12.13 2.30
CA GLN G 85 44.72 11.24 1.30
C GLN G 85 43.92 12.01 0.26
N SER G 86 43.78 11.42 -0.93
CA SER G 86 42.99 12.03 -1.98
C SER G 86 41.51 12.08 -1.61
N SER G 87 41.00 11.03 -0.97
CA SER G 87 39.62 11.03 -0.52
C SER G 87 39.41 12.06 0.59
N ALA G 88 40.37 12.19 1.50
CA ALA G 88 40.27 13.19 2.55
C ALA G 88 40.33 14.60 1.98
N VAL G 89 41.18 14.81 0.97
CA VAL G 89 41.27 16.12 0.32
C VAL G 89 39.96 16.45 -0.39
N MET G 90 39.36 15.46 -1.06
CA MET G 90 38.09 15.68 -1.74
C MET G 90 36.96 15.95 -0.74
N ALA G 91 36.95 15.23 0.39
CA ALA G 91 35.94 15.44 1.41
C ALA G 91 36.06 16.82 2.04
N LEU G 92 37.30 17.24 2.34
CA LEU G 92 37.52 18.58 2.89
C LEU G 92 37.12 19.66 1.89
N GLN G 93 37.44 19.44 0.60
CA GLN G 93 37.10 20.41 -0.44
C GLN G 93 35.59 20.54 -0.58
N GLU G 94 34.87 19.41 -0.57
CA GLU G 94 33.42 19.43 -0.70
C GLU G 94 32.77 20.08 0.52
N ALA G 95 33.26 19.77 1.73
CA ALA G 95 32.68 20.35 2.94
C ALA G 95 32.92 21.85 2.99
N SER G 96 34.13 22.31 2.66
CA SER G 96 34.41 23.74 2.64
C SER G 96 33.62 24.44 1.55
N GLU G 97 33.44 23.79 0.41
CA GLU G 97 32.64 24.37 -0.68
C GLU G 97 31.18 24.54 -0.27
N ALA G 98 30.61 23.51 0.39
CA ALA G 98 29.23 23.59 0.84
C ALA G 98 29.05 24.63 1.93
N TYR G 99 30.01 24.72 2.86
CA TYR G 99 29.95 25.75 3.88
C TYR G 99 30.05 27.14 3.28
N LEU G 100 30.90 27.31 2.25
CA LEU G 100 31.06 28.61 1.63
C LEU G 100 29.83 29.01 0.82
N VAL G 101 29.18 28.06 0.15
CA VAL G 101 27.98 28.43 -0.60
C VAL G 101 26.80 28.66 0.35
N ALA G 102 26.76 27.97 1.51
CA ALA G 102 25.76 28.30 2.51
C ALA G 102 25.98 29.69 3.09
N LEU G 103 27.25 30.05 3.36
CA LEU G 103 27.57 31.39 3.82
C LEU G 103 27.24 32.44 2.75
N PHE G 104 27.41 32.10 1.48
CA PHE G 104 27.07 33.03 0.41
C PHE G 104 25.57 33.19 0.25
N GLU G 105 24.81 32.12 0.49
CA GLU G 105 23.34 32.24 0.54
C GLU G 105 22.92 33.15 1.68
N ASP G 106 23.53 32.98 2.86
CA ASP G 106 23.25 33.86 3.99
C ASP G 106 23.64 35.31 3.67
N THR G 107 24.77 35.50 3.00
CA THR G 107 25.23 36.84 2.63
C THR G 107 24.29 37.50 1.63
N ASN G 108 23.80 36.74 0.64
CA ASN G 108 22.85 37.30 -0.33
C ASN G 108 21.53 37.64 0.35
N LEU G 109 21.06 36.79 1.26
CA LEU G 109 19.83 37.10 1.98
C LEU G 109 20.00 38.30 2.89
N ALA G 110 21.21 38.50 3.43
CA ALA G 110 21.49 39.69 4.23
C ALA G 110 21.61 40.94 3.35
N ALA G 111 22.07 40.78 2.10
CA ALA G 111 22.12 41.90 1.18
C ALA G 111 20.72 42.34 0.77
N ILE G 112 19.84 41.38 0.46
CA ILE G 112 18.45 41.69 0.19
C ILE G 112 17.76 42.24 1.44
N HIS G 113 18.18 41.76 2.61
CA HIS G 113 17.73 42.30 3.89
C HIS G 113 18.06 43.79 4.03
N ALA G 114 19.24 44.19 3.57
CA ALA G 114 19.68 45.58 3.67
C ALA G 114 19.28 46.42 2.46
N LYS G 115 18.26 45.98 1.70
CA LYS G 115 17.79 46.65 0.48
C LYS G 115 18.92 46.85 -0.53
N ARG G 116 19.75 45.83 -0.70
CA ARG G 116 20.91 45.90 -1.56
C ARG G 116 21.01 44.64 -2.42
N VAL G 117 21.82 44.73 -3.47
CA VAL G 117 22.08 43.60 -4.34
C VAL G 117 23.48 43.04 -4.15
N THR G 118 24.48 43.92 -4.06
CA THR G 118 25.84 43.46 -3.82
C THR G 118 26.02 43.05 -2.38
N ILE G 119 26.93 42.15 -2.15
CA ILE G 119 27.24 41.66 -0.81
C ILE G 119 28.50 42.36 -0.31
N MET G 120 28.52 42.66 0.98
CA MET G 120 29.61 43.35 1.64
C MET G 120 30.25 42.41 2.65
N PRO G 121 31.53 42.63 2.98
CA PRO G 121 32.16 41.82 4.04
C PRO G 121 31.49 41.97 5.40
N LYS G 122 30.87 43.12 5.66
CA LYS G 122 30.09 43.28 6.88
C LYS G 122 28.89 42.35 6.92
N ASP G 123 28.33 42.00 5.75
CA ASP G 123 27.27 40.99 5.71
C ASP G 123 27.79 39.61 6.09
N ILE G 124 29.01 39.28 5.65
CA ILE G 124 29.65 38.03 6.06
C ILE G 124 29.89 38.02 7.57
N GLN G 125 30.36 39.15 8.12
CA GLN G 125 30.57 39.26 9.56
C GLN G 125 29.26 39.10 10.33
N LEU G 126 28.18 39.71 9.83
CA LEU G 126 26.87 39.56 10.45
C LEU G 126 26.39 38.11 10.41
N ALA G 127 26.55 37.44 9.27
CA ALA G 127 26.11 36.06 9.14
C ALA G 127 26.91 35.14 10.06
N ARG G 128 28.22 35.37 10.15
CA ARG G 128 29.06 34.53 11.01
C ARG G 128 28.78 34.79 12.49
N ARG G 129 28.44 36.04 12.85
CA ARG G 129 28.13 36.34 14.24
C ARG G 129 26.77 35.79 14.64
N ILE G 130 25.78 35.87 13.74
CA ILE G 130 24.47 35.30 14.01
C ILE G 130 24.55 33.78 14.10
N ARG G 131 25.28 33.16 13.17
CA ARG G 131 25.48 31.71 13.22
C ARG G 131 26.34 31.26 14.39
N GLY G 132 27.13 32.17 14.97
CA GLY G 132 27.94 31.84 16.11
C GLY G 132 29.41 31.57 15.82
N GLU G 133 29.89 31.88 14.63
CA GLU G 133 31.27 31.63 14.25
C GLU G 133 32.14 32.89 14.27
N ARG G 134 31.61 34.02 14.71
CA ARG G 134 32.39 35.25 14.79
C ARG G 134 32.39 35.81 16.20
N LEU H 22 54.45 27.20 -1.24
CA LEU H 22 53.97 26.60 0.00
C LEU H 22 53.95 27.67 1.08
N ARG H 23 54.92 28.58 1.03
CA ARG H 23 54.99 29.66 2.01
C ARG H 23 53.87 30.68 1.81
N ASP H 24 53.41 30.87 0.58
CA ASP H 24 52.35 31.83 0.31
C ASP H 24 51.53 31.31 -0.88
N ASN H 25 50.42 30.62 -0.57
CA ASN H 25 49.48 30.21 -1.59
C ASN H 25 48.04 30.42 -1.13
N ILE H 26 47.82 31.41 -0.26
CA ILE H 26 46.47 31.82 0.12
C ILE H 26 45.74 32.45 -1.05
N GLN H 27 46.47 32.99 -2.04
CA GLN H 27 45.90 33.44 -3.30
C GLN H 27 45.50 32.29 -4.22
N GLY H 28 45.71 31.04 -3.81
CA GLY H 28 45.30 29.90 -4.62
C GLY H 28 43.80 29.82 -4.82
N ILE H 29 43.01 30.27 -3.83
CA ILE H 29 41.57 30.39 -4.00
C ILE H 29 41.34 31.63 -4.86
N THR H 30 41.13 31.41 -6.16
CA THR H 30 41.12 32.50 -7.11
C THR H 30 39.82 33.31 -7.01
N LYS H 31 39.91 34.56 -7.46
CA LYS H 31 38.74 35.45 -7.45
C LYS H 31 37.58 34.95 -8.32
N PRO H 32 37.77 34.46 -9.56
CA PRO H 32 36.63 33.86 -10.26
C PRO H 32 36.11 32.58 -9.61
N ALA H 33 36.94 31.86 -8.84
CA ALA H 33 36.41 30.73 -8.07
C ALA H 33 35.45 31.20 -6.99
N ILE H 34 35.77 32.31 -6.32
CA ILE H 34 34.87 32.93 -5.36
C ILE H 34 33.62 33.45 -6.07
N ARG H 35 33.78 33.96 -7.30
CA ARG H 35 32.63 34.39 -8.09
C ARG H 35 31.69 33.23 -8.39
N ARG H 36 32.25 32.07 -8.75
CA ARG H 36 31.44 30.88 -9.00
C ARG H 36 30.80 30.37 -7.71
N LEU H 37 31.52 30.50 -6.59
CA LEU H 37 30.96 30.21 -5.27
C LEU H 37 29.75 31.06 -4.98
N ALA H 38 29.82 32.36 -5.30
CA ALA H 38 28.69 33.26 -5.12
C ALA H 38 27.56 32.94 -6.08
N ARG H 39 27.89 32.56 -7.32
CA ARG H 39 26.87 32.20 -8.29
C ARG H 39 26.11 30.94 -7.88
N ARG H 40 26.77 30.01 -7.20
CA ARG H 40 26.04 28.91 -6.57
C ARG H 40 25.19 29.40 -5.41
N GLY H 41 25.68 30.39 -4.66
CA GLY H 41 24.99 30.92 -3.50
C GLY H 41 23.87 31.89 -3.80
N GLY H 42 23.57 32.12 -5.07
CA GLY H 42 22.48 33.00 -5.44
C GLY H 42 22.79 34.46 -5.48
N VAL H 43 24.05 34.85 -5.34
CA VAL H 43 24.44 36.25 -5.35
C VAL H 43 24.41 36.78 -6.78
N LYS H 44 23.85 37.99 -6.95
CA LYS H 44 23.74 38.63 -8.25
C LYS H 44 24.93 39.52 -8.56
N ARG H 45 25.36 40.34 -7.61
CA ARG H 45 26.48 41.25 -7.80
C ARG H 45 27.52 41.03 -6.70
N ILE H 46 28.79 41.11 -7.06
CA ILE H 46 29.91 40.74 -6.19
C ILE H 46 30.80 41.97 -6.03
N SER H 47 31.12 42.30 -4.78
CA SER H 47 32.01 43.42 -4.50
C SER H 47 33.46 42.96 -4.50
N GLY H 48 34.38 43.94 -4.56
CA GLY H 48 35.80 43.63 -4.58
C GLY H 48 36.39 43.31 -3.23
N LEU H 49 35.72 43.67 -2.15
CA LEU H 49 36.22 43.43 -0.81
C LEU H 49 35.70 42.13 -0.21
N ILE H 50 34.90 41.36 -0.96
CA ILE H 50 34.33 40.12 -0.41
C ILE H 50 35.36 38.99 -0.48
N TYR H 51 36.36 39.13 -1.35
CA TYR H 51 37.29 38.03 -1.60
C TYR H 51 38.23 37.80 -0.41
N GLU H 52 38.74 38.88 0.17
CA GLU H 52 39.66 38.76 1.29
C GLU H 52 38.97 38.18 2.52
N GLU H 53 37.76 38.64 2.82
CA GLU H 53 37.03 38.12 3.97
C GLU H 53 36.57 36.68 3.73
N THR H 54 36.17 36.36 2.50
CA THR H 54 35.79 34.99 2.16
C THR H 54 36.99 34.05 2.32
N ARG H 55 38.16 34.47 1.84
CA ARG H 55 39.37 33.65 2.00
C ARG H 55 39.76 33.53 3.47
N GLY H 56 39.57 34.60 4.26
CA GLY H 56 39.88 34.53 5.68
C GLY H 56 39.00 33.56 6.44
N VAL H 57 37.68 33.63 6.21
CA VAL H 57 36.79 32.71 6.91
C VAL H 57 36.95 31.28 6.40
N LEU H 58 37.29 31.11 5.11
CA LEU H 58 37.60 29.78 4.59
C LEU H 58 38.87 29.24 5.24
N LYS H 59 39.88 30.09 5.42
CA LYS H 59 41.10 29.68 6.09
C LYS H 59 40.84 29.29 7.54
N VAL H 60 39.99 30.04 8.24
CA VAL H 60 39.69 29.74 9.64
C VAL H 60 38.95 28.41 9.75
N PHE H 61 37.91 28.20 8.93
CA PHE H 61 37.16 26.94 8.97
C PHE H 61 38.03 25.77 8.54
N LEU H 62 38.85 25.96 7.51
CA LEU H 62 39.73 24.90 7.03
C LEU H 62 40.77 24.52 8.08
N GLU H 63 41.34 25.51 8.77
CA GLU H 63 42.34 25.20 9.79
C GLU H 63 41.69 24.57 11.02
N ASN H 64 40.43 24.91 11.32
CA ASN H 64 39.74 24.25 12.43
C ASN H 64 39.49 22.79 12.13
N VAL H 65 38.93 22.50 10.95
CA VAL H 65 38.66 21.11 10.57
C VAL H 65 39.96 20.33 10.40
N ILE H 66 41.01 20.98 9.91
CA ILE H 66 42.29 20.32 9.71
C ILE H 66 42.95 20.00 11.05
N ARG H 67 42.86 20.92 12.02
CA ARG H 67 43.41 20.63 13.34
C ARG H 67 42.60 19.54 14.05
N ASP H 68 41.29 19.48 13.79
CA ASP H 68 40.50 18.37 14.32
C ASP H 68 40.93 17.04 13.70
N ALA H 69 41.16 17.02 12.39
CA ALA H 69 41.59 15.80 11.71
C ALA H 69 43.00 15.40 12.15
N VAL H 70 43.86 16.38 12.44
CA VAL H 70 45.20 16.10 12.95
C VAL H 70 45.11 15.48 14.34
N THR H 71 44.21 15.98 15.19
CA THR H 71 44.00 15.36 16.50
C THR H 71 43.48 13.94 16.36
N TYR H 72 42.55 13.71 15.42
CA TYR H 72 42.06 12.36 15.14
C TYR H 72 43.17 11.44 14.66
N THR H 73 44.07 11.95 13.82
CA THR H 73 45.10 11.07 13.25
C THR H 73 46.26 10.84 14.22
N GLU H 74 46.49 11.73 15.18
CA GLU H 74 47.43 11.41 16.25
C GLU H 74 46.78 10.66 17.40
N HIS H 75 45.45 10.53 17.41
CA HIS H 75 44.81 9.64 18.36
C HIS H 75 45.20 8.18 18.11
N ALA H 76 45.30 7.78 16.84
CA ALA H 76 45.53 6.40 16.47
C ALA H 76 46.92 6.16 15.87
N LYS H 77 47.89 7.03 16.20
CA LYS H 77 49.29 6.91 15.78
C LYS H 77 49.43 6.83 14.25
N ARG H 78 48.68 7.67 13.54
CA ARG H 78 48.66 7.65 12.09
C ARG H 78 49.22 8.95 11.54
N LYS H 79 50.14 8.83 10.58
CA LYS H 79 50.77 10.01 9.99
C LYS H 79 49.93 10.64 8.89
N THR H 80 48.92 9.95 8.38
CA THR H 80 48.10 10.43 7.27
C THR H 80 46.70 10.76 7.76
N VAL H 81 45.98 11.54 6.95
CA VAL H 81 44.62 11.97 7.25
C VAL H 81 43.66 11.20 6.38
N THR H 82 42.70 10.53 7.00
CA THR H 82 41.71 9.72 6.31
C THR H 82 40.41 10.50 6.16
N ALA H 83 39.67 10.22 5.08
CA ALA H 83 38.39 10.87 4.84
C ALA H 83 37.36 10.49 5.91
N MET H 84 37.50 9.29 6.49
CA MET H 84 36.62 8.88 7.58
C MET H 84 36.84 9.78 8.79
N ASP H 85 38.10 10.08 9.10
CA ASP H 85 38.42 11.04 10.15
C ASP H 85 37.93 12.45 9.80
N VAL H 86 37.97 12.81 8.52
CA VAL H 86 37.50 14.12 8.09
C VAL H 86 36.00 14.27 8.35
N VAL H 87 35.22 13.25 7.97
CA VAL H 87 33.77 13.36 8.17
C VAL H 87 33.42 13.19 9.66
N TYR H 88 34.26 12.48 10.43
CA TYR H 88 34.05 12.44 11.87
C TYR H 88 34.31 13.81 12.51
N ALA H 89 35.36 14.50 12.05
CA ALA H 89 35.64 15.85 12.54
C ALA H 89 34.54 16.82 12.14
N LEU H 90 33.98 16.64 10.94
CA LEU H 90 32.86 17.47 10.53
C LEU H 90 31.61 17.18 11.35
N LYS H 91 31.41 15.91 11.73
CA LYS H 91 30.29 15.57 12.61
C LYS H 91 30.51 16.10 14.02
N ARG H 92 31.77 16.30 14.42
CA ARG H 92 32.05 16.84 15.75
C ARG H 92 31.56 18.27 15.89
N GLN H 93 31.70 19.08 14.85
CA GLN H 93 31.26 20.48 14.87
C GLN H 93 29.82 20.64 14.40
N GLY H 94 29.11 19.56 14.12
CA GLY H 94 27.74 19.67 13.66
C GLY H 94 27.60 20.05 12.20
N ARG H 95 28.56 19.69 11.37
CA ARG H 95 28.53 19.94 9.93
C ARG H 95 28.91 18.69 9.17
N THR H 96 28.28 17.57 9.52
CA THR H 96 28.69 16.25 9.03
C THR H 96 28.49 16.15 7.52
N LEU H 97 29.42 15.45 6.87
CA LEU H 97 29.43 15.29 5.42
C LEU H 97 29.15 13.84 5.06
N TYR H 98 28.30 13.65 4.05
CA TYR H 98 27.81 12.35 3.65
C TYR H 98 28.48 11.91 2.36
N GLY H 99 29.00 10.68 2.35
CA GLY H 99 29.54 10.11 1.13
C GLY H 99 31.02 9.78 1.15
N PHE H 100 31.58 9.61 2.35
CA PHE H 100 32.99 9.26 2.48
C PHE H 100 33.19 8.26 3.62
N ARG I 11 42.80 -1.92 53.08
CA ARG I 11 42.86 -2.91 54.15
C ARG I 11 43.85 -2.48 55.23
N ALA I 12 44.98 -1.91 54.81
CA ALA I 12 45.98 -1.39 55.73
C ALA I 12 45.83 0.11 55.92
N LYS I 13 45.86 0.87 54.83
CA LYS I 13 45.63 2.32 54.87
C LYS I 13 44.97 2.70 53.55
N ALA I 14 43.77 3.25 53.63
CA ALA I 14 43.01 3.61 52.43
C ALA I 14 43.28 5.09 52.12
N LYS I 15 44.18 5.32 51.17
CA LYS I 15 44.53 6.66 50.72
C LYS I 15 43.88 6.90 49.35
N THR I 16 43.22 8.04 49.21
CA THR I 16 42.52 8.34 47.97
C THR I 16 43.51 8.56 46.82
N ARG I 17 43.19 7.98 45.67
CA ARG I 17 44.05 8.11 44.49
C ARG I 17 44.01 9.52 43.92
N SER I 18 42.98 10.30 44.22
CA SER I 18 42.96 11.71 43.83
C SER I 18 44.02 12.50 44.57
N SER I 19 44.25 12.18 45.84
CA SER I 19 45.31 12.83 46.61
C SER I 19 46.70 12.37 46.19
N ARG I 20 46.81 11.16 45.63
CA ARG I 20 48.10 10.69 45.14
C ARG I 20 48.57 11.51 43.94
N ALA I 21 47.64 11.90 43.07
CA ALA I 21 47.94 12.74 41.93
C ALA I 21 47.82 14.23 42.24
N GLY I 22 47.52 14.58 43.48
CA GLY I 22 47.37 15.98 43.86
C GLY I 22 46.16 16.66 43.25
N LEU I 23 45.04 15.96 43.16
CA LEU I 23 43.82 16.49 42.56
C LEU I 23 42.70 16.47 43.59
N GLN I 24 41.97 17.58 43.68
CA GLN I 24 40.82 17.65 44.58
C GLN I 24 39.61 16.93 44.00
N PHE I 25 39.46 16.91 42.68
CA PHE I 25 38.34 16.21 42.05
C PHE I 25 38.52 14.70 42.20
N PRO I 26 37.44 13.95 42.42
CA PRO I 26 37.57 12.52 42.68
C PRO I 26 37.91 11.73 41.43
N VAL I 27 38.47 10.54 41.65
CA VAL I 27 38.79 9.61 40.59
C VAL I 27 37.88 8.39 40.62
N GLY I 28 37.54 7.90 41.82
CA GLY I 28 36.65 6.75 41.92
C GLY I 28 35.24 7.06 41.47
N ARG I 29 34.76 8.28 41.73
CA ARG I 29 33.44 8.69 41.25
C ARG I 29 33.41 8.76 39.72
N VAL I 30 34.47 9.32 39.13
CA VAL I 30 34.56 9.42 37.66
C VAL I 30 34.65 8.03 37.05
N HIS I 31 35.44 7.14 37.66
CA HIS I 31 35.56 5.77 37.18
C HIS I 31 34.23 5.02 37.28
N ARG I 32 33.51 5.21 38.39
CA ARG I 32 32.22 4.56 38.57
C ARG I 32 31.19 5.08 37.58
N LEU I 33 31.20 6.38 37.30
CA LEU I 33 30.28 6.94 36.31
C LEU I 33 30.63 6.50 34.90
N LEU I 34 31.92 6.32 34.60
CA LEU I 34 32.32 5.82 33.29
C LEU I 34 31.93 4.35 33.11
N ARG I 35 32.03 3.57 34.18
CA ARG I 35 31.60 2.17 34.10
C ARG I 35 30.08 2.05 34.03
N LYS I 36 29.37 2.93 34.74
CA LYS I 36 27.91 2.87 34.78
C LYS I 36 27.28 3.22 33.44
N GLY I 37 27.87 4.18 32.71
CA GLY I 37 27.35 4.58 31.42
C GLY I 37 27.69 3.64 30.28
N ASN I 38 28.56 2.65 30.54
CA ASN I 38 28.95 1.63 29.57
C ASN I 38 29.59 2.24 28.32
N TYR I 39 30.36 3.32 28.53
CA TYR I 39 30.99 4.02 27.41
C TYR I 39 32.09 3.19 26.76
N ALA I 40 32.66 2.24 27.50
CA ALA I 40 33.66 1.34 26.95
C ALA I 40 33.63 0.04 27.75
N GLU I 41 34.18 -1.01 27.14
CA GLU I 41 34.30 -2.29 27.84
C GLU I 41 35.27 -2.19 29.02
N ARG I 42 36.36 -1.46 28.84
CA ARG I 42 37.34 -1.23 29.90
C ARG I 42 37.55 0.27 30.07
N VAL I 43 37.72 0.70 31.31
CA VAL I 43 38.01 2.08 31.65
C VAL I 43 39.37 2.11 32.34
N GLY I 44 40.30 2.88 31.80
CA GLY I 44 41.68 2.85 32.25
C GLY I 44 41.87 3.47 33.62
N ALA I 45 43.14 3.54 34.03
CA ALA I 45 43.52 4.10 35.32
C ALA I 45 43.88 5.58 35.22
N GLY I 46 44.71 5.96 34.24
CA GLY I 46 45.07 7.35 34.07
C GLY I 46 44.03 8.20 33.38
N ALA I 47 43.07 7.58 32.69
CA ALA I 47 42.00 8.34 32.04
C ALA I 47 41.09 9.08 33.02
N PRO I 48 40.56 8.47 34.10
CA PRO I 48 39.79 9.28 35.06
C PRO I 48 40.62 10.32 35.78
N VAL I 49 41.91 10.06 36.00
CA VAL I 49 42.80 11.06 36.61
C VAL I 49 42.96 12.26 35.68
N TYR I 50 43.16 12.00 34.40
CA TYR I 50 43.25 13.06 33.40
C TYR I 50 41.95 13.86 33.32
N LEU I 51 40.82 13.16 33.33
CA LEU I 51 39.52 13.83 33.27
C LEU I 51 39.28 14.67 34.51
N ALA I 52 39.65 14.16 35.69
CA ALA I 52 39.51 14.91 36.94
C ALA I 52 40.40 16.14 36.95
N ALA I 53 41.64 16.01 36.43
CA ALA I 53 42.54 17.16 36.35
C ALA I 53 42.01 18.23 35.41
N VAL I 54 41.46 17.81 34.26
CA VAL I 54 40.91 18.77 33.30
C VAL I 54 39.67 19.46 33.88
N LEU I 55 38.80 18.70 34.54
CA LEU I 55 37.63 19.29 35.20
C LEU I 55 38.05 20.24 36.32
N GLU I 56 39.10 19.89 37.07
CA GLU I 56 39.60 20.77 38.11
C GLU I 56 40.14 22.06 37.54
N TYR I 57 40.89 21.99 36.43
CA TYR I 57 41.42 23.20 35.81
C TYR I 57 40.29 24.08 35.27
N LEU I 58 39.29 23.48 34.63
CA LEU I 58 38.16 24.24 34.11
C LEU I 58 37.38 24.91 35.23
N THR I 59 37.11 24.18 36.31
CA THR I 59 36.38 24.73 37.45
C THR I 59 37.18 25.84 38.12
N ALA I 60 38.49 25.65 38.26
CA ALA I 60 39.33 26.68 38.88
C ALA I 60 39.39 27.94 38.04
N GLU I 61 39.49 27.80 36.72
CA GLU I 61 39.52 28.97 35.84
C GLU I 61 38.19 29.72 35.87
N ILE I 62 37.07 28.99 35.80
CA ILE I 62 35.76 29.64 35.79
C ILE I 62 35.48 30.31 37.14
N LEU I 63 35.83 29.63 38.25
CA LEU I 63 35.64 30.22 39.56
C LEU I 63 36.56 31.41 39.80
N GLU I 64 37.78 31.39 39.26
CA GLU I 64 38.66 32.55 39.37
C GLU I 64 38.12 33.73 38.60
N LEU I 65 37.61 33.50 37.39
CA LEU I 65 37.00 34.59 36.62
C LEU I 65 35.75 35.12 37.31
N ALA I 66 34.94 34.23 37.90
CA ALA I 66 33.75 34.66 38.63
C ALA I 66 34.13 35.47 39.87
N GLY I 67 35.19 35.06 40.57
CA GLY I 67 35.64 35.83 41.72
C GLY I 67 36.19 37.18 41.32
N ASN I 68 36.87 37.25 40.17
CA ASN I 68 37.33 38.55 39.67
C ASN I 68 36.15 39.45 39.32
N ALA I 69 35.11 38.90 38.68
CA ALA I 69 33.91 39.69 38.38
C ALA I 69 33.20 40.14 39.65
N ALA I 70 33.14 39.26 40.67
CA ALA I 70 32.54 39.63 41.94
C ALA I 70 33.34 40.70 42.66
N ARG I 71 34.67 40.69 42.50
CA ARG I 71 35.49 41.78 43.02
C ARG I 71 35.23 43.07 42.26
N ASP I 72 34.97 42.97 40.95
CA ASP I 72 34.63 44.15 40.17
C ASP I 72 33.31 44.77 40.61
N ASN I 73 32.30 43.94 40.89
CA ASN I 73 31.01 44.45 41.33
C ASN I 73 30.80 44.35 42.84
N LYS I 74 31.89 44.25 43.60
CA LYS I 74 31.91 44.35 45.07
C LYS I 74 31.04 43.32 45.77
N LYS I 75 31.20 42.04 45.43
CA LYS I 75 30.55 40.95 46.13
C LYS I 75 31.58 39.88 46.46
N THR I 76 31.30 39.10 47.51
CA THR I 76 32.17 38.01 47.91
C THR I 76 31.55 36.64 47.70
N ARG I 77 30.27 36.57 47.37
CA ARG I 77 29.60 35.31 47.08
C ARG I 77 29.31 35.25 45.58
N ILE I 78 29.65 34.13 44.96
CA ILE I 78 29.49 33.97 43.52
C ILE I 78 28.03 33.70 43.21
N ILE I 79 27.43 34.57 42.41
CA ILE I 79 26.02 34.47 42.01
C ILE I 79 25.96 33.99 40.57
N PRO I 80 24.82 33.50 40.08
CA PRO I 80 24.74 33.08 38.67
C PRO I 80 25.05 34.17 37.66
N ARG I 81 24.76 35.44 37.98
CA ARG I 81 25.13 36.54 37.10
C ARG I 81 26.66 36.65 36.98
N HIS I 82 27.37 36.44 38.09
CA HIS I 82 28.83 36.45 38.05
C HIS I 82 29.37 35.32 37.19
N LEU I 83 28.78 34.12 37.30
CA LEU I 83 29.20 33.00 36.46
C LEU I 83 28.93 33.26 34.99
N GLN I 84 27.76 33.84 34.68
CA GLN I 84 27.44 34.15 33.29
C GLN I 84 28.39 35.20 32.72
N LEU I 85 28.71 36.24 33.51
CA LEU I 85 29.66 37.25 33.07
C LEU I 85 31.05 36.67 32.89
N ALA I 86 31.46 35.76 33.78
CA ALA I 86 32.76 35.11 33.67
C ALA I 86 32.84 34.23 32.42
N VAL I 87 31.76 33.52 32.10
CA VAL I 87 31.76 32.67 30.91
C VAL I 87 31.75 33.52 29.64
N ARG I 88 30.90 34.54 29.59
CA ARG I 88 30.71 35.33 28.38
C ARG I 88 31.71 36.47 28.24
N ASN I 89 32.62 36.66 29.19
CA ASN I 89 33.60 37.74 29.10
C ASN I 89 34.69 37.42 28.08
N ASP I 90 35.43 36.35 28.31
CA ASP I 90 36.50 35.97 27.39
C ASP I 90 35.93 35.23 26.18
N GLU I 91 36.64 35.34 25.06
CA GLU I 91 36.21 34.64 23.85
C GLU I 91 36.50 33.15 23.89
N GLU I 92 37.36 32.71 24.82
CA GLU I 92 37.71 31.29 24.90
C GLU I 92 36.53 30.47 25.39
N LEU I 93 35.91 30.89 26.50
CA LEU I 93 34.73 30.20 27.00
C LEU I 93 33.50 30.49 26.13
N ASN I 94 33.49 31.63 25.45
CA ASN I 94 32.43 31.91 24.48
C ASN I 94 32.48 30.93 23.31
N LYS I 95 33.69 30.60 22.84
CA LYS I 95 33.83 29.59 21.79
C LYS I 95 33.52 28.20 22.33
N LEU I 96 33.99 27.90 23.55
CA LEU I 96 33.72 26.59 24.15
C LEU I 96 32.23 26.43 24.46
N LEU I 97 31.64 27.40 25.15
CA LEU I 97 30.21 27.37 25.46
C LEU I 97 29.44 28.26 24.49
N GLY I 98 29.46 27.86 23.22
CA GLY I 98 28.76 28.61 22.19
C GLY I 98 27.27 28.30 22.15
N ARG I 99 26.92 27.03 22.20
CA ARG I 99 25.53 26.58 22.19
C ARG I 99 25.04 26.24 23.59
N VAL I 100 25.60 26.88 24.61
CA VAL I 100 25.28 26.59 26.01
C VAL I 100 24.77 27.88 26.64
N THR I 101 23.60 27.80 27.29
CA THR I 101 23.03 28.92 28.02
C THR I 101 23.07 28.64 29.52
N ILE I 102 23.16 29.72 30.30
CA ILE I 102 23.25 29.64 31.75
C ILE I 102 22.03 30.31 32.35
N ALA I 103 21.33 29.59 33.22
CA ALA I 103 20.13 30.11 33.84
C ALA I 103 20.46 31.19 34.88
N GLN I 104 19.46 32.04 35.15
CA GLN I 104 19.55 33.15 36.11
C GLN I 104 20.69 34.10 35.78
N GLY I 105 20.87 34.38 34.50
CA GLY I 105 21.92 35.27 34.06
C GLY I 105 21.51 36.01 32.80
N GLY I 106 22.09 37.20 32.62
CA GLY I 106 21.79 38.00 31.45
C GLY I 106 22.88 37.92 30.40
N VAL I 107 23.30 39.07 29.88
CA VAL I 107 24.37 39.18 28.89
C VAL I 107 25.26 40.35 29.27
N LEU I 108 26.27 40.60 28.43
CA LEU I 108 27.16 41.73 28.65
C LEU I 108 26.41 43.04 28.41
N PRO I 109 26.67 44.08 29.21
CA PRO I 109 26.04 45.40 28.97
C PRO I 109 26.79 46.21 27.93
N ASN I 110 26.84 45.70 26.70
CA ASN I 110 27.51 46.38 25.60
C ASN I 110 26.56 47.33 24.89
N ILE I 111 27.05 48.52 24.57
CA ILE I 111 26.28 49.55 23.90
C ILE I 111 26.88 49.79 22.53
N GLN I 112 26.04 49.73 21.49
CA GLN I 112 26.50 49.99 20.14
C GLN I 112 26.84 51.48 19.95
N SER I 113 27.83 51.74 19.10
CA SER I 113 28.25 53.11 18.86
C SER I 113 27.19 53.89 18.08
N VAL I 114 26.47 53.21 17.17
CA VAL I 114 25.42 53.88 16.40
C VAL I 114 24.25 54.24 17.31
N LEU I 115 23.92 53.38 18.27
CA LEU I 115 22.80 53.65 19.17
C LEU I 115 23.11 54.73 20.19
N LEU I 116 24.38 55.06 20.40
CA LEU I 116 24.74 56.11 21.34
C LEU I 116 24.36 57.47 20.76
N PRO I 117 23.77 58.36 21.56
CA PRO I 117 23.37 59.69 21.10
C PRO I 117 24.56 60.63 20.89
N THR J 29 18.55 7.53 51.34
CA THR J 29 18.86 7.82 49.95
C THR J 29 20.12 8.66 49.81
N ARG J 30 20.70 8.67 48.61
CA ARG J 30 21.91 9.45 48.34
C ARG J 30 21.76 10.15 47.01
N LYS J 31 22.48 11.27 46.88
CA LYS J 31 22.48 12.07 45.66
C LYS J 31 23.92 12.39 45.30
N GLU J 32 24.37 11.92 44.14
CA GLU J 32 25.73 12.19 43.68
C GLU J 32 25.86 13.64 43.24
N SER J 33 26.89 14.32 43.75
CA SER J 33 27.10 15.72 43.40
C SER J 33 28.60 16.02 43.47
N TYR J 34 29.00 17.07 42.75
CA TYR J 34 30.37 17.58 42.77
C TYR J 34 30.48 18.86 43.60
N ALA J 35 29.52 19.11 44.49
CA ALA J 35 29.46 20.40 45.17
C ALA J 35 30.63 20.61 46.12
N ILE J 36 30.96 19.60 46.92
CA ILE J 36 32.02 19.75 47.91
C ILE J 36 33.39 19.79 47.22
N TYR J 37 33.56 19.01 46.15
CA TYR J 37 34.81 19.05 45.39
C TYR J 37 35.04 20.42 44.75
N VAL J 38 33.97 21.01 44.18
CA VAL J 38 34.05 22.37 43.65
C VAL J 38 34.33 23.36 44.78
N TYR J 39 33.81 23.10 45.98
CA TYR J 39 34.14 23.94 47.13
C TYR J 39 35.62 23.88 47.48
N LYS J 40 36.22 22.68 47.45
CA LYS J 40 37.66 22.57 47.69
C LYS J 40 38.46 23.28 46.61
N VAL J 41 38.01 23.19 45.36
CA VAL J 41 38.67 23.91 44.27
C VAL J 41 38.60 25.42 44.50
N LEU J 42 37.43 25.90 44.94
CA LEU J 42 37.23 27.33 45.18
C LEU J 42 38.12 27.82 46.33
N LYS J 43 38.16 27.07 47.44
CA LYS J 43 39.00 27.49 48.56
C LYS J 43 40.49 27.29 48.29
N GLN J 44 40.85 26.43 47.33
CA GLN J 44 42.25 26.30 46.96
C GLN J 44 42.68 27.31 45.90
N VAL J 45 41.73 27.94 45.21
CA VAL J 45 42.06 28.96 44.22
C VAL J 45 41.61 30.36 44.65
N HIS J 46 40.63 30.43 45.55
CA HIS J 46 40.15 31.72 46.07
C HIS J 46 39.73 31.55 47.53
N PRO J 47 40.65 31.73 48.49
CA PRO J 47 40.29 31.45 49.88
C PRO J 47 39.42 32.50 50.53
N ASP J 48 39.11 33.60 49.84
CA ASP J 48 38.35 34.70 50.43
C ASP J 48 37.04 34.97 49.69
N THR J 49 36.38 33.93 49.17
CA THR J 49 35.12 34.09 48.47
C THR J 49 34.26 32.85 48.65
N GLY J 50 32.97 33.01 48.38
CA GLY J 50 32.01 31.92 48.49
C GLY J 50 31.21 31.71 47.22
N ILE J 51 30.15 30.91 47.29
CA ILE J 51 29.34 30.58 46.12
C ILE J 51 27.94 30.18 46.60
N SER J 52 26.92 30.62 45.87
CA SER J 52 25.53 30.39 46.24
C SER J 52 25.06 29.00 45.81
N SER J 53 23.85 28.65 46.23
CA SER J 53 23.30 27.32 45.94
C SER J 53 22.87 27.20 44.49
N LYS J 54 22.26 28.26 43.93
CA LYS J 54 21.90 28.24 42.51
C LYS J 54 23.15 28.19 41.63
N ALA J 55 24.18 28.96 42.01
CA ALA J 55 25.46 28.85 41.32
C ALA J 55 26.11 27.48 41.54
N MET J 56 25.85 26.86 42.69
CA MET J 56 26.33 25.49 42.90
C MET J 56 25.65 24.50 41.97
N SER J 57 24.35 24.66 41.76
CA SER J 57 23.64 23.80 40.81
C SER J 57 24.10 24.05 39.38
N ILE J 58 24.40 25.31 39.05
CA ILE J 58 24.93 25.65 37.74
C ILE J 58 26.31 25.01 37.54
N MET J 59 27.15 25.06 38.57
CA MET J 59 28.45 24.39 38.53
C MET J 59 28.32 22.88 38.38
N ASN J 60 27.36 22.28 39.09
CA ASN J 60 27.13 20.85 38.98
C ASN J 60 26.70 20.46 37.58
N SER J 61 25.77 21.21 36.99
CA SER J 61 25.31 20.92 35.64
C SER J 61 26.42 21.16 34.61
N PHE J 62 27.26 22.19 34.84
CA PHE J 62 28.39 22.45 33.95
C PHE J 62 29.41 21.31 33.99
N VAL J 63 29.74 20.84 35.20
CA VAL J 63 30.67 19.72 35.34
C VAL J 63 30.09 18.46 34.71
N ASN J 64 28.80 18.21 34.92
CA ASN J 64 28.15 17.05 34.32
C ASN J 64 28.14 17.12 32.80
N ASP J 65 27.90 18.33 32.25
CA ASP J 65 27.86 18.49 30.79
C ASP J 65 29.25 18.30 30.17
N VAL J 66 30.29 18.87 30.80
CA VAL J 66 31.64 18.71 30.28
C VAL J 66 32.10 17.26 30.39
N PHE J 67 31.77 16.60 31.51
CA PHE J 67 32.08 15.18 31.67
C PHE J 67 31.35 14.34 30.63
N GLU J 68 30.07 14.66 30.36
CA GLU J 68 29.30 13.94 29.36
C GLU J 68 29.91 14.10 27.98
N ARG J 69 30.30 15.33 27.61
CA ARG J 69 30.88 15.59 26.30
C ARG J 69 32.22 14.89 26.14
N ILE J 70 33.10 14.97 27.15
CA ILE J 70 34.42 14.36 27.04
C ILE J 70 34.32 12.84 27.04
N ALA J 71 33.43 12.27 27.87
CA ALA J 71 33.25 10.83 27.89
C ALA J 71 32.66 10.32 26.58
N GLY J 72 31.70 11.05 25.99
CA GLY J 72 31.16 10.66 24.71
C GLY J 72 32.18 10.74 23.59
N GLU J 73 33.01 11.80 23.60
CA GLU J 73 34.07 11.92 22.61
C GLU J 73 35.09 10.80 22.74
N ALA J 74 35.48 10.46 23.98
CA ALA J 74 36.44 9.38 24.19
C ALA J 74 35.87 8.04 23.79
N SER J 75 34.58 7.80 24.08
CA SER J 75 33.95 6.55 23.68
C SER J 75 33.85 6.44 22.16
N ARG J 76 33.53 7.56 21.49
CA ARG J 76 33.52 7.56 20.02
C ARG J 76 34.91 7.30 19.45
N LEU J 77 35.93 7.92 20.05
CA LEU J 77 37.30 7.74 19.58
C LEU J 77 37.76 6.29 19.76
N ALA J 78 37.36 5.66 20.87
CA ALA J 78 37.65 4.25 21.06
C ALA J 78 36.88 3.38 20.06
N HIS J 79 35.63 3.74 19.77
CA HIS J 79 34.80 2.95 18.88
C HIS J 79 35.29 3.02 17.43
N TYR J 80 35.88 4.15 17.03
CA TYR J 80 36.26 4.33 15.63
C TYR J 80 37.42 3.43 15.21
N ASN J 81 38.37 3.17 16.11
CA ASN J 81 39.55 2.39 15.78
C ASN J 81 39.53 1.00 16.42
N LYS J 82 38.34 0.47 16.67
CA LYS J 82 38.12 -0.86 17.24
C LYS J 82 38.81 -1.03 18.59
N ARG J 83 38.74 0.01 19.42
CA ARG J 83 39.32 0.00 20.76
C ARG J 83 38.20 -0.15 21.79
N SER J 84 38.36 -1.11 22.69
CA SER J 84 37.37 -1.36 23.73
C SER J 84 37.74 -0.74 25.07
N THR J 85 38.81 0.07 25.11
CA THR J 85 39.26 0.69 26.34
C THR J 85 39.34 2.20 26.16
N ILE J 86 39.40 2.91 27.28
CA ILE J 86 39.63 4.34 27.31
C ILE J 86 40.91 4.58 28.10
N THR J 87 41.93 5.13 27.45
CA THR J 87 43.22 5.39 28.05
C THR J 87 43.40 6.90 28.21
N SER J 88 44.61 7.29 28.63
CA SER J 88 44.93 8.71 28.76
C SER J 88 44.95 9.42 27.42
N ARG J 89 45.28 8.70 26.34
CA ARG J 89 45.29 9.31 25.02
C ARG J 89 43.87 9.61 24.54
N GLU J 90 42.88 8.83 24.97
CA GLU J 90 41.49 9.11 24.62
C GLU J 90 41.04 10.46 25.20
N ILE J 91 41.32 10.68 26.49
CA ILE J 91 40.98 11.96 27.11
C ILE J 91 41.85 13.07 26.56
N GLN J 92 43.09 12.76 26.18
CA GLN J 92 43.96 13.73 25.53
C GLN J 92 43.34 14.25 24.23
N THR J 93 42.92 13.32 23.38
CA THR J 93 42.28 13.69 22.11
C THR J 93 40.95 14.40 22.33
N ALA J 94 40.18 13.95 23.32
CA ALA J 94 38.90 14.59 23.61
C ALA J 94 39.08 16.02 24.10
N VAL J 95 40.11 16.27 24.91
CA VAL J 95 40.39 17.61 25.41
C VAL J 95 40.89 18.50 24.27
N ARG J 96 41.80 17.98 23.44
CA ARG J 96 42.29 18.78 22.33
C ARG J 96 41.25 18.98 21.23
N LEU J 97 40.19 18.18 21.23
CA LEU J 97 39.09 18.40 20.28
C LEU J 97 38.06 19.39 20.81
N LEU J 98 37.48 19.09 21.98
CA LEU J 98 36.38 19.89 22.50
C LEU J 98 36.87 21.22 23.09
N LEU J 99 37.82 21.17 24.01
CA LEU J 99 38.34 22.40 24.58
C LEU J 99 39.19 23.13 23.53
N PRO J 100 39.06 24.46 23.42
CA PRO J 100 39.82 25.18 22.40
C PRO J 100 41.12 25.79 22.90
N GLY J 101 42.16 25.73 22.05
CA GLY J 101 43.33 26.57 22.16
C GLY J 101 44.14 26.57 23.44
N GLU J 102 44.27 27.78 24.02
CA GLU J 102 45.10 28.01 25.19
C GLU J 102 44.58 27.27 26.41
N LEU J 103 43.25 27.27 26.57
CA LEU J 103 42.59 26.51 27.63
C LEU J 103 42.86 25.02 27.46
N ALA J 104 42.81 24.57 26.20
CA ALA J 104 43.07 23.16 25.89
C ALA J 104 44.50 22.76 26.23
N LYS J 105 45.48 23.60 25.89
CA LYS J 105 46.86 23.20 26.16
C LYS J 105 47.21 23.32 27.64
N HIS J 106 46.60 24.27 28.37
CA HIS J 106 46.77 24.26 29.82
C HIS J 106 46.11 23.05 30.47
N ALA J 107 44.95 22.61 29.96
CA ALA J 107 44.34 21.39 30.45
C ALA J 107 45.21 20.18 30.13
N VAL J 108 45.86 20.20 28.96
CA VAL J 108 46.78 19.13 28.58
C VAL J 108 47.98 19.09 29.53
N SER J 109 48.52 20.26 29.87
CA SER J 109 49.64 20.33 30.80
C SER J 109 49.24 19.84 32.20
N GLU J 110 48.03 20.22 32.65
CA GLU J 110 47.55 19.76 33.95
C GLU J 110 47.34 18.24 33.97
N GLY J 111 46.80 17.69 32.88
CA GLY J 111 46.60 16.25 32.81
C GLY J 111 47.91 15.49 32.77
N THR J 112 48.90 15.99 32.02
CA THR J 112 50.21 15.35 32.00
C THR J 112 50.91 15.46 33.35
N LYS J 113 50.72 16.59 34.06
CA LYS J 113 51.26 16.72 35.40
C LYS J 113 50.63 15.73 36.37
N ALA J 114 49.31 15.53 36.26
CA ALA J 114 48.64 14.55 37.11
C ALA J 114 49.10 13.13 36.79
N VAL J 115 49.28 12.83 35.51
CA VAL J 115 49.76 11.51 35.10
C VAL J 115 51.17 11.26 35.62
N THR J 116 52.05 12.27 35.52
CA THR J 116 53.41 12.14 36.04
C THR J 116 53.43 12.03 37.56
N LYS J 117 52.50 12.70 38.25
CA LYS J 117 52.41 12.58 39.69
C LYS J 117 51.94 11.19 40.11
N TYR J 118 51.02 10.60 39.34
CA TYR J 118 50.59 9.23 39.62
C TYR J 118 51.72 8.23 39.37
N THR J 119 52.42 8.39 38.24
CA THR J 119 53.49 7.45 37.91
C THR J 119 54.73 7.61 38.78
N SER J 120 54.86 8.71 39.49
CA SER J 120 56.00 8.91 40.38
C SER J 120 55.74 8.29 41.76
N LYS K 37 4.39 68.47 32.48
CA LYS K 37 5.74 67.93 32.33
C LYS K 37 6.68 68.93 31.68
N PRO K 38 7.64 69.43 32.45
CA PRO K 38 8.63 70.35 31.88
C PRO K 38 9.48 69.61 30.86
N HIS K 39 9.82 68.36 31.15
CA HIS K 39 10.59 67.56 30.21
C HIS K 39 9.95 66.19 30.07
N ARG K 40 10.11 65.58 28.90
CA ARG K 40 9.49 64.29 28.68
C ARG K 40 10.54 63.26 28.28
N TYR K 41 11.79 63.67 28.14
CA TYR K 41 12.87 62.79 27.73
C TYR K 41 12.76 62.41 26.25
N ARG K 42 13.55 63.05 25.41
CA ARG K 42 13.57 62.74 23.99
C ARG K 42 13.55 61.22 23.79
N PRO K 43 12.90 60.72 22.74
CA PRO K 43 12.83 59.27 22.53
C PRO K 43 14.19 58.67 22.21
N GLY K 44 14.37 57.42 22.63
CA GLY K 44 15.57 56.66 22.37
C GLY K 44 16.52 56.56 23.55
N THR K 45 16.52 57.53 24.46
CA THR K 45 17.42 57.52 25.61
C THR K 45 16.85 56.77 26.80
N VAL K 46 15.53 56.80 26.98
CA VAL K 46 14.89 55.94 27.97
C VAL K 46 15.08 54.47 27.60
N ALA K 47 15.08 54.18 26.29
CA ALA K 47 15.39 52.83 25.82
C ALA K 47 16.80 52.41 26.22
N LEU K 48 17.77 53.31 26.08
CA LEU K 48 19.12 52.99 26.55
C LEU K 48 19.17 52.88 28.08
N ARG K 49 18.31 53.61 28.79
CA ARG K 49 18.24 53.48 30.24
C ARG K 49 17.77 52.08 30.65
N GLU K 50 16.71 51.59 29.99
CA GLU K 50 16.25 50.23 30.26
C GLU K 50 17.26 49.19 29.78
N ILE K 51 18.02 49.49 28.73
CA ILE K 51 19.07 48.58 28.29
C ILE K 51 20.16 48.48 29.34
N ARG K 52 20.62 49.61 29.86
CA ARG K 52 21.66 49.61 30.89
C ARG K 52 21.16 49.01 32.20
N ARG K 53 19.87 49.14 32.48
CA ARG K 53 19.32 48.55 33.69
C ARG K 53 19.17 47.03 33.56
N TYR K 54 18.74 46.56 32.38
CA TYR K 54 18.28 45.18 32.24
C TYR K 54 19.32 44.23 31.66
N GLN K 55 20.34 44.74 30.96
CA GLN K 55 21.42 43.86 30.51
C GLN K 55 22.25 43.36 31.68
N LYS K 56 22.42 44.19 32.71
CA LYS K 56 23.13 43.80 33.93
C LYS K 56 22.20 43.25 35.00
N SER K 57 20.90 43.18 34.74
CA SER K 57 19.94 42.74 35.74
C SER K 57 19.99 41.22 35.91
N THR K 58 19.33 40.75 36.97
CA THR K 58 19.28 39.33 37.30
C THR K 58 17.86 38.78 37.33
N GLU K 59 16.88 39.57 37.78
CA GLU K 59 15.51 39.11 37.87
C GLU K 59 14.91 38.91 36.48
N LEU K 60 13.89 38.04 36.42
CA LEU K 60 13.30 37.66 35.16
C LEU K 60 12.28 38.71 34.69
N LEU K 61 11.94 38.62 33.41
CA LEU K 61 11.03 39.58 32.77
C LEU K 61 9.67 39.00 32.43
N ILE K 62 9.62 37.77 31.92
CA ILE K 62 8.34 37.12 31.63
C ILE K 62 7.70 36.70 32.94
N ARG K 63 6.43 37.08 33.12
CA ARG K 63 5.70 36.72 34.32
C ARG K 63 5.43 35.21 34.36
N LYS K 64 5.41 34.67 35.57
CA LYS K 64 5.37 33.21 35.75
C LYS K 64 4.01 32.64 35.40
N LEU K 65 2.93 33.29 35.86
CA LEU K 65 1.59 32.75 35.66
C LEU K 65 1.16 32.67 34.19
N PRO K 66 1.30 33.72 33.35
CA PRO K 66 0.89 33.54 31.95
C PRO K 66 1.77 32.59 31.17
N PHE K 67 3.07 32.52 31.50
CA PHE K 67 3.94 31.54 30.86
C PHE K 67 3.52 30.11 31.22
N GLN K 68 3.16 29.88 32.49
CA GLN K 68 2.68 28.58 32.92
C GLN K 68 1.36 28.24 32.24
N ARG K 69 0.47 29.22 32.11
CA ARG K 69 -0.82 28.99 31.45
C ARG K 69 -0.63 28.69 29.95
N LEU K 70 0.31 29.38 29.30
CA LEU K 70 0.63 29.06 27.92
C LEU K 70 1.23 27.67 27.79
N VAL K 71 2.02 27.25 28.79
CA VAL K 71 2.55 25.89 28.83
C VAL K 71 1.41 24.88 28.92
N ARG K 72 0.41 25.17 29.76
CA ARG K 72 -0.75 24.27 29.86
C ARG K 72 -1.53 24.21 28.56
N GLU K 73 -1.72 25.36 27.90
CA GLU K 73 -2.42 25.38 26.62
C GLU K 73 -1.68 24.58 25.55
N ILE K 74 -0.35 24.73 25.50
CA ILE K 74 0.46 23.99 24.54
C ILE K 74 0.41 22.49 24.83
N ALA K 75 0.52 22.11 26.11
CA ALA K 75 0.47 20.70 26.48
C ALA K 75 -0.92 20.09 26.31
N GLN K 76 -1.97 20.92 26.26
CA GLN K 76 -3.31 20.40 25.99
C GLN K 76 -3.43 19.85 24.58
N ASP K 77 -2.67 20.39 23.63
CA ASP K 77 -2.67 19.84 22.28
C ASP K 77 -1.99 18.47 22.25
N PHE K 78 -1.06 18.23 23.16
CA PHE K 78 -0.39 16.94 23.31
C PHE K 78 -1.21 16.07 24.26
N LYS K 79 -0.61 14.98 24.77
CA LYS K 79 -1.30 14.09 25.70
C LYS K 79 -1.74 14.83 26.95
N THR K 80 -3.01 14.63 27.33
CA THR K 80 -3.63 15.39 28.41
C THR K 80 -3.25 14.78 29.76
N ASP K 81 -3.96 15.22 30.81
CA ASP K 81 -3.68 14.94 32.24
C ASP K 81 -2.19 14.94 32.57
N LEU K 82 -1.53 16.01 32.16
CA LEU K 82 -0.10 16.20 32.35
C LEU K 82 0.17 17.35 33.30
N ARG K 83 1.17 17.17 34.16
CA ARG K 83 1.54 18.17 35.15
C ARG K 83 2.95 18.68 34.88
N PHE K 84 3.25 19.85 35.45
CA PHE K 84 4.57 20.47 35.33
C PHE K 84 4.98 20.97 36.71
N GLN K 85 6.11 20.50 37.21
CA GLN K 85 6.60 20.95 38.50
C GLN K 85 7.20 22.35 38.37
N SER K 86 7.51 22.95 39.52
CA SER K 86 8.00 24.32 39.54
C SER K 86 9.39 24.43 38.91
N SER K 87 10.25 23.43 39.13
CA SER K 87 11.60 23.46 38.57
C SER K 87 11.56 23.33 37.05
N ALA K 88 10.67 22.49 36.51
CA ALA K 88 10.55 22.35 35.06
C ALA K 88 10.03 23.62 34.40
N VAL K 89 9.03 24.26 35.03
CA VAL K 89 8.50 25.53 34.52
C VAL K 89 9.58 26.60 34.58
N MET K 90 10.35 26.64 35.67
CA MET K 90 11.43 27.62 35.80
C MET K 90 12.50 27.41 34.74
N ALA K 91 12.89 26.15 34.49
CA ALA K 91 13.88 25.86 33.47
C ALA K 91 13.38 26.22 32.07
N LEU K 92 12.11 25.92 31.79
CA LEU K 92 11.51 26.28 30.51
C LEU K 92 11.47 27.79 30.32
N GLN K 93 11.12 28.53 31.38
CA GLN K 93 11.08 29.99 31.30
C GLN K 93 12.46 30.58 31.08
N GLU K 94 13.47 30.05 31.79
CA GLU K 94 14.84 30.54 31.61
C GLU K 94 15.36 30.25 30.21
N ALA K 95 15.09 29.04 29.68
CA ALA K 95 15.53 28.70 28.34
C ALA K 95 14.83 29.55 27.29
N SER K 96 13.52 29.77 27.44
CA SER K 96 12.79 30.60 26.49
C SER K 96 13.27 32.05 26.53
N GLU K 97 13.52 32.58 27.73
CA GLU K 97 14.00 33.95 27.83
C GLU K 97 15.41 34.10 27.26
N ALA K 98 16.28 33.11 27.48
CA ALA K 98 17.62 33.16 26.90
C ALA K 98 17.58 33.07 25.38
N TYR K 99 16.72 32.20 24.84
CA TYR K 99 16.60 32.08 23.39
C TYR K 99 16.03 33.36 22.79
N LEU K 100 15.05 33.98 23.47
CA LEU K 100 14.49 35.23 22.99
C LEU K 100 15.50 36.36 23.08
N VAL K 101 16.35 36.36 24.10
CA VAL K 101 17.40 37.37 24.23
C VAL K 101 18.41 37.23 23.10
N ALA K 102 18.83 35.98 22.79
CA ALA K 102 19.75 35.76 21.69
C ALA K 102 19.13 36.13 20.35
N LEU K 103 17.86 35.79 20.14
CA LEU K 103 17.17 36.16 18.92
C LEU K 103 17.01 37.67 18.80
N PHE K 104 16.79 38.38 19.91
CA PHE K 104 16.66 39.82 19.86
C PHE K 104 18.00 40.49 19.61
N GLU K 105 19.10 39.92 20.14
CA GLU K 105 20.42 40.41 19.80
C GLU K 105 20.72 40.24 18.32
N ASP K 106 20.37 39.08 17.76
CA ASP K 106 20.54 38.86 16.32
C ASP K 106 19.66 39.79 15.50
N THR K 107 18.44 40.05 15.98
CA THR K 107 17.52 40.96 15.30
C THR K 107 18.04 42.39 15.31
N ASN K 108 18.58 42.84 16.44
CA ASN K 108 19.16 44.18 16.53
C ASN K 108 20.40 44.30 15.66
N LEU K 109 21.21 43.23 15.60
CA LEU K 109 22.38 43.24 14.73
C LEU K 109 21.97 43.30 13.26
N ALA K 110 20.92 42.59 12.88
CA ALA K 110 20.41 42.67 11.52
C ALA K 110 19.79 44.03 11.22
N ALA K 111 19.19 44.66 12.23
CA ALA K 111 18.60 45.99 12.03
C ALA K 111 19.67 47.04 11.82
N ILE K 112 20.73 47.01 12.64
CA ILE K 112 21.83 47.97 12.45
C ILE K 112 22.66 47.59 11.23
N HIS K 113 22.56 46.34 10.77
CA HIS K 113 23.21 45.95 9.54
C HIS K 113 22.53 46.57 8.32
N ALA K 114 21.21 46.73 8.37
CA ALA K 114 20.44 47.25 7.25
C ALA K 114 20.36 48.77 7.25
N LYS K 115 21.31 49.44 7.92
CA LYS K 115 21.33 50.91 8.08
C LYS K 115 20.03 51.41 8.71
N ARG K 116 19.59 50.69 9.75
CA ARG K 116 18.34 50.98 10.44
C ARG K 116 18.57 50.87 11.93
N VAL K 117 17.57 51.31 12.70
CA VAL K 117 17.61 51.16 14.15
C VAL K 117 16.44 50.33 14.68
N THR K 118 15.28 50.37 14.03
CA THR K 118 14.11 49.64 14.48
C THR K 118 14.15 48.19 13.98
N ILE K 119 13.80 47.27 14.88
CA ILE K 119 13.73 45.85 14.52
C ILE K 119 12.39 45.55 13.89
N MET K 120 12.39 44.60 12.95
CA MET K 120 11.22 44.23 12.15
C MET K 120 11.00 42.72 12.21
N PRO K 121 9.76 42.26 11.98
CA PRO K 121 9.53 40.81 11.90
C PRO K 121 10.29 40.13 10.76
N LYS K 122 10.53 40.85 9.66
CA LYS K 122 11.34 40.30 8.58
C LYS K 122 12.79 40.10 9.02
N ASP K 123 13.26 40.93 9.97
CA ASP K 123 14.59 40.73 10.53
C ASP K 123 14.66 39.43 11.33
N ILE K 124 13.60 39.14 12.08
CA ILE K 124 13.49 37.88 12.82
C ILE K 124 13.45 36.70 11.86
N GLN K 125 12.69 36.83 10.76
CA GLN K 125 12.64 35.76 9.77
C GLN K 125 13.99 35.53 9.11
N LEU K 126 14.73 36.61 8.83
CA LEU K 126 16.08 36.48 8.30
C LEU K 126 17.01 35.78 9.29
N ALA K 127 16.90 36.14 10.57
CA ALA K 127 17.73 35.49 11.59
C ALA K 127 17.40 34.02 11.73
N ARG K 128 16.11 33.67 11.63
CA ARG K 128 15.70 32.27 11.67
C ARG K 128 16.22 31.50 10.46
N ARG K 129 16.18 32.12 9.27
CA ARG K 129 16.68 31.46 8.07
C ARG K 129 18.19 31.26 8.13
N ILE K 130 18.92 32.26 8.64
CA ILE K 130 20.37 32.15 8.76
C ILE K 130 20.75 31.10 9.80
N ARG K 131 20.07 31.09 10.95
CA ARG K 131 20.37 30.13 12.00
C ARG K 131 19.91 28.72 11.67
N GLY K 132 19.11 28.53 10.62
CA GLY K 132 18.63 27.23 10.24
C GLY K 132 17.40 26.74 10.97
N GLU K 133 16.85 27.54 11.86
CA GLU K 133 15.66 27.15 12.61
C GLU K 133 14.39 27.58 11.88
N LEU L 22 -7.90 29.47 28.60
CA LEU L 22 -7.10 28.26 28.39
C LEU L 22 -6.98 27.94 26.90
N ARG L 23 -8.09 28.08 26.18
CA ARG L 23 -8.10 27.80 24.75
C ARG L 23 -7.39 28.88 23.94
N ASP L 24 -7.37 30.12 24.42
CA ASP L 24 -6.70 31.23 23.75
C ASP L 24 -5.77 31.88 24.75
N ASN L 25 -4.49 31.49 24.74
CA ASN L 25 -3.55 31.97 25.74
C ASN L 25 -2.26 32.46 25.08
N ILE L 26 -2.26 32.67 23.76
CA ILE L 26 -1.08 33.27 23.12
C ILE L 26 -1.00 34.76 23.45
N GLN L 27 -2.10 35.36 23.92
CA GLN L 27 -2.08 36.73 24.38
C GLN L 27 -1.53 36.87 25.80
N GLY L 28 -1.25 35.75 26.47
CA GLY L 28 -0.65 35.81 27.79
C GLY L 28 0.78 36.33 27.76
N ILE L 29 1.49 36.12 26.65
CA ILE L 29 2.80 36.73 26.47
C ILE L 29 2.59 38.23 26.31
N THR L 30 3.11 39.01 27.25
CA THR L 30 2.81 40.43 27.31
C THR L 30 3.71 41.22 26.37
N LYS L 31 3.14 42.23 25.72
CA LYS L 31 3.91 43.06 24.80
C LYS L 31 5.02 43.87 25.50
N PRO L 32 4.80 44.54 26.64
CA PRO L 32 5.96 45.10 27.36
C PRO L 32 6.93 44.08 27.91
N ALA L 33 6.50 42.83 28.11
CA ALA L 33 7.46 41.77 28.44
C ALA L 33 8.38 41.50 27.25
N ILE L 34 7.83 41.50 26.04
CA ILE L 34 8.64 41.40 24.83
C ILE L 34 9.56 42.62 24.71
N ARG L 35 9.06 43.79 25.09
CA ARG L 35 9.89 45.00 25.11
C ARG L 35 11.06 44.86 26.08
N ARG L 36 10.80 44.30 27.26
CA ARG L 36 11.86 44.07 28.25
C ARG L 36 12.86 43.03 27.74
N LEU L 37 12.38 41.99 27.07
CA LEU L 37 13.27 40.98 26.51
C LEU L 37 14.18 41.57 25.44
N ALA L 38 13.64 42.47 24.61
CA ALA L 38 14.46 43.13 23.60
C ALA L 38 15.41 44.15 24.22
N ARG L 39 14.99 44.80 25.32
CA ARG L 39 15.90 45.70 26.03
C ARG L 39 17.06 44.95 26.66
N ARG L 40 16.82 43.72 27.13
CA ARG L 40 17.92 42.87 27.57
C ARG L 40 18.83 42.50 26.40
N GLY L 41 18.29 42.42 25.20
CA GLY L 41 19.07 42.18 24.00
C GLY L 41 19.71 43.39 23.38
N GLY L 42 19.54 44.57 23.97
CA GLY L 42 20.16 45.77 23.45
C GLY L 42 19.42 46.44 22.32
N VAL L 43 18.11 46.23 22.20
CA VAL L 43 17.33 46.83 21.14
C VAL L 43 16.91 48.24 21.54
N LYS L 44 17.19 49.21 20.68
CA LYS L 44 16.85 50.60 20.94
C LYS L 44 15.43 50.96 20.48
N ARG L 45 15.04 50.53 19.28
CA ARG L 45 13.74 50.86 18.71
C ARG L 45 13.00 49.58 18.34
N ILE L 46 11.72 49.50 18.72
CA ILE L 46 10.90 48.31 18.54
C ILE L 46 9.70 48.69 17.68
N SER L 47 9.47 47.94 16.61
CA SER L 47 8.30 48.19 15.79
C SER L 47 7.08 47.46 16.34
N GLY L 48 5.91 47.85 15.85
CA GLY L 48 4.65 47.29 16.34
C GLY L 48 4.39 45.88 15.85
N LEU L 49 4.96 45.48 14.73
CA LEU L 49 4.78 44.14 14.20
C LEU L 49 5.79 43.14 14.78
N ILE L 50 6.69 43.60 15.64
CA ILE L 50 7.67 42.71 16.27
C ILE L 50 6.98 41.76 17.24
N TYR L 51 5.96 42.25 17.96
CA TYR L 51 5.36 41.48 19.05
C TYR L 51 4.68 40.22 18.57
N GLU L 52 3.94 40.30 17.45
CA GLU L 52 3.22 39.12 16.96
C GLU L 52 4.19 38.05 16.45
N GLU L 53 5.23 38.45 15.73
CA GLU L 53 6.22 37.49 15.25
C GLU L 53 7.01 36.88 16.41
N THR L 54 7.29 37.69 17.44
CA THR L 54 7.97 37.18 18.64
C THR L 54 7.10 36.16 19.37
N ARG L 55 5.80 36.44 19.48
CA ARG L 55 4.87 35.48 20.09
C ARG L 55 4.80 34.20 19.27
N GLY L 56 4.80 34.31 17.94
CA GLY L 56 4.77 33.12 17.10
C GLY L 56 6.01 32.26 17.21
N VAL L 57 7.19 32.88 17.19
CA VAL L 57 8.42 32.11 17.28
C VAL L 57 8.58 31.52 18.69
N LEU L 58 8.15 32.26 19.72
CA LEU L 58 8.16 31.72 21.07
C LEU L 58 7.19 30.55 21.19
N LYS L 59 6.03 30.64 20.54
CA LYS L 59 5.05 29.56 20.57
C LYS L 59 5.59 28.30 19.90
N VAL L 60 6.21 28.43 18.73
CA VAL L 60 6.68 27.24 18.04
C VAL L 60 7.88 26.62 18.76
N PHE L 61 8.78 27.46 19.31
CA PHE L 61 9.90 26.93 20.08
C PHE L 61 9.41 26.25 21.36
N LEU L 62 8.44 26.87 22.04
CA LEU L 62 7.87 26.30 23.26
C LEU L 62 7.16 24.98 22.98
N GLU L 63 6.42 24.90 21.86
CA GLU L 63 5.71 23.67 21.57
C GLU L 63 6.68 22.56 21.13
N ASN L 64 7.79 22.91 20.49
CA ASN L 64 8.80 21.90 20.16
C ASN L 64 9.43 21.34 21.44
N VAL L 65 9.83 22.23 22.36
CA VAL L 65 10.46 21.78 23.59
C VAL L 65 9.48 21.02 24.47
N ILE L 66 8.21 21.45 24.49
CA ILE L 66 7.19 20.78 25.29
C ILE L 66 6.87 19.41 24.71
N ARG L 67 6.84 19.29 23.38
CA ARG L 67 6.64 17.98 22.75
C ARG L 67 7.80 17.04 23.07
N ASP L 68 9.03 17.56 23.04
CA ASP L 68 10.19 16.74 23.41
C ASP L 68 10.11 16.30 24.88
N ALA L 69 9.70 17.20 25.76
CA ALA L 69 9.57 16.85 27.18
C ALA L 69 8.43 15.87 27.42
N VAL L 70 7.34 15.99 26.66
CA VAL L 70 6.23 15.05 26.76
C VAL L 70 6.67 13.65 26.33
N THR L 71 7.44 13.57 25.24
CA THR L 71 7.98 12.28 24.81
C THR L 71 8.95 11.71 25.85
N TYR L 72 9.78 12.57 26.44
CA TYR L 72 10.72 12.15 27.47
C TYR L 72 10.00 11.59 28.70
N THR L 73 8.94 12.28 29.14
CA THR L 73 8.23 11.84 30.33
C THR L 73 7.23 10.72 30.04
N GLU L 74 6.90 10.49 28.77
CA GLU L 74 6.04 9.36 28.42
C GLU L 74 6.84 8.10 28.13
N HIS L 75 8.14 8.22 27.88
CA HIS L 75 8.98 7.03 27.84
C HIS L 75 9.16 6.43 29.23
N ALA L 76 9.16 7.26 30.27
CA ALA L 76 9.39 6.82 31.64
C ALA L 76 8.12 6.47 32.38
N LYS L 77 6.97 6.41 31.67
CA LYS L 77 5.66 6.12 32.25
C LYS L 77 5.30 7.11 33.36
N ARG L 78 5.59 8.39 33.13
CA ARG L 78 5.33 9.44 34.10
C ARG L 78 4.33 10.44 33.52
N LYS L 79 3.53 11.03 34.40
CA LYS L 79 2.53 12.01 33.99
C LYS L 79 2.91 13.45 34.33
N THR L 80 3.96 13.66 35.10
CA THR L 80 4.48 14.99 35.38
C THR L 80 5.87 15.14 34.75
N VAL L 81 6.13 16.33 34.20
CA VAL L 81 7.40 16.61 33.55
C VAL L 81 8.35 17.21 34.58
N THR L 82 9.51 16.58 34.75
CA THR L 82 10.53 17.08 35.65
C THR L 82 11.46 18.04 34.93
N ALA L 83 12.32 18.71 35.71
CA ALA L 83 13.28 19.64 35.14
C ALA L 83 14.36 18.92 34.33
N MET L 84 14.70 17.69 34.72
CA MET L 84 15.70 16.92 33.99
C MET L 84 15.21 16.56 32.58
N ASP L 85 13.90 16.36 32.42
CA ASP L 85 13.33 16.16 31.09
C ASP L 85 13.53 17.39 30.22
N VAL L 86 13.34 18.58 30.79
CA VAL L 86 13.55 19.82 30.04
C VAL L 86 15.03 19.99 29.70
N VAL L 87 15.92 19.64 30.63
CA VAL L 87 17.35 19.75 30.39
C VAL L 87 17.78 18.82 29.26
N TYR L 88 17.29 17.57 29.27
CA TYR L 88 17.63 16.64 28.21
C TYR L 88 17.00 17.01 26.88
N ALA L 89 15.79 17.59 26.90
CA ALA L 89 15.17 18.07 25.67
C ALA L 89 15.96 19.23 25.08
N LEU L 90 16.47 20.13 25.93
CA LEU L 90 17.32 21.20 25.45
C LEU L 90 18.66 20.68 24.95
N LYS L 91 19.19 19.62 25.57
CA LYS L 91 20.43 19.02 25.11
C LYS L 91 20.25 18.31 23.78
N ARG L 92 19.03 17.82 23.50
CA ARG L 92 18.76 17.17 22.23
C ARG L 92 18.87 18.15 21.06
N GLN L 93 18.40 19.38 21.26
CA GLN L 93 18.45 20.40 20.22
C GLN L 93 19.72 21.25 20.27
N GLY L 94 20.67 20.93 21.14
CA GLY L 94 21.90 21.69 21.25
C GLY L 94 21.73 23.06 21.87
N ARG L 95 20.87 23.17 22.89
CA ARG L 95 20.62 24.42 23.61
C ARG L 95 20.62 24.16 25.11
N THR L 96 21.66 23.46 25.58
CA THR L 96 21.69 22.96 26.96
C THR L 96 21.73 24.10 27.96
N LEU L 97 20.89 24.00 28.99
CA LEU L 97 20.78 25.01 30.03
C LEU L 97 21.23 24.43 31.36
N TYR L 98 22.00 25.22 32.10
CA TYR L 98 22.56 24.79 33.38
C TYR L 98 21.63 25.15 34.53
N GLY L 99 21.93 24.60 35.70
CA GLY L 99 21.18 24.87 36.91
C GLY L 99 20.12 23.85 37.27
N PHE L 100 19.75 22.99 36.34
CA PHE L 100 18.74 21.96 36.61
C PHE L 100 19.17 20.60 36.09
N ARG M 11 19.93 -29.06 14.11
CA ARG M 11 19.04 -27.97 14.51
C ARG M 11 17.78 -27.97 13.67
N ALA M 12 17.58 -26.91 12.90
CA ALA M 12 16.41 -26.77 12.03
C ALA M 12 16.80 -25.89 10.85
N LYS M 13 15.80 -25.52 10.06
CA LYS M 13 16.05 -24.64 8.91
C LYS M 13 16.32 -23.22 9.38
N ALA M 14 17.37 -22.61 8.83
CA ALA M 14 17.77 -21.27 9.23
C ALA M 14 16.90 -20.24 8.53
N LYS M 15 16.23 -19.40 9.32
CA LYS M 15 15.39 -18.33 8.79
C LYS M 15 15.76 -17.03 9.48
N THR M 16 16.01 -15.99 8.69
CA THR M 16 16.40 -14.70 9.25
C THR M 16 15.21 -14.02 9.92
N ARG M 17 15.53 -13.14 10.87
CA ARG M 17 14.49 -12.40 11.59
C ARG M 17 13.86 -11.31 10.74
N SER M 18 14.53 -10.88 9.67
CA SER M 18 13.94 -9.88 8.78
C SER M 18 12.77 -10.44 8.00
N SER M 19 12.86 -11.72 7.58
CA SER M 19 11.76 -12.34 6.85
C SER M 19 10.58 -12.64 7.77
N ARG M 20 10.85 -12.96 9.04
CA ARG M 20 9.76 -13.21 9.98
C ARG M 20 9.00 -11.92 10.29
N ALA M 21 9.71 -10.79 10.35
CA ALA M 21 9.09 -9.50 10.64
C ALA M 21 8.66 -8.75 9.40
N GLY M 22 8.78 -9.35 8.21
CA GLY M 22 8.42 -8.68 6.98
C GLY M 22 9.30 -7.50 6.65
N LEU M 23 10.60 -7.63 6.83
CA LEU M 23 11.53 -6.53 6.67
C LEU M 23 12.65 -6.95 5.71
N GLN M 24 13.28 -5.94 5.10
CA GLN M 24 14.43 -6.16 4.24
C GLN M 24 15.75 -5.81 4.91
N PHE M 25 15.74 -4.86 5.84
CA PHE M 25 16.96 -4.50 6.55
C PHE M 25 17.31 -5.59 7.57
N PRO M 26 18.59 -5.85 7.80
CA PRO M 26 18.99 -6.98 8.66
C PRO M 26 18.78 -6.66 10.12
N VAL M 27 17.98 -7.50 10.80
CA VAL M 27 17.80 -7.36 12.24
C VAL M 27 19.08 -7.77 12.98
N GLY M 28 19.72 -8.85 12.52
CA GLY M 28 20.90 -9.36 13.22
C GLY M 28 22.10 -8.44 13.13
N ARG M 29 22.31 -7.80 11.97
CA ARG M 29 23.42 -6.87 11.83
C ARG M 29 23.21 -5.62 12.70
N VAL M 30 21.98 -5.12 12.76
CA VAL M 30 21.65 -3.99 13.63
C VAL M 30 21.85 -4.38 15.09
N HIS M 31 21.46 -5.60 15.46
CA HIS M 31 21.68 -6.09 16.82
C HIS M 31 23.16 -6.20 17.14
N ARG M 32 23.98 -6.66 16.19
CA ARG M 32 25.42 -6.75 16.38
C ARG M 32 26.04 -5.37 16.57
N LEU M 33 25.63 -4.41 15.75
CA LEU M 33 26.17 -3.05 15.88
C LEU M 33 25.68 -2.37 17.15
N LEU M 34 24.50 -2.74 17.64
CA LEU M 34 24.01 -2.20 18.90
C LEU M 34 24.77 -2.79 20.08
N ARG M 35 25.07 -4.09 20.04
CA ARG M 35 25.78 -4.73 21.14
C ARG M 35 27.25 -4.30 21.17
N LYS M 36 27.90 -4.28 20.01
CA LYS M 36 29.30 -3.91 19.94
C LYS M 36 29.51 -2.39 19.99
N GLY M 37 28.45 -1.61 19.84
CA GLY M 37 28.53 -0.17 19.92
C GLY M 37 28.46 0.40 21.32
N ASN M 38 28.45 -0.48 22.34
CA ASN M 38 28.42 -0.15 23.78
C ASN M 38 27.41 0.95 24.13
N TYR M 39 26.24 0.90 23.49
CA TYR M 39 25.19 1.85 23.82
C TYR M 39 24.48 1.48 25.12
N ALA M 40 24.31 0.19 25.39
CA ALA M 40 23.69 -0.26 26.62
C ALA M 40 24.25 -1.63 26.98
N GLU M 41 24.12 -1.97 28.27
CA GLU M 41 24.58 -3.27 28.74
C GLU M 41 23.72 -4.40 28.21
N ARG M 42 22.40 -4.21 28.19
CA ARG M 42 21.47 -5.21 27.71
C ARG M 42 20.61 -4.58 26.62
N VAL M 43 20.31 -5.37 25.59
CA VAL M 43 19.61 -4.89 24.40
C VAL M 43 18.41 -5.81 24.13
N GLY M 44 17.24 -5.21 24.01
CA GLY M 44 16.02 -5.98 23.81
C GLY M 44 15.95 -6.63 22.44
N ALA M 45 14.98 -7.55 22.32
CA ALA M 45 14.79 -8.25 21.04
C ALA M 45 14.09 -7.38 20.02
N GLY M 46 13.14 -6.55 20.46
CA GLY M 46 12.38 -5.73 19.54
C GLY M 46 13.08 -4.45 19.10
N ALA M 47 14.13 -4.05 19.80
CA ALA M 47 14.87 -2.84 19.42
C ALA M 47 15.56 -2.94 18.06
N PRO M 48 16.30 -4.03 17.72
CA PRO M 48 16.83 -4.11 16.34
C PRO M 48 15.76 -4.19 15.28
N VAL M 49 14.63 -4.84 15.57
CA VAL M 49 13.52 -4.91 14.61
C VAL M 49 12.94 -3.52 14.37
N TYR M 50 12.73 -2.75 15.44
CA TYR M 50 12.19 -1.40 15.30
C TYR M 50 13.17 -0.49 14.57
N LEU M 51 14.46 -0.59 14.90
CA LEU M 51 15.48 0.21 14.23
C LEU M 51 15.58 -0.14 12.75
N ALA M 52 15.53 -1.43 12.42
CA ALA M 52 15.57 -1.85 11.03
C ALA M 52 14.36 -1.38 10.26
N ALA M 53 13.17 -1.41 10.89
CA ALA M 53 11.96 -0.91 10.24
C ALA M 53 12.04 0.58 9.99
N VAL M 54 12.55 1.35 10.97
CA VAL M 54 12.67 2.80 10.80
C VAL M 54 13.68 3.13 9.70
N LEU M 55 14.83 2.44 9.70
CA LEU M 55 15.84 2.67 8.67
C LEU M 55 15.32 2.28 7.29
N GLU M 56 14.59 1.16 7.19
CA GLU M 56 14.03 0.74 5.91
C GLU M 56 12.99 1.73 5.40
N TYR M 57 12.13 2.24 6.29
CA TYR M 57 11.13 3.22 5.88
C TYR M 57 11.78 4.52 5.42
N LEU M 58 12.80 5.00 6.15
CA LEU M 58 13.50 6.22 5.75
C LEU M 58 14.25 6.03 4.43
N THR M 59 14.88 4.88 4.25
CA THR M 59 15.58 4.57 3.01
C THR M 59 14.62 4.52 1.84
N ALA M 60 13.47 3.86 2.01
CA ALA M 60 12.47 3.75 0.95
C ALA M 60 11.90 5.12 0.60
N GLU M 61 11.61 5.95 1.60
CA GLU M 61 11.07 7.28 1.34
C GLU M 61 12.08 8.16 0.62
N ILE M 62 13.34 8.14 1.06
CA ILE M 62 14.37 8.99 0.44
C ILE M 62 14.64 8.52 -0.99
N LEU M 63 14.73 7.21 -1.22
CA LEU M 63 14.98 6.72 -2.56
C LEU M 63 13.79 6.95 -3.49
N GLU M 64 12.57 6.86 -2.97
CA GLU M 64 11.39 7.17 -3.78
C GLU M 64 11.35 8.64 -4.15
N LEU M 65 11.70 9.53 -3.21
CA LEU M 65 11.76 10.96 -3.52
C LEU M 65 12.86 11.26 -4.54
N ALA M 66 14.01 10.58 -4.42
CA ALA M 66 15.08 10.75 -5.38
C ALA M 66 14.68 10.26 -6.77
N GLY M 67 13.96 9.13 -6.84
CA GLY M 67 13.48 8.65 -8.12
C GLY M 67 12.43 9.56 -8.74
N ASN M 68 11.57 10.15 -7.89
CA ASN M 68 10.60 11.13 -8.39
C ASN M 68 11.29 12.39 -8.89
N ALA M 69 12.34 12.84 -8.21
CA ALA M 69 13.08 14.01 -8.67
C ALA M 69 13.92 13.72 -9.91
N ALA M 70 14.30 12.47 -10.12
CA ALA M 70 15.08 12.10 -11.30
C ALA M 70 14.21 11.61 -12.46
N ARG M 71 12.90 11.44 -12.26
CA ARG M 71 12.04 10.98 -13.35
C ARG M 71 11.87 12.05 -14.42
N ASP M 72 11.67 13.31 -14.01
CA ASP M 72 11.53 14.39 -14.97
C ASP M 72 12.88 14.89 -15.50
N ASN M 73 13.99 14.41 -14.95
CA ASN M 73 15.32 14.75 -15.42
C ASN M 73 15.85 13.77 -16.44
N LYS M 74 15.02 12.81 -16.88
CA LYS M 74 15.38 11.76 -17.85
C LYS M 74 16.58 10.94 -17.36
N LYS M 75 16.60 10.63 -16.07
CA LYS M 75 17.66 9.85 -15.46
C LYS M 75 17.05 8.64 -14.75
N THR M 76 17.56 7.45 -15.05
CA THR M 76 17.10 6.23 -14.42
C THR M 76 18.06 5.74 -13.34
N ARG M 77 19.00 6.57 -12.92
CA ARG M 77 19.95 6.21 -11.88
C ARG M 77 20.03 7.34 -10.86
N ILE M 78 20.21 6.97 -9.60
CA ILE M 78 20.27 7.94 -8.51
C ILE M 78 21.68 8.48 -8.41
N ILE M 79 21.82 9.79 -8.57
CA ILE M 79 23.11 10.48 -8.49
C ILE M 79 23.03 11.41 -7.28
N PRO M 80 24.17 11.87 -6.72
CA PRO M 80 24.09 12.70 -5.50
C PRO M 80 23.30 13.99 -5.64
N ARG M 81 23.21 14.56 -6.85
CA ARG M 81 22.38 15.74 -7.05
C ARG M 81 20.90 15.41 -6.83
N HIS M 82 20.47 14.23 -7.28
CA HIS M 82 19.08 13.81 -7.06
C HIS M 82 18.80 13.60 -5.58
N LEU M 83 19.75 13.02 -4.84
CA LEU M 83 19.58 12.85 -3.41
C LEU M 83 19.54 14.19 -2.68
N GLN M 84 20.38 15.14 -3.09
CA GLN M 84 20.35 16.47 -2.49
C GLN M 84 19.03 17.18 -2.78
N LEU M 85 18.52 17.06 -4.01
CA LEU M 85 17.23 17.66 -4.36
C LEU M 85 16.10 17.03 -3.56
N ALA M 86 16.13 15.71 -3.38
CA ALA M 86 15.09 15.03 -2.61
C ALA M 86 15.16 15.40 -1.14
N VAL M 87 16.36 15.58 -0.60
CA VAL M 87 16.50 15.91 0.81
C VAL M 87 16.04 17.35 1.07
N ARG M 88 16.52 18.30 0.24
CA ARG M 88 16.21 19.71 0.50
C ARG M 88 14.83 20.12 0.00
N ASN M 89 14.20 19.34 -0.88
CA ASN M 89 12.87 19.69 -1.36
C ASN M 89 11.82 19.38 -0.29
N ASP M 90 11.96 18.26 0.41
CA ASP M 90 11.04 17.89 1.46
C ASP M 90 11.29 18.75 2.69
N GLU M 91 10.21 19.28 3.28
CA GLU M 91 10.34 20.16 4.44
C GLU M 91 10.78 19.38 5.67
N GLU M 92 10.21 18.20 5.90
CA GLU M 92 10.57 17.42 7.08
C GLU M 92 11.96 16.82 6.96
N LEU M 93 12.36 16.45 5.74
CA LEU M 93 13.73 15.98 5.53
C LEU M 93 14.73 17.12 5.70
N ASN M 94 14.36 18.34 5.31
CA ASN M 94 15.22 19.49 5.55
C ASN M 94 15.33 19.81 7.05
N LYS M 95 14.21 19.66 7.77
CA LYS M 95 14.22 19.92 9.21
C LYS M 95 15.03 18.86 9.96
N LEU M 96 14.89 17.60 9.57
CA LEU M 96 15.65 16.53 10.23
C LEU M 96 17.13 16.62 9.86
N LEU M 97 17.43 16.78 8.58
CA LEU M 97 18.81 16.93 8.11
C LEU M 97 19.16 18.40 7.96
N GLY M 98 18.99 19.15 9.06
CA GLY M 98 19.30 20.56 9.04
C GLY M 98 20.80 20.83 9.03
N ARG M 99 21.56 20.03 9.78
CA ARG M 99 23.01 20.20 9.90
C ARG M 99 23.75 19.11 9.13
N VAL M 100 23.22 18.74 7.96
CA VAL M 100 23.75 17.64 7.15
C VAL M 100 24.23 18.21 5.83
N THR M 101 25.46 17.89 5.47
CA THR M 101 26.06 18.30 4.20
C THR M 101 26.16 17.09 3.28
N ILE M 102 25.61 17.22 2.07
CA ILE M 102 25.61 16.15 1.09
C ILE M 102 26.67 16.45 0.04
N ALA M 103 27.58 15.49 -0.17
CA ALA M 103 28.66 15.69 -1.12
C ALA M 103 28.15 15.63 -2.56
N GLN M 104 28.73 16.47 -3.41
CA GLN M 104 28.45 16.52 -4.85
C GLN M 104 26.96 16.76 -5.13
N GLY M 105 26.34 17.59 -4.29
CA GLY M 105 24.92 17.86 -4.43
C GLY M 105 24.58 19.31 -4.70
N GLY M 106 25.41 20.23 -4.21
CA GLY M 106 25.14 21.64 -4.41
C GLY M 106 23.97 22.12 -3.58
N VAL M 107 23.24 23.08 -4.13
CA VAL M 107 22.06 23.65 -3.48
C VAL M 107 20.92 23.66 -4.48
N LEU M 108 19.74 24.06 -4.00
CA LEU M 108 18.56 24.12 -4.85
C LEU M 108 18.69 25.28 -5.84
N PRO M 109 18.16 25.13 -7.07
CA PRO M 109 18.23 26.23 -8.05
C PRO M 109 17.06 27.20 -7.93
N ASN M 110 17.11 28.02 -6.89
CA ASN M 110 16.06 29.01 -6.62
C ASN M 110 16.64 30.41 -6.77
N ILE M 111 15.88 31.29 -7.41
CA ILE M 111 16.26 32.68 -7.61
C ILE M 111 15.26 33.56 -6.88
N GLN M 112 15.76 34.56 -6.16
CA GLN M 112 14.90 35.49 -5.46
C GLN M 112 14.16 36.39 -6.45
N SER M 113 13.01 36.91 -6.00
CA SER M 113 12.18 37.74 -6.87
C SER M 113 12.83 39.09 -7.17
N VAL M 114 13.60 39.63 -6.22
CA VAL M 114 14.25 40.92 -6.42
C VAL M 114 15.40 40.82 -7.42
N LEU M 115 16.01 39.64 -7.56
CA LEU M 115 17.11 39.48 -8.50
C LEU M 115 16.60 39.47 -9.94
N LEU M 116 15.42 38.89 -10.17
CA LEU M 116 14.86 38.85 -11.52
C LEU M 116 14.35 40.23 -11.91
N PRO M 117 14.72 40.75 -13.10
CA PRO M 117 14.28 42.06 -13.55
C PRO M 117 12.91 42.02 -14.23
N LYS N 28 40.37 -7.49 0.73
CA LYS N 28 40.98 -8.52 1.56
C LYS N 28 40.06 -8.90 2.71
N THR N 29 40.15 -8.15 3.81
CA THR N 29 39.31 -8.41 4.97
C THR N 29 37.88 -7.99 4.70
N ARG N 30 36.94 -8.68 5.35
CA ARG N 30 35.53 -8.40 5.16
C ARG N 30 35.14 -7.09 5.84
N LYS N 31 34.28 -6.32 5.17
CA LYS N 31 33.84 -5.02 5.66
C LYS N 31 32.32 -4.99 5.73
N GLU N 32 31.79 -4.50 6.85
CA GLU N 32 30.34 -4.40 7.01
C GLU N 32 29.79 -3.27 6.15
N SER N 33 28.73 -3.56 5.40
CA SER N 33 28.11 -2.57 4.53
C SER N 33 26.62 -2.86 4.42
N TYR N 34 25.88 -1.82 4.03
CA TYR N 34 24.43 -1.92 3.80
C TYR N 34 24.09 -1.95 2.31
N ALA N 35 24.88 -2.67 1.52
CA ALA N 35 24.73 -2.62 0.06
C ALA N 35 23.46 -3.33 -0.40
N ILE N 36 23.37 -4.64 -0.14
CA ILE N 36 22.29 -5.46 -0.68
C ILE N 36 20.94 -5.07 -0.09
N TYR N 37 20.91 -4.63 1.17
CA TYR N 37 19.64 -4.29 1.81
C TYR N 37 19.04 -3.03 1.20
N VAL N 38 19.87 -1.98 1.05
CA VAL N 38 19.41 -0.76 0.40
C VAL N 38 19.05 -1.04 -1.05
N TYR N 39 19.76 -1.95 -1.71
CA TYR N 39 19.44 -2.24 -3.10
C TYR N 39 18.12 -3.00 -3.23
N LYS N 40 17.81 -3.93 -2.32
CA LYS N 40 16.53 -4.63 -2.45
C LYS N 40 15.38 -3.72 -2.03
N VAL N 41 15.62 -2.79 -1.10
CA VAL N 41 14.60 -1.79 -0.78
C VAL N 41 14.33 -0.90 -1.99
N LEU N 42 15.40 -0.48 -2.70
CA LEU N 42 15.24 0.33 -3.89
C LEU N 42 14.51 -0.43 -4.99
N LYS N 43 14.83 -1.71 -5.18
CA LYS N 43 14.14 -2.53 -6.17
C LYS N 43 12.68 -2.77 -5.78
N GLN N 44 12.39 -2.85 -4.49
CA GLN N 44 11.01 -2.97 -4.03
C GLN N 44 10.22 -1.71 -4.33
N VAL N 45 10.82 -0.54 -4.11
CA VAL N 45 10.09 0.72 -4.32
C VAL N 45 10.25 1.28 -5.74
N HIS N 46 11.34 0.95 -6.44
CA HIS N 46 11.57 1.43 -7.80
C HIS N 46 12.26 0.31 -8.58
N PRO N 47 11.48 -0.50 -9.30
CA PRO N 47 12.09 -1.66 -10.00
C PRO N 47 12.97 -1.29 -11.18
N ASP N 48 12.88 -0.06 -11.70
CA ASP N 48 13.62 0.34 -12.89
C ASP N 48 14.54 1.52 -12.63
N THR N 49 14.93 1.76 -11.38
CA THR N 49 15.80 2.88 -11.02
C THR N 49 17.01 2.36 -10.26
N GLY N 50 18.21 2.70 -10.73
CA GLY N 50 19.45 2.33 -10.10
C GLY N 50 20.02 3.45 -9.25
N ILE N 51 21.28 3.27 -8.86
CA ILE N 51 21.98 4.24 -8.02
C ILE N 51 23.48 4.16 -8.32
N SER N 52 24.13 5.32 -8.36
CA SER N 52 25.56 5.39 -8.58
C SER N 52 26.32 5.12 -7.28
N SER N 53 27.65 4.97 -7.40
CA SER N 53 28.47 4.62 -6.24
C SER N 53 28.53 5.75 -5.21
N LYS N 54 28.66 7.00 -5.68
CA LYS N 54 28.79 8.12 -4.76
C LYS N 54 27.50 8.35 -3.97
N ALA N 55 26.35 8.34 -4.66
CA ALA N 55 25.07 8.50 -3.98
C ALA N 55 24.78 7.32 -3.06
N MET N 56 25.24 6.12 -3.42
CA MET N 56 25.02 4.97 -2.55
C MET N 56 25.89 5.06 -1.30
N SER N 57 27.10 5.62 -1.44
CA SER N 57 27.94 5.89 -0.27
C SER N 57 27.31 6.96 0.62
N ILE N 58 26.68 7.97 0.01
CA ILE N 58 25.91 8.97 0.77
C ILE N 58 24.79 8.30 1.55
N MET N 59 24.07 7.37 0.90
CA MET N 59 22.96 6.70 1.58
C MET N 59 23.47 5.79 2.71
N ASN N 60 24.61 5.12 2.49
CA ASN N 60 25.21 4.29 3.54
C ASN N 60 25.63 5.13 4.74
N SER N 61 26.26 6.28 4.48
CA SER N 61 26.65 7.17 5.58
C SER N 61 25.44 7.77 6.27
N PHE N 62 24.36 8.03 5.52
CA PHE N 62 23.11 8.51 6.13
C PHE N 62 22.53 7.46 7.06
N VAL N 63 22.51 6.20 6.62
CA VAL N 63 22.00 5.11 7.46
C VAL N 63 22.85 4.96 8.71
N ASN N 64 24.18 5.03 8.56
CA ASN N 64 25.08 4.92 9.71
C ASN N 64 24.90 6.08 10.69
N ASP N 65 24.72 7.30 10.16
CA ASP N 65 24.56 8.46 11.03
C ASP N 65 23.23 8.44 11.76
N VAL N 66 22.15 8.04 11.09
CA VAL N 66 20.85 7.93 11.75
C VAL N 66 20.89 6.81 12.80
N PHE N 67 21.59 5.71 12.49
CA PHE N 67 21.78 4.63 13.46
C PHE N 67 22.52 5.13 14.69
N GLU N 68 23.59 5.91 14.48
CA GLU N 68 24.36 6.45 15.61
C GLU N 68 23.53 7.42 16.43
N ARG N 69 22.75 8.29 15.78
CA ARG N 69 21.93 9.26 16.50
C ARG N 69 20.85 8.58 17.32
N ILE N 70 20.17 7.59 16.73
CA ILE N 70 19.11 6.88 17.45
C ILE N 70 19.70 6.05 18.59
N ALA N 71 20.86 5.43 18.36
CA ALA N 71 21.52 4.66 19.42
C ALA N 71 21.95 5.55 20.58
N GLY N 72 22.49 6.74 20.27
CA GLY N 72 22.88 7.66 21.33
C GLY N 72 21.70 8.20 22.10
N GLU N 73 20.60 8.53 21.40
CA GLU N 73 19.40 9.00 22.08
C GLU N 73 18.81 7.91 22.97
N ALA N 74 18.76 6.67 22.49
CA ALA N 74 18.25 5.57 23.30
C ALA N 74 19.18 5.27 24.47
N SER N 75 20.49 5.43 24.27
CA SER N 75 21.45 5.22 25.35
C SER N 75 21.29 6.25 26.45
N ARG N 76 21.13 7.53 26.09
CA ARG N 76 20.94 8.54 27.13
C ARG N 76 19.55 8.44 27.77
N LEU N 77 18.55 7.96 27.02
CA LEU N 77 17.24 7.69 27.61
C LEU N 77 17.32 6.56 28.62
N ALA N 78 18.06 5.50 28.31
CA ALA N 78 18.21 4.39 29.24
C ALA N 78 19.06 4.77 30.45
N HIS N 79 20.06 5.63 30.24
CA HIS N 79 20.88 6.09 31.35
C HIS N 79 20.10 7.06 32.25
N TYR N 80 19.15 7.80 31.69
CA TYR N 80 18.32 8.69 32.49
C TYR N 80 17.44 7.92 33.47
N ASN N 81 16.85 6.83 33.02
CA ASN N 81 15.90 6.06 33.83
C ASN N 81 16.56 4.97 34.64
N LYS N 82 17.90 4.95 34.69
CA LYS N 82 18.68 3.88 35.32
C LYS N 82 18.31 2.51 34.74
N ARG N 83 18.10 2.49 33.42
CA ARG N 83 17.69 1.29 32.70
C ARG N 83 18.89 0.70 31.96
N SER N 84 19.17 -0.56 32.21
CA SER N 84 20.24 -1.27 31.52
C SER N 84 19.75 -1.95 30.24
N THR N 85 18.46 -1.88 29.94
CA THR N 85 17.87 -2.58 28.81
C THR N 85 17.29 -1.56 27.83
N ILE N 86 17.71 -1.66 26.57
CA ILE N 86 17.12 -0.87 25.50
C ILE N 86 16.18 -1.78 24.72
N THR N 87 14.88 -1.49 24.78
CA THR N 87 13.86 -2.23 24.07
C THR N 87 13.40 -1.43 22.86
N SER N 88 12.32 -1.88 22.23
CA SER N 88 11.72 -1.15 21.11
C SER N 88 11.11 0.18 21.56
N ARG N 89 10.78 0.32 22.84
CA ARG N 89 10.23 1.58 23.33
C ARG N 89 11.27 2.69 23.30
N GLU N 90 12.54 2.36 23.61
CA GLU N 90 13.61 3.34 23.51
C GLU N 90 13.81 3.80 22.07
N ILE N 91 13.76 2.87 21.12
CA ILE N 91 13.88 3.23 19.71
C ILE N 91 12.69 4.08 19.26
N GLN N 92 11.49 3.75 19.72
CA GLN N 92 10.30 4.54 19.41
C GLN N 92 10.41 5.96 19.95
N THR N 93 10.88 6.09 21.20
CA THR N 93 11.08 7.39 21.80
C THR N 93 12.14 8.20 21.06
N ALA N 94 13.23 7.54 20.66
CA ALA N 94 14.29 8.22 19.92
C ALA N 94 13.80 8.70 18.56
N VAL N 95 12.98 7.90 17.88
CA VAL N 95 12.46 8.30 16.58
C VAL N 95 11.47 9.46 16.74
N ARG N 96 10.65 9.43 17.80
CA ARG N 96 9.78 10.58 18.06
C ARG N 96 10.57 11.83 18.43
N LEU N 97 11.72 11.67 19.09
CA LEU N 97 12.50 12.84 19.52
C LEU N 97 13.25 13.46 18.34
N LEU N 98 14.10 12.66 17.68
CA LEU N 98 15.01 13.21 16.66
C LEU N 98 14.26 13.60 15.40
N LEU N 99 13.39 12.72 14.91
CA LEU N 99 12.66 12.99 13.68
C LEU N 99 11.45 13.87 13.96
N PRO N 100 11.35 15.05 13.36
CA PRO N 100 10.22 15.94 13.63
C PRO N 100 9.05 15.69 12.69
N GLY N 101 7.89 16.21 13.09
CA GLY N 101 6.70 16.14 12.27
C GLY N 101 6.08 14.75 12.22
N GLU N 102 5.23 14.56 11.21
CA GLU N 102 4.56 13.28 10.99
C GLU N 102 5.46 12.22 10.41
N LEU N 103 6.65 12.59 9.90
CA LEU N 103 7.58 11.65 9.30
C LEU N 103 8.03 10.59 10.31
N ALA N 104 8.19 10.98 11.58
CA ALA N 104 8.46 10.01 12.63
C ALA N 104 7.27 9.08 12.84
N LYS N 105 6.04 9.61 12.81
CA LYS N 105 4.86 8.87 13.25
C LYS N 105 4.63 7.64 12.39
N HIS N 106 4.56 7.81 11.07
CA HIS N 106 4.47 6.68 10.15
C HIS N 106 5.62 5.70 10.38
N ALA N 107 6.82 6.24 10.62
CA ALA N 107 7.98 5.42 10.94
C ALA N 107 7.71 4.51 12.13
N VAL N 108 7.22 5.08 13.25
CA VAL N 108 6.99 4.22 14.40
C VAL N 108 5.80 3.31 14.12
N SER N 109 4.86 3.77 13.28
CA SER N 109 3.76 2.90 12.84
C SER N 109 4.32 1.70 12.10
N GLU N 110 5.30 1.94 11.23
CA GLU N 110 5.99 0.83 10.57
C GLU N 110 6.63 -0.08 11.60
N GLY N 111 7.32 0.52 12.58
CA GLY N 111 7.91 -0.27 13.65
C GLY N 111 6.85 -1.05 14.40
N THR N 112 5.67 -0.43 14.59
CA THR N 112 4.56 -1.11 15.25
C THR N 112 4.17 -2.36 14.48
N LYS N 113 3.97 -2.25 13.17
CA LYS N 113 3.56 -3.44 12.44
C LYS N 113 4.73 -4.40 12.32
N ALA N 114 5.97 -3.89 12.39
CA ALA N 114 7.13 -4.76 12.48
C ALA N 114 7.03 -5.65 13.70
N VAL N 115 6.70 -5.05 14.86
CA VAL N 115 6.50 -5.84 16.06
C VAL N 115 5.28 -6.74 15.88
N THR N 116 4.26 -6.25 15.17
CA THR N 116 3.07 -7.05 14.94
C THR N 116 3.35 -8.18 13.95
N LYS N 117 4.45 -8.06 13.19
CA LYS N 117 4.84 -9.19 12.35
C LYS N 117 5.84 -10.08 13.07
N TYR N 118 6.51 -9.54 14.09
CA TYR N 118 7.51 -10.35 14.80
C TYR N 118 6.88 -11.23 15.85
N THR N 119 5.86 -10.73 16.54
CA THR N 119 5.20 -11.48 17.59
C THR N 119 4.05 -12.31 17.03
#